data_7ORB
#
_entry.id   7ORB
#
_cell.length_a   93.239
_cell.length_b   149.425
_cell.length_c   115.040
_cell.angle_alpha   90.000
_cell.angle_beta   92.025
_cell.angle_gamma   90.000
#
_symmetry.space_group_name_H-M   'P 1 21 1'
#
loop_
_entity.id
_entity.type
_entity.pdbx_description
1 polymer 'Spike protein S1'
2 polymer 'COVOX-253 Fab heavy chain'
3 polymer 'COVOX-253 Fab light chain'
4 polymer 'COVOX-75 Fab heavy chain'
5 polymer 'COVOX-75 Fab light chain'
6 branched alpha-D-mannopyranose-(1-3)-[alpha-D-mannopyranose-(1-6)]beta-D-mannopyranose-(1-4)-2-acetamido-2-deoxy-beta-D-glucopyranose-(1-4)-[alpha-L-fucopyranose-(1-6)]2-acetamido-2-deoxy-beta-D-glucopyranose
7 branched 2-acetamido-2-deoxy-beta-D-glucopyranose-(1-4)-[alpha-L-fucopyranose-(1-6)]2-acetamido-2-deoxy-beta-D-glucopyranose
8 branched alpha-D-mannopyranose-(1-6)-beta-D-mannopyranose-(1-4)-2-acetamido-2-deoxy-beta-D-glucopyranose-(1-4)-[alpha-L-fucopyranose-(1-6)]2-acetamido-2-deoxy-beta-D-glucopyranose
9 branched beta-D-mannopyranose-(1-4)-2-acetamido-2-deoxy-beta-D-glucopyranose-(1-4)-[alpha-L-fucopyranose-(1-6)]2-acetamido-2-deoxy-beta-D-glucopyranose
10 non-polymer GLYCEROL
11 non-polymer DI(HYDROXYETHYL)ETHER
12 non-polymer 'CHLORIDE ION'
13 non-polymer 2-AMINO-2-HYDROXYMETHYL-PROPANE-1,3-DIOL
14 non-polymer 'PHOSPHATE ION'
15 non-polymer 2-[BIS-(2-HYDROXY-ETHYL)-AMINO]-2-HYDROXYMETHYL-PROPANE-1,3-DIOL
16 water water
#
loop_
_entity_poly.entity_id
_entity_poly.type
_entity_poly.pdbx_seq_one_letter_code
_entity_poly.pdbx_strand_id
1 'polypeptide(L)'
;ETGHHHHHHTNLCPFGEVFNATRFASVYAWNRKRISNCVADYSVLYNSASFSTFKCYGVSPTKLNDLCFTNVYADSFVIR
GDEVRQIAPGQTGKIADYNYKLPDDFTGCVIAWNSNNLDSKVGGNYNYRYRLFRKSNLKPFERDISTEIYQAGSTPCNGV
EGFNCYFPLQSYGFQPTNGVGYQPYRVVVLSFELLHAPATVCGKK
;
R,X
2 'polypeptide(L)'
;QVQLVQSGPEVKKPGTSVKVSCKASGFTFTTSAVQWVRQARGQRLEWIGWIVVGSGNTNYAQKFQERVTITRDMSTTTAY
MELSSLRSEDTAVYFCAAPHCNSTSCYDAFDIWGQGTMVTVSSASTKGPSVFPLAPSSKSTSGGTAALGCLVKDYFPEPV
TVSWNSGALTSGVHTFPAVLQSSGLYSLSSVVTVPSSSLGTQTYICNVNHKPSNTKVDKKVEPKSCDK
;
H,C
3 'polypeptide(L)'
;DIQMTQSPGTLSLSPGEGATLSCRASQSVSSSYLAWYQQKPGQAPRLLIYGASSGATGIPDRFSGSGSGTDFTLTISRLE
PEDFAVYYCQQYGSSPYTFGQGTKVEIKRTVAAPSVFIFPPSDEQLKSGTASVVCLLNNFYPREAKVQWKVDNALQSGNS
QESVTEQDSKDSTYSLSSTLTLSKADYEKHKVYACEVTHQGLSSPVTKSFNRGEC
;
L,D
4 'polypeptide(L)'
;QVQLVESGGGVVQPGRSLRLSCAASGFTFNNYPLHWVRQAPGKGPEWVAVISQDGGNKYYVDSVKGRFTISRDNSKNTLY
LQMNNLRAEDTALYYCARDVVVVVAARNHYYNGMDVWGQGTTVTVSSASTKGPSVFPLAPSSKSTSGGTAALGCLVKDYF
PEPVTVSWNSGALTSGVHTFPAVLQSSGLYSLSSVVTVPSSSLGTQTYICNVNHKPSNTKVDKKVEPKSCDK
;
A,E
5 'polypeptide(L)'
;DIQLTQSPSSVSASVGDRVTITCRASQGISSWLAWYQQKPGKAPKLLIYAVSSLQSGVPSRFSGSGSGTDFTLTISSLQP
EDFATYYCQQAKSFPFTFGPGTKVEIKRTVAAPSVFIFPPSDEQLKSGTASVVCLLNNFYPREAKVQWKVDNALQSGNSQ
ESVTEQDSKDSTYSLSSTLTLSKADYEKHKVYACEVTHQGLSSPVTKSFNRGEC
;
B,F
#
# COMPACT_ATOMS: atom_id res chain seq x y z
N HIS A 9 -65.86 -27.71 -24.09
CA HIS A 9 -66.65 -26.96 -23.13
C HIS A 9 -66.79 -27.71 -21.82
N THR A 10 -66.78 -29.04 -21.90
CA THR A 10 -66.89 -29.89 -20.72
C THR A 10 -65.54 -30.27 -20.13
N ASN A 11 -64.47 -29.59 -20.53
CA ASN A 11 -63.14 -29.95 -20.03
C ASN A 11 -62.74 -29.02 -18.88
N LEU A 12 -61.69 -29.44 -18.19
CA LEU A 12 -61.17 -28.65 -17.08
C LEU A 12 -60.42 -27.44 -17.61
N CYS A 13 -60.38 -26.39 -16.79
CA CYS A 13 -59.61 -25.22 -17.19
C CYS A 13 -58.14 -25.44 -16.83
N PRO A 14 -57.21 -24.90 -17.65
CA PRO A 14 -55.77 -25.07 -17.41
C PRO A 14 -55.24 -24.16 -16.32
N PHE A 15 -55.98 -24.06 -15.22
CA PHE A 15 -55.55 -23.24 -14.09
C PHE A 15 -54.27 -23.77 -13.46
N GLY A 16 -54.04 -25.08 -13.54
CA GLY A 16 -52.83 -25.65 -12.95
C GLY A 16 -51.56 -25.12 -13.56
N GLU A 17 -51.51 -25.08 -14.90
CA GLU A 17 -50.33 -24.51 -15.55
C GLU A 17 -50.22 -23.00 -15.36
N VAL A 18 -51.24 -22.37 -14.79
CA VAL A 18 -51.20 -20.93 -14.51
C VAL A 18 -50.77 -20.66 -13.07
N PHE A 19 -51.47 -21.26 -12.10
CA PHE A 19 -51.12 -21.03 -10.70
C PHE A 19 -49.82 -21.72 -10.32
N ASN A 20 -49.59 -22.93 -10.83
CA ASN A 20 -48.43 -23.73 -10.47
C ASN A 20 -47.33 -23.67 -11.52
N ALA A 21 -47.31 -22.61 -12.33
CA ALA A 21 -46.23 -22.43 -13.31
C ALA A 21 -44.88 -22.36 -12.60
N THR A 22 -43.87 -22.96 -13.24
CA THR A 22 -42.54 -23.01 -12.64
C THR A 22 -42.01 -21.62 -12.33
N ARG A 23 -42.06 -20.71 -13.31
CA ARG A 23 -41.53 -19.37 -13.17
C ARG A 23 -42.57 -18.34 -13.56
N PHE A 24 -42.66 -17.27 -12.79
CA PHE A 24 -43.55 -16.17 -13.05
C PHE A 24 -42.79 -15.02 -13.70
N ALA A 25 -43.54 -14.03 -14.17
CA ALA A 25 -42.98 -12.87 -14.85
C ALA A 25 -42.84 -11.69 -13.89
N SER A 26 -41.95 -10.76 -14.24
CA SER A 26 -41.86 -9.51 -13.51
C SER A 26 -43.13 -8.69 -13.71
N VAL A 27 -43.45 -7.86 -12.72
CA VAL A 27 -44.72 -7.14 -12.74
C VAL A 27 -44.80 -6.18 -13.92
N TYR A 28 -43.68 -5.54 -14.27
CA TYR A 28 -43.70 -4.63 -15.41
C TYR A 28 -43.93 -5.38 -16.72
N ALA A 29 -43.48 -6.64 -16.81
CA ALA A 29 -43.73 -7.46 -17.98
C ALA A 29 -44.72 -8.56 -17.65
N TRP A 30 -45.87 -8.18 -17.09
CA TRP A 30 -46.85 -9.15 -16.62
C TRP A 30 -47.42 -9.96 -17.77
N ASN A 31 -47.55 -11.27 -17.54
CA ASN A 31 -47.99 -12.21 -18.57
C ASN A 31 -49.51 -12.41 -18.50
N ARG A 32 -50.10 -12.70 -19.66
CA ARG A 32 -51.54 -12.91 -19.79
C ARG A 32 -51.80 -14.24 -20.49
N LYS A 33 -52.67 -15.05 -19.90
CA LYS A 33 -53.09 -16.31 -20.50
C LYS A 33 -54.58 -16.23 -20.80
N ARG A 34 -54.92 -16.39 -22.08
CA ARG A 34 -56.31 -16.36 -22.51
C ARG A 34 -56.96 -17.72 -22.23
N ILE A 35 -58.12 -17.70 -21.57
CA ILE A 35 -58.81 -18.91 -21.15
C ILE A 35 -60.25 -18.83 -21.62
N SER A 36 -60.69 -19.84 -22.38
CA SER A 36 -62.05 -19.87 -22.91
C SER A 36 -62.52 -21.31 -23.01
N ASN A 37 -63.85 -21.47 -23.09
CA ASN A 37 -64.50 -22.75 -23.38
C ASN A 37 -64.05 -23.82 -22.40
N CYS A 38 -64.16 -23.52 -21.11
CA CYS A 38 -63.77 -24.48 -20.08
C CYS A 38 -64.62 -24.26 -18.83
N VAL A 39 -64.64 -25.29 -17.98
CA VAL A 39 -65.37 -25.25 -16.72
C VAL A 39 -64.39 -25.54 -15.59
N ALA A 40 -64.38 -24.66 -14.59
CA ALA A 40 -63.50 -24.80 -13.43
C ALA A 40 -64.33 -24.86 -12.15
N ASP A 41 -63.70 -25.35 -11.10
CA ASP A 41 -64.30 -25.38 -9.76
C ASP A 41 -63.58 -24.33 -8.92
N TYR A 42 -64.16 -23.13 -8.86
CA TYR A 42 -63.61 -22.02 -8.10
C TYR A 42 -63.74 -22.18 -6.60
N SER A 43 -64.56 -23.13 -6.13
CA SER A 43 -64.73 -23.33 -4.69
C SER A 43 -63.46 -23.86 -4.04
N VAL A 44 -62.71 -24.71 -4.73
CA VAL A 44 -61.47 -25.23 -4.16
C VAL A 44 -60.38 -24.18 -4.11
N LEU A 45 -60.49 -23.11 -4.90
CA LEU A 45 -59.53 -22.02 -4.81
C LEU A 45 -59.84 -21.10 -3.64
N TYR A 46 -61.12 -20.72 -3.49
CA TYR A 46 -61.51 -19.89 -2.35
C TYR A 46 -61.27 -20.61 -1.03
N ASN A 47 -61.46 -21.92 -1.01
CA ASN A 47 -61.29 -22.73 0.19
C ASN A 47 -59.83 -22.98 0.54
N SER A 48 -58.89 -22.53 -0.29
CA SER A 48 -57.49 -22.91 -0.15
C SER A 48 -56.77 -21.95 0.80
N ALA A 49 -56.26 -22.47 1.91
CA ALA A 49 -55.38 -21.70 2.77
C ALA A 49 -54.03 -21.42 2.12
N SER A 50 -53.70 -22.11 1.03
CA SER A 50 -52.49 -21.77 0.28
C SER A 50 -52.51 -20.34 -0.22
N PHE A 51 -53.70 -19.82 -0.55
CA PHE A 51 -53.84 -18.48 -1.12
C PHE A 51 -53.99 -17.47 0.01
N SER A 52 -53.02 -16.55 0.10
CA SER A 52 -53.06 -15.50 1.10
C SER A 52 -54.09 -14.42 0.80
N THR A 53 -54.47 -14.26 -0.47
CA THR A 53 -55.42 -13.23 -0.86
C THR A 53 -56.39 -13.82 -1.88
N PHE A 54 -57.68 -13.57 -1.67
CA PHE A 54 -58.71 -14.00 -2.64
C PHE A 54 -59.82 -12.95 -2.60
N LYS A 55 -59.66 -11.91 -3.41
CA LYS A 55 -60.57 -10.78 -3.43
C LYS A 55 -61.18 -10.63 -4.81
N CYS A 56 -62.50 -10.60 -4.88
CA CYS A 56 -63.22 -10.48 -6.14
C CYS A 56 -63.99 -9.17 -6.17
N TYR A 57 -64.22 -8.67 -7.39
CA TYR A 57 -64.86 -7.39 -7.62
C TYR A 57 -65.92 -7.55 -8.70
N GLY A 58 -67.10 -6.98 -8.47
CA GLY A 58 -68.21 -7.14 -9.38
C GLY A 58 -68.84 -8.51 -9.41
N VAL A 59 -68.30 -9.46 -8.66
CA VAL A 59 -68.83 -10.82 -8.58
C VAL A 59 -68.52 -11.36 -7.19
N SER A 60 -69.47 -12.08 -6.62
CA SER A 60 -69.29 -12.64 -5.29
C SER A 60 -68.22 -13.72 -5.31
N PRO A 61 -67.23 -13.68 -4.40
CA PRO A 61 -66.22 -14.76 -4.37
C PRO A 61 -66.75 -16.07 -3.83
N THR A 62 -67.87 -16.05 -3.11
CA THR A 62 -68.46 -17.27 -2.55
C THR A 62 -69.44 -17.93 -3.51
N LYS A 63 -69.74 -17.30 -4.64
CA LYS A 63 -70.74 -17.80 -5.58
C LYS A 63 -70.22 -17.77 -7.01
N LEU A 64 -68.90 -17.87 -7.18
CA LEU A 64 -68.29 -17.77 -8.50
C LEU A 64 -68.74 -18.89 -9.43
N ASN A 65 -69.06 -20.07 -8.87
CA ASN A 65 -69.35 -21.23 -9.69
C ASN A 65 -70.60 -21.05 -10.55
N ASP A 66 -71.53 -20.20 -10.13
CA ASP A 66 -72.78 -20.00 -10.86
C ASP A 66 -72.70 -18.79 -11.78
N LEU A 67 -71.64 -18.68 -12.58
CA LEU A 67 -71.54 -17.59 -13.55
C LEU A 67 -70.98 -18.11 -14.86
N CYS A 68 -71.16 -17.31 -15.90
CA CYS A 68 -70.67 -17.62 -17.24
C CYS A 68 -70.26 -16.33 -17.94
N PHE A 69 -69.08 -16.36 -18.55
CA PHE A 69 -68.60 -15.25 -19.38
C PHE A 69 -68.00 -15.83 -20.65
N THR A 70 -67.82 -14.97 -21.65
CA THR A 70 -67.34 -15.46 -22.94
C THR A 70 -65.85 -15.81 -22.87
N ASN A 71 -65.05 -14.99 -22.18
CA ASN A 71 -63.62 -15.19 -22.10
C ASN A 71 -63.16 -14.96 -20.66
N VAL A 72 -61.99 -15.52 -20.35
CA VAL A 72 -61.35 -15.36 -19.05
C VAL A 72 -59.87 -15.08 -19.32
N TYR A 73 -59.37 -13.97 -18.78
CA TYR A 73 -57.94 -13.64 -18.86
C TYR A 73 -57.30 -13.88 -17.50
N ALA A 74 -56.13 -14.51 -17.52
CA ALA A 74 -55.38 -14.83 -16.31
C ALA A 74 -54.04 -14.10 -16.37
N ASP A 75 -53.96 -12.95 -15.71
CA ASP A 75 -52.74 -12.17 -15.65
C ASP A 75 -51.96 -12.56 -14.39
N SER A 76 -50.66 -12.77 -14.55
CA SER A 76 -49.82 -13.21 -13.45
C SER A 76 -48.50 -12.42 -13.46
N PHE A 77 -47.95 -12.22 -12.28
CA PHE A 77 -46.71 -11.49 -12.09
C PHE A 77 -46.26 -11.67 -10.64
N VAL A 78 -45.11 -11.09 -10.30
CA VAL A 78 -44.56 -11.14 -8.96
C VAL A 78 -44.35 -9.73 -8.44
N ILE A 79 -44.83 -9.46 -7.23
CA ILE A 79 -44.53 -8.26 -6.48
C ILE A 79 -44.18 -8.67 -5.05
N ARG A 80 -43.94 -7.68 -4.20
CA ARG A 80 -43.74 -7.97 -2.78
C ARG A 80 -45.01 -7.70 -2.00
N GLY A 81 -45.10 -8.31 -0.82
CA GLY A 81 -46.35 -8.37 -0.08
C GLY A 81 -47.02 -7.02 0.12
N ASP A 82 -46.23 -6.00 0.49
CA ASP A 82 -46.78 -4.67 0.74
C ASP A 82 -47.45 -4.07 -0.50
N GLU A 83 -47.22 -4.64 -1.67
CA GLU A 83 -47.77 -4.11 -2.92
C GLU A 83 -49.02 -4.84 -3.38
N VAL A 84 -49.35 -5.99 -2.77
CA VAL A 84 -50.54 -6.74 -3.16
C VAL A 84 -51.80 -5.89 -3.02
N ARG A 85 -51.83 -4.98 -2.04
CA ARG A 85 -52.98 -4.10 -1.87
C ARG A 85 -53.16 -3.16 -3.05
N GLN A 86 -52.13 -2.93 -3.85
CA GLN A 86 -52.26 -2.10 -5.03
C GLN A 86 -52.94 -2.83 -6.19
N ILE A 87 -52.99 -4.17 -6.15
CA ILE A 87 -53.66 -4.93 -7.19
C ILE A 87 -55.15 -4.95 -6.88
N ALA A 88 -55.79 -3.79 -7.04
CA ALA A 88 -57.21 -3.62 -6.74
C ALA A 88 -57.68 -2.37 -7.48
N PRO A 89 -58.96 -2.27 -7.82
CA PRO A 89 -59.45 -1.08 -8.52
C PRO A 89 -59.34 0.17 -7.65
N GLY A 90 -59.02 1.30 -8.29
CA GLY A 90 -58.95 2.57 -7.60
C GLY A 90 -57.76 2.75 -6.69
N GLN A 91 -56.71 1.96 -6.87
CA GLN A 91 -55.54 2.04 -5.99
C GLN A 91 -54.43 2.85 -6.65
N THR A 92 -53.55 3.38 -5.80
CA THR A 92 -52.43 4.19 -6.25
C THR A 92 -51.14 3.67 -5.61
N GLY A 93 -50.02 4.01 -6.24
CA GLY A 93 -48.73 3.54 -5.77
C GLY A 93 -47.81 3.14 -6.91
N LYS A 94 -46.63 2.61 -6.58
CA LYS A 94 -45.66 2.23 -7.61
C LYS A 94 -46.24 1.21 -8.58
N ILE A 95 -46.85 0.15 -8.05
CA ILE A 95 -47.34 -0.94 -8.89
C ILE A 95 -48.59 -0.51 -9.65
N ALA A 96 -49.54 0.12 -8.94
CA ALA A 96 -50.81 0.47 -9.56
C ALA A 96 -50.64 1.52 -10.66
N ASP A 97 -49.69 2.45 -10.49
CA ASP A 97 -49.53 3.53 -11.45
C ASP A 97 -48.56 3.20 -12.57
N TYR A 98 -47.49 2.45 -12.27
CA TYR A 98 -46.39 2.25 -13.21
C TYR A 98 -46.21 0.82 -13.67
N ASN A 99 -47.01 -0.14 -13.19
CA ASN A 99 -46.74 -1.53 -13.54
C ASN A 99 -47.99 -2.27 -14.02
N TYR A 100 -49.07 -2.22 -13.24
CA TYR A 100 -50.26 -3.02 -13.53
C TYR A 100 -51.47 -2.29 -12.96
N LYS A 101 -52.29 -1.72 -13.84
CA LYS A 101 -53.45 -0.94 -13.44
C LYS A 101 -54.73 -1.72 -13.75
N LEU A 102 -55.61 -1.83 -12.72
CA LEU A 102 -56.94 -2.38 -12.88
C LEU A 102 -57.96 -1.25 -13.06
N PRO A 103 -59.00 -1.47 -13.86
CA PRO A 103 -60.01 -0.43 -14.06
C PRO A 103 -60.97 -0.35 -12.89
N ASP A 104 -61.67 0.79 -12.82
CA ASP A 104 -62.66 0.97 -11.77
C ASP A 104 -63.81 -0.01 -11.92
N ASP A 105 -64.20 -0.30 -13.17
CA ASP A 105 -65.25 -1.26 -13.47
C ASP A 105 -64.72 -2.67 -13.66
N PHE A 106 -63.57 -2.99 -13.06
CA PHE A 106 -63.00 -4.32 -13.14
C PHE A 106 -63.98 -5.36 -12.61
N THR A 107 -64.15 -6.43 -13.38
CA THR A 107 -65.02 -7.55 -13.01
C THR A 107 -64.17 -8.81 -12.97
N GLY A 108 -63.75 -9.20 -11.78
CA GLY A 108 -62.94 -10.41 -11.64
C GLY A 108 -62.47 -10.60 -10.22
N CYS A 109 -61.30 -11.23 -10.09
CA CYS A 109 -60.74 -11.58 -8.79
C CYS A 109 -59.24 -11.36 -8.81
N VAL A 110 -58.67 -11.20 -7.61
CA VAL A 110 -57.23 -11.02 -7.43
C VAL A 110 -56.76 -12.04 -6.39
N ILE A 111 -55.87 -12.93 -6.80
CA ILE A 111 -55.36 -13.99 -5.94
C ILE A 111 -53.85 -13.85 -5.84
N ALA A 112 -53.31 -14.05 -4.63
CA ALA A 112 -51.88 -13.95 -4.41
C ALA A 112 -51.48 -14.87 -3.27
N TRP A 113 -50.23 -15.33 -3.32
CA TRP A 113 -49.69 -16.17 -2.26
C TRP A 113 -48.21 -15.87 -2.09
N ASN A 114 -47.70 -16.15 -0.89
CA ASN A 114 -46.30 -15.92 -0.59
C ASN A 114 -45.42 -16.91 -1.35
N SER A 115 -44.43 -16.38 -2.06
CA SER A 115 -43.55 -17.18 -2.90
C SER A 115 -42.09 -17.02 -2.48
N ASN A 116 -41.86 -16.89 -1.17
CA ASN A 116 -40.50 -16.69 -0.67
C ASN A 116 -39.62 -17.89 -0.97
N ASN A 117 -40.18 -19.11 -0.84
CA ASN A 117 -39.38 -20.31 -1.01
C ASN A 117 -38.94 -20.54 -2.46
N LEU A 118 -39.58 -19.88 -3.42
CA LEU A 118 -39.25 -20.04 -4.83
C LEU A 118 -38.49 -18.86 -5.42
N ASP A 119 -38.87 -17.65 -5.05
CA ASP A 119 -38.38 -16.45 -5.72
C ASP A 119 -37.42 -15.62 -4.88
N SER A 120 -37.15 -16.04 -3.64
CA SER A 120 -36.12 -15.40 -2.85
C SER A 120 -34.82 -16.19 -2.94
N LYS A 121 -33.71 -15.46 -2.86
CA LYS A 121 -32.39 -16.04 -2.92
C LYS A 121 -31.52 -15.35 -1.87
N VAL A 122 -30.65 -16.11 -1.21
CA VAL A 122 -29.76 -15.51 -0.22
C VAL A 122 -28.83 -14.53 -0.94
N GLY A 123 -28.70 -13.34 -0.38
CA GLY A 123 -27.99 -12.26 -1.03
C GLY A 123 -28.85 -11.38 -1.93
N GLY A 124 -30.05 -11.81 -2.27
CA GLY A 124 -30.95 -10.99 -3.08
C GLY A 124 -31.12 -11.49 -4.49
N ASN A 125 -32.37 -11.73 -4.89
CA ASN A 125 -32.65 -12.16 -6.25
C ASN A 125 -32.65 -10.98 -7.20
N TYR A 126 -32.12 -11.19 -8.41
CA TYR A 126 -31.95 -10.14 -9.39
C TYR A 126 -32.87 -10.28 -10.59
N ASN A 127 -33.71 -11.31 -10.64
CA ASN A 127 -34.51 -11.58 -11.83
C ASN A 127 -35.80 -10.75 -11.87
N TYR A 128 -36.41 -10.50 -10.72
CA TYR A 128 -37.69 -9.81 -10.67
C TYR A 128 -37.48 -8.30 -10.53
N ARG A 129 -38.15 -7.54 -11.40
CA ARG A 129 -37.99 -6.10 -11.43
C ARG A 129 -39.35 -5.42 -11.44
N TYR A 130 -39.33 -4.12 -11.15
CA TYR A 130 -40.53 -3.30 -11.18
C TYR A 130 -40.16 -1.95 -11.79
N ARG A 131 -41.16 -1.28 -12.38
CA ARG A 131 -40.93 0.05 -12.93
C ARG A 131 -41.00 1.08 -11.81
N LEU A 132 -39.95 1.88 -11.69
CA LEU A 132 -39.85 2.86 -10.62
C LEU A 132 -40.30 4.26 -11.03
N PHE A 133 -40.10 4.63 -12.30
CA PHE A 133 -40.45 5.95 -12.78
C PHE A 133 -41.21 5.83 -14.10
N ARG A 134 -42.10 6.80 -14.35
CA ARG A 134 -42.80 6.87 -15.62
C ARG A 134 -43.36 8.29 -15.77
N LYS A 135 -43.40 8.77 -17.02
CA LYS A 135 -43.89 10.11 -17.27
C LYS A 135 -45.36 10.26 -16.88
N SER A 136 -46.22 9.35 -17.36
CA SER A 136 -47.63 9.37 -17.02
C SER A 136 -48.04 8.02 -16.46
N ASN A 137 -49.25 7.95 -15.91
CA ASN A 137 -49.75 6.72 -15.32
C ASN A 137 -50.27 5.77 -16.39
N LEU A 138 -50.22 4.48 -16.07
CA LEU A 138 -50.67 3.45 -17.00
C LEU A 138 -52.19 3.43 -17.08
N LYS A 139 -52.69 3.26 -18.30
CA LYS A 139 -54.09 2.96 -18.49
C LYS A 139 -54.38 1.53 -18.00
N PRO A 140 -55.62 1.23 -17.65
CA PRO A 140 -55.94 -0.12 -17.16
C PRO A 140 -55.55 -1.19 -18.17
N PHE A 141 -54.78 -2.17 -17.69
CA PHE A 141 -54.28 -3.31 -18.47
C PHE A 141 -53.25 -2.91 -19.51
N GLU A 142 -52.59 -1.76 -19.34
CA GLU A 142 -51.50 -1.37 -20.22
C GLU A 142 -50.21 -2.05 -19.81
N ARG A 143 -49.33 -2.29 -20.77
CA ARG A 143 -48.08 -3.00 -20.55
C ARG A 143 -46.93 -2.18 -21.12
N ASP A 144 -46.01 -1.76 -20.24
CA ASP A 144 -44.87 -0.94 -20.61
C ASP A 144 -43.59 -1.68 -20.26
N ILE A 145 -42.80 -2.02 -21.28
CA ILE A 145 -41.56 -2.74 -21.09
C ILE A 145 -40.37 -1.96 -21.66
N SER A 146 -40.55 -0.67 -21.93
CA SER A 146 -39.45 0.13 -22.45
C SER A 146 -38.38 0.33 -21.39
N THR A 147 -37.16 0.60 -21.84
CA THR A 147 -36.02 0.81 -20.97
C THR A 147 -35.35 2.15 -21.26
N GLU A 148 -36.16 3.15 -21.58
CA GLU A 148 -35.63 4.50 -21.80
C GLU A 148 -35.25 5.14 -20.48
N ILE A 149 -34.15 5.91 -20.49
CA ILE A 149 -33.70 6.59 -19.29
C ILE A 149 -34.73 7.63 -18.88
N TYR A 150 -35.10 7.63 -17.61
CA TYR A 150 -36.11 8.56 -17.10
C TYR A 150 -35.48 9.93 -16.87
N GLN A 151 -36.01 10.94 -17.54
CA GLN A 151 -35.56 12.32 -17.36
C GLN A 151 -36.37 12.93 -16.22
N ALA A 152 -35.77 12.99 -15.04
CA ALA A 152 -36.45 13.55 -13.88
C ALA A 152 -36.33 15.06 -13.78
N GLY A 153 -35.31 15.66 -14.41
CA GLY A 153 -35.15 17.09 -14.45
C GLY A 153 -35.59 17.68 -15.77
N SER A 154 -35.10 18.89 -16.04
CA SER A 154 -35.39 19.56 -17.30
C SER A 154 -34.30 19.37 -18.35
N THR A 155 -33.09 19.02 -17.95
CA THR A 155 -32.03 18.79 -18.92
C THR A 155 -32.18 17.40 -19.51
N PRO A 156 -32.09 17.27 -20.84
CA PRO A 156 -32.27 15.94 -21.44
C PRO A 156 -31.07 15.05 -21.19
N CYS A 157 -31.34 13.84 -20.70
CA CYS A 157 -30.34 12.78 -20.77
C CYS A 157 -30.10 12.42 -22.24
N ASN A 158 -29.00 11.74 -22.49
CA ASN A 158 -28.67 11.26 -23.83
C ASN A 158 -28.29 9.80 -23.79
N GLY A 159 -29.16 8.98 -23.21
CA GLY A 159 -28.88 7.59 -22.98
C GLY A 159 -27.89 7.30 -21.88
N VAL A 160 -27.39 8.32 -21.20
CA VAL A 160 -26.45 8.17 -20.09
C VAL A 160 -27.17 8.49 -18.80
N GLU A 161 -27.01 7.62 -17.80
CA GLU A 161 -27.60 7.84 -16.49
C GLU A 161 -26.79 8.84 -15.69
N GLY A 162 -27.43 9.43 -14.69
CA GLY A 162 -26.75 10.39 -13.84
C GLY A 162 -27.71 11.15 -12.96
N PHE A 163 -27.34 12.38 -12.64
CA PHE A 163 -28.20 13.25 -11.84
C PHE A 163 -29.50 13.52 -12.58
N ASN A 164 -30.62 13.15 -11.95
CA ASN A 164 -31.95 13.25 -12.54
C ASN A 164 -32.07 12.45 -13.83
N CYS A 165 -31.24 11.42 -14.00
CA CYS A 165 -31.29 10.54 -15.17
C CYS A 165 -31.12 9.11 -14.65
N TYR A 166 -32.22 8.40 -14.51
CA TYR A 166 -32.24 7.13 -13.80
C TYR A 166 -32.80 6.03 -14.68
N PHE A 167 -32.22 4.85 -14.58
CA PHE A 167 -32.80 3.69 -15.24
C PHE A 167 -34.17 3.40 -14.65
N PRO A 168 -35.18 3.11 -15.48
CA PRO A 168 -36.56 3.04 -14.95
C PRO A 168 -36.90 1.74 -14.25
N LEU A 169 -36.17 0.65 -14.50
CA LEU A 169 -36.46 -0.64 -13.89
C LEU A 169 -35.49 -0.91 -12.75
N GLN A 170 -36.01 -1.39 -11.63
CA GLN A 170 -35.21 -1.70 -10.46
C GLN A 170 -35.50 -3.11 -9.98
N SER A 171 -34.45 -3.77 -9.48
CA SER A 171 -34.57 -5.13 -8.98
C SER A 171 -35.13 -5.15 -7.56
N TYR A 172 -35.97 -6.15 -7.29
CA TYR A 172 -36.57 -6.27 -5.95
C TYR A 172 -35.54 -6.72 -4.92
N GLY A 173 -34.55 -7.51 -5.31
CA GLY A 173 -33.57 -8.03 -4.38
C GLY A 173 -34.19 -8.89 -3.29
N PHE A 174 -35.08 -9.80 -3.66
CA PHE A 174 -35.78 -10.62 -2.68
C PHE A 174 -34.80 -11.50 -1.91
N GLN A 175 -34.84 -11.41 -0.58
CA GLN A 175 -34.04 -12.22 0.32
C GLN A 175 -34.95 -13.03 1.24
N PRO A 176 -34.56 -14.26 1.59
CA PRO A 176 -35.40 -15.05 2.50
C PRO A 176 -35.49 -14.46 3.89
N THR A 177 -34.47 -13.71 4.33
CA THR A 177 -34.48 -13.09 5.64
C THR A 177 -35.23 -11.77 5.67
N ASN A 178 -35.73 -11.30 4.54
CA ASN A 178 -36.51 -10.08 4.50
C ASN A 178 -37.76 -10.20 5.37
N GLY A 179 -38.26 -9.06 5.83
CA GLY A 179 -39.58 -9.04 6.42
C GLY A 179 -40.62 -9.54 5.42
N VAL A 180 -41.63 -10.24 5.93
CA VAL A 180 -42.64 -10.85 5.07
C VAL A 180 -43.28 -9.83 4.15
N GLY A 181 -43.42 -8.59 4.62
CA GLY A 181 -43.92 -7.52 3.78
C GLY A 181 -43.01 -7.15 2.63
N TYR A 182 -41.79 -7.70 2.59
CA TYR A 182 -40.87 -7.50 1.49
C TYR A 182 -40.55 -8.79 0.76
N GLN A 183 -41.10 -9.92 1.19
CA GLN A 183 -40.86 -11.18 0.53
C GLN A 183 -41.65 -11.24 -0.77
N PRO A 184 -41.21 -12.08 -1.73
CA PRO A 184 -41.91 -12.13 -3.02
C PRO A 184 -43.27 -12.77 -2.91
N TYR A 185 -44.21 -12.26 -3.69
CA TYR A 185 -45.56 -12.79 -3.79
C TYR A 185 -45.92 -12.97 -5.25
N ARG A 186 -46.48 -14.14 -5.57
CA ARG A 186 -46.97 -14.44 -6.91
C ARG A 186 -48.46 -14.13 -6.98
N VAL A 187 -48.84 -13.32 -7.97
CA VAL A 187 -50.20 -12.80 -8.10
C VAL A 187 -50.83 -13.40 -9.35
N VAL A 188 -52.13 -13.67 -9.28
CA VAL A 188 -52.92 -14.09 -10.43
C VAL A 188 -54.18 -13.24 -10.44
N VAL A 189 -54.42 -12.54 -11.55
CA VAL A 189 -55.60 -11.70 -11.71
C VAL A 189 -56.50 -12.35 -12.75
N LEU A 190 -57.70 -12.73 -12.33
CA LEU A 190 -58.70 -13.31 -13.22
C LEU A 190 -59.72 -12.22 -13.56
N SER A 191 -59.92 -11.98 -14.85
CA SER A 191 -60.95 -11.08 -15.33
C SER A 191 -61.90 -11.85 -16.24
N PHE A 192 -63.17 -11.44 -16.24
CA PHE A 192 -64.21 -12.10 -17.02
C PHE A 192 -64.87 -11.08 -17.93
N GLU A 193 -64.74 -11.28 -19.23
CA GLU A 193 -65.29 -10.34 -20.21
C GLU A 193 -66.52 -10.95 -20.89
N GLN B 1 -42.63 24.93 2.86
CA GLN B 1 -41.51 24.76 3.78
C GLN B 1 -40.66 23.56 3.36
N VAL B 2 -39.99 23.68 2.23
CA VAL B 2 -39.10 22.63 1.73
C VAL B 2 -37.86 22.63 2.61
N GLN B 3 -37.69 21.59 3.42
CA GLN B 3 -36.71 21.60 4.50
C GLN B 3 -35.90 20.31 4.49
N LEU B 4 -34.70 20.41 5.08
CA LEU B 4 -33.79 19.28 5.26
C LEU B 4 -33.13 19.45 6.62
N VAL B 5 -33.53 18.63 7.60
CA VAL B 5 -33.09 18.77 8.98
C VAL B 5 -32.20 17.58 9.34
N GLN B 6 -31.02 17.87 9.88
CA GLN B 6 -30.01 16.87 10.18
C GLN B 6 -29.92 16.61 11.69
N SER B 7 -29.12 15.61 12.03
CA SER B 7 -28.94 15.20 13.41
C SER B 7 -28.17 16.24 14.21
N GLY B 8 -28.25 16.11 15.54
CA GLY B 8 -27.54 16.97 16.43
C GLY B 8 -26.05 16.67 16.47
N PRO B 9 -25.32 17.39 17.33
CA PRO B 9 -23.88 17.22 17.40
C PRO B 9 -23.49 15.81 17.84
N GLU B 10 -22.38 15.32 17.31
CA GLU B 10 -21.88 13.99 17.61
C GLU B 10 -20.47 14.08 18.16
N VAL B 11 -20.20 13.32 19.22
CA VAL B 11 -18.88 13.24 19.84
C VAL B 11 -18.60 11.75 20.06
N LYS B 12 -17.75 11.17 19.22
CA LYS B 12 -17.46 9.74 19.26
C LYS B 12 -15.98 9.50 19.49
N LYS B 13 -15.67 8.48 20.30
CA LYS B 13 -14.29 8.09 20.53
C LYS B 13 -13.67 7.54 19.25
N PRO B 14 -12.34 7.58 19.13
CA PRO B 14 -11.70 7.08 17.91
C PRO B 14 -11.92 5.59 17.72
N GLY B 15 -12.22 5.21 16.48
CA GLY B 15 -12.40 3.82 16.13
C GLY B 15 -13.84 3.32 16.16
N THR B 16 -14.78 4.13 16.60
CA THR B 16 -16.18 3.74 16.64
C THR B 16 -16.85 4.15 15.34
N SER B 17 -18.18 4.21 15.32
CA SER B 17 -18.92 4.64 14.14
C SER B 17 -19.86 5.77 14.51
N VAL B 18 -20.22 6.57 13.51
CA VAL B 18 -21.23 7.60 13.64
C VAL B 18 -22.21 7.45 12.49
N LYS B 19 -23.49 7.64 12.77
CA LYS B 19 -24.55 7.56 11.77
C LYS B 19 -25.38 8.82 11.85
N VAL B 20 -25.24 9.69 10.87
CA VAL B 20 -25.95 10.97 10.85
C VAL B 20 -27.23 10.83 10.06
N SER B 21 -28.31 11.42 10.57
CA SER B 21 -29.62 11.38 9.94
C SER B 21 -29.86 12.68 9.17
N CYS B 22 -30.75 12.59 8.18
CA CYS B 22 -31.07 13.70 7.30
C CYS B 22 -32.50 13.50 6.81
N LYS B 23 -33.44 14.20 7.43
CA LYS B 23 -34.86 14.03 7.15
C LYS B 23 -35.37 15.15 6.25
N ALA B 24 -36.21 14.77 5.29
CA ALA B 24 -36.75 15.71 4.32
C ALA B 24 -38.19 16.08 4.66
N SER B 25 -38.62 17.23 4.15
CA SER B 25 -39.98 17.72 4.33
C SER B 25 -40.27 18.77 3.27
N GLY B 26 -41.54 18.87 2.90
CA GLY B 26 -41.97 19.88 1.94
C GLY B 26 -42.10 19.35 0.54
N PHE B 27 -41.10 18.61 0.08
CA PHE B 27 -41.12 18.01 -1.25
C PHE B 27 -41.35 16.51 -1.13
N THR B 28 -41.44 15.83 -2.27
CA THR B 28 -41.64 14.39 -2.31
C THR B 28 -40.27 13.73 -2.32
N PHE B 29 -39.89 13.15 -1.17
CA PHE B 29 -38.58 12.54 -1.01
C PHE B 29 -38.33 11.43 -2.02
N THR B 30 -39.38 10.73 -2.43
CA THR B 30 -39.22 9.45 -3.13
C THR B 30 -38.54 9.61 -4.49
N THR B 31 -38.64 10.78 -5.12
CA THR B 31 -38.11 10.95 -6.47
C THR B 31 -36.86 11.82 -6.52
N SER B 32 -36.23 12.10 -5.37
CA SER B 32 -35.03 12.93 -5.34
C SER B 32 -33.80 12.08 -5.02
N ALA B 33 -32.70 12.76 -4.67
CA ALA B 33 -31.46 12.12 -4.30
C ALA B 33 -30.76 12.97 -3.25
N VAL B 34 -29.96 12.32 -2.41
CA VAL B 34 -29.29 12.99 -1.30
C VAL B 34 -27.79 12.73 -1.41
N GLN B 35 -27.02 13.81 -1.54
CA GLN B 35 -25.57 13.74 -1.48
C GLN B 35 -25.09 14.14 -0.09
N TRP B 36 -23.87 13.73 0.25
CA TRP B 36 -23.27 14.04 1.52
C TRP B 36 -21.94 14.74 1.30
N VAL B 37 -21.72 15.82 2.06
CA VAL B 37 -20.55 16.67 1.92
C VAL B 37 -20.07 17.02 3.32
N ARG B 38 -18.78 16.83 3.57
CA ARG B 38 -18.18 17.19 4.84
C ARG B 38 -17.26 18.39 4.66
N GLN B 39 -17.00 19.08 5.76
CA GLN B 39 -16.19 20.29 5.72
C GLN B 39 -15.45 20.42 7.04
N ALA B 40 -14.13 20.24 6.99
CA ALA B 40 -13.31 20.45 8.17
C ALA B 40 -13.23 21.94 8.50
N ARG B 41 -13.02 22.23 9.78
CA ARG B 41 -12.99 23.61 10.26
C ARG B 41 -11.99 24.45 9.48
N GLY B 42 -12.48 25.40 8.69
CA GLY B 42 -11.64 26.28 7.92
C GLY B 42 -11.20 25.75 6.56
N GLN B 43 -11.75 24.63 6.12
CA GLN B 43 -11.36 24.01 4.86
C GLN B 43 -12.51 24.05 3.85
N ARG B 44 -12.33 23.36 2.74
CA ARG B 44 -13.27 23.41 1.62
C ARG B 44 -14.34 22.33 1.75
N LEU B 45 -15.31 22.38 0.85
CA LEU B 45 -16.38 21.40 0.82
C LEU B 45 -15.89 20.10 0.20
N GLU B 46 -16.21 18.98 0.83
CA GLU B 46 -15.66 17.67 0.47
C GLU B 46 -16.82 16.73 0.15
N TRP B 47 -16.95 16.38 -1.13
CA TRP B 47 -18.02 15.49 -1.55
C TRP B 47 -17.71 14.06 -1.12
N ILE B 48 -18.63 13.46 -0.38
CA ILE B 48 -18.45 12.09 0.10
C ILE B 48 -19.10 11.09 -0.84
N GLY B 49 -20.35 11.33 -1.21
CA GLY B 49 -21.11 10.41 -2.02
C GLY B 49 -22.54 10.88 -2.14
N TRP B 50 -23.34 10.07 -2.82
CA TRP B 50 -24.76 10.38 -2.98
C TRP B 50 -25.55 9.09 -3.12
N ILE B 51 -26.85 9.20 -2.93
CA ILE B 51 -27.77 8.07 -3.05
C ILE B 51 -29.02 8.54 -3.76
N VAL B 52 -29.57 7.69 -4.62
CA VAL B 52 -30.86 7.93 -5.25
C VAL B 52 -31.94 7.32 -4.34
N VAL B 53 -32.95 8.12 -4.01
CA VAL B 53 -33.91 7.71 -2.98
C VAL B 53 -34.72 6.51 -3.44
N GLY B 54 -35.26 6.56 -4.65
CA GLY B 54 -36.17 5.52 -5.09
C GLY B 54 -35.50 4.17 -5.26
N SER B 55 -34.27 4.15 -5.79
CA SER B 55 -33.57 2.91 -6.07
C SER B 55 -32.57 2.53 -4.99
N GLY B 56 -32.11 3.47 -4.18
CA GLY B 56 -31.08 3.18 -3.21
C GLY B 56 -29.69 3.04 -3.77
N ASN B 57 -29.50 3.30 -5.07
CA ASN B 57 -28.20 3.18 -5.69
C ASN B 57 -27.26 4.27 -5.18
N THR B 58 -26.00 3.90 -4.96
CA THR B 58 -25.02 4.81 -4.36
C THR B 58 -23.81 4.98 -5.26
N ASN B 59 -23.17 6.13 -5.11
CA ASN B 59 -21.84 6.38 -5.64
C ASN B 59 -21.04 7.06 -4.53
N TYR B 60 -19.82 6.61 -4.33
CA TYR B 60 -18.95 7.17 -3.30
C TYR B 60 -17.67 7.69 -3.92
N ALA B 61 -17.00 8.58 -3.19
CA ALA B 61 -15.67 9.02 -3.59
C ALA B 61 -14.64 7.98 -3.17
N GLN B 62 -13.47 8.05 -3.83
CA GLN B 62 -12.39 7.13 -3.52
C GLN B 62 -12.01 7.19 -2.04
N LYS B 63 -11.90 8.40 -1.50
CA LYS B 63 -11.45 8.56 -0.12
C LYS B 63 -12.38 7.90 0.88
N PHE B 64 -13.67 7.81 0.58
CA PHE B 64 -14.65 7.34 1.56
C PHE B 64 -15.27 5.99 1.26
N GLN B 65 -14.84 5.31 0.18
CA GLN B 65 -15.40 3.99 -0.10
C GLN B 65 -15.15 2.99 1.04
N GLU B 66 -14.07 3.17 1.80
CA GLU B 66 -13.70 2.14 2.75
C GLU B 66 -14.50 2.23 4.04
N ARG B 67 -14.96 3.42 4.42
CA ARG B 67 -15.55 3.62 5.73
C ARG B 67 -16.92 4.28 5.74
N VAL B 68 -17.52 4.55 4.58
CA VAL B 68 -18.79 5.27 4.50
C VAL B 68 -19.80 4.44 3.72
N THR B 69 -21.02 4.34 4.25
CA THR B 69 -22.15 3.74 3.56
C THR B 69 -23.36 4.65 3.71
N ILE B 70 -23.98 5.00 2.59
CA ILE B 70 -25.13 5.91 2.56
C ILE B 70 -26.38 5.08 2.35
N THR B 71 -27.41 5.32 3.17
CA THR B 71 -28.68 4.62 3.09
C THR B 71 -29.82 5.61 3.21
N ARG B 72 -31.04 5.12 3.02
CA ARG B 72 -32.23 5.94 3.18
C ARG B 72 -33.40 5.05 3.54
N ASP B 73 -34.38 5.63 4.21
CA ASP B 73 -35.63 4.96 4.58
C ASP B 73 -36.78 5.81 4.10
N MET B 74 -37.43 5.38 3.01
CA MET B 74 -38.50 6.17 2.41
C MET B 74 -39.71 6.27 3.32
N SER B 75 -39.91 5.31 4.21
CA SER B 75 -41.05 5.36 5.11
C SER B 75 -40.92 6.52 6.10
N THR B 76 -39.70 6.77 6.58
CA THR B 76 -39.44 7.89 7.48
C THR B 76 -38.78 9.07 6.76
N THR B 77 -38.90 9.11 5.42
CA THR B 77 -38.38 10.16 4.54
C THR B 77 -37.01 10.68 4.98
N THR B 78 -36.13 9.79 5.40
CA THR B 78 -34.84 10.16 5.97
C THR B 78 -33.71 9.40 5.29
N ALA B 79 -32.63 10.11 4.99
CA ALA B 79 -31.40 9.51 4.47
C ALA B 79 -30.33 9.54 5.55
N TYR B 80 -29.49 8.50 5.56
CA TYR B 80 -28.48 8.33 6.59
C TYR B 80 -27.09 8.23 5.98
N MET B 81 -26.08 8.57 6.79
CA MET B 81 -24.68 8.43 6.42
C MET B 81 -23.95 7.81 7.59
N GLU B 82 -23.46 6.58 7.41
CA GLU B 82 -22.74 5.86 8.46
C GLU B 82 -21.25 5.87 8.14
N LEU B 83 -20.45 6.32 9.12
CA LEU B 83 -19.00 6.45 8.97
C LEU B 83 -18.32 5.63 10.06
N SER B 84 -17.69 4.52 9.66
CA SER B 84 -17.07 3.60 10.60
C SER B 84 -15.57 3.84 10.71
N SER B 85 -14.99 3.29 11.77
CA SER B 85 -13.57 3.45 12.08
C SER B 85 -13.18 4.92 12.16
N LEU B 86 -13.90 5.64 13.03
CA LEU B 86 -13.68 7.07 13.18
C LEU B 86 -12.29 7.37 13.71
N ARG B 87 -11.74 8.49 13.28
CA ARG B 87 -10.44 8.94 13.76
C ARG B 87 -10.43 10.47 13.78
N SER B 88 -9.36 11.03 14.34
CA SER B 88 -9.28 12.47 14.53
C SER B 88 -9.45 13.24 13.22
N GLU B 89 -8.92 12.68 12.13
CA GLU B 89 -9.02 13.35 10.84
C GLU B 89 -10.47 13.44 10.34
N ASP B 90 -11.37 12.62 10.89
CA ASP B 90 -12.78 12.69 10.52
C ASP B 90 -13.52 13.85 11.17
N THR B 91 -12.88 14.57 12.09
CA THR B 91 -13.53 15.69 12.77
C THR B 91 -13.86 16.81 11.79
N ALA B 92 -15.14 17.02 11.52
CA ALA B 92 -15.60 18.01 10.57
C ALA B 92 -17.10 18.19 10.74
N VAL B 93 -17.68 19.09 9.94
CA VAL B 93 -19.13 19.27 9.85
C VAL B 93 -19.60 18.59 8.57
N TYR B 94 -20.70 17.85 8.68
CA TYR B 94 -21.23 17.07 7.56
C TYR B 94 -22.57 17.64 7.13
N PHE B 95 -22.74 17.79 5.81
CA PHE B 95 -23.96 18.33 5.23
C PHE B 95 -24.62 17.29 4.32
N CYS B 96 -25.95 17.35 4.23
CA CYS B 96 -26.70 16.62 3.23
C CYS B 96 -27.46 17.61 2.34
N ALA B 97 -27.63 17.23 1.07
CA ALA B 97 -28.24 18.10 0.08
C ALA B 97 -29.09 17.29 -0.88
N ALA B 98 -30.19 17.89 -1.33
CA ALA B 98 -31.15 17.20 -2.19
C ALA B 98 -31.89 18.20 -3.07
N PRO B 99 -32.20 17.83 -4.32
CA PRO B 99 -33.12 18.65 -5.12
C PRO B 99 -34.56 18.41 -4.68
N HIS B 100 -35.35 19.49 -4.67
CA HIS B 100 -36.76 19.35 -4.36
C HIS B 100 -37.52 18.88 -5.61
N CYS B 101 -38.48 17.98 -5.40
CA CYS B 101 -39.17 17.32 -6.50
C CYS B 101 -40.65 17.23 -6.20
N ASN B 102 -41.46 17.18 -7.25
CA ASN B 102 -42.84 16.73 -7.12
C ASN B 102 -42.89 15.24 -7.47
N SER B 103 -44.06 14.74 -7.86
CA SER B 103 -44.20 13.30 -8.06
C SER B 103 -43.48 12.79 -9.30
N THR B 104 -43.10 13.68 -10.22
CA THR B 104 -42.51 13.26 -11.50
C THR B 104 -41.26 14.02 -11.91
N SER B 105 -41.04 15.24 -11.40
CA SER B 105 -39.95 16.08 -11.89
C SER B 105 -39.15 16.63 -10.71
N CYS B 106 -37.94 17.07 -11.01
CA CYS B 106 -36.99 17.51 -9.99
C CYS B 106 -36.31 18.80 -10.42
N TYR B 107 -35.80 19.53 -9.43
CA TYR B 107 -34.97 20.69 -9.69
C TYR B 107 -33.63 20.25 -10.27
N ASP B 108 -33.01 21.15 -11.04
CA ASP B 108 -31.80 20.83 -11.80
C ASP B 108 -30.52 21.03 -11.00
N ALA B 109 -30.60 21.05 -9.67
CA ALA B 109 -29.42 21.23 -8.84
C ALA B 109 -29.76 20.82 -7.41
N PHE B 110 -28.76 20.89 -6.54
CA PHE B 110 -28.94 20.62 -5.11
C PHE B 110 -29.28 21.94 -4.43
N ASP B 111 -30.57 22.26 -4.39
CA ASP B 111 -31.01 23.53 -3.84
C ASP B 111 -31.43 23.46 -2.38
N ILE B 112 -31.70 22.28 -1.86
CA ILE B 112 -32.08 22.11 -0.46
C ILE B 112 -30.87 21.56 0.30
N TRP B 113 -30.53 22.21 1.41
CA TRP B 113 -29.38 21.82 2.21
C TRP B 113 -29.76 21.72 3.68
N GLY B 114 -29.11 20.78 4.36
CA GLY B 114 -29.29 20.64 5.79
C GLY B 114 -28.46 21.65 6.58
N GLN B 115 -28.80 21.77 7.87
CA GLN B 115 -28.12 22.75 8.71
C GLN B 115 -26.68 22.38 9.03
N GLY B 116 -26.33 21.11 8.92
CA GLY B 116 -25.00 20.67 9.25
C GLY B 116 -24.98 19.82 10.51
N THR B 117 -23.97 18.95 10.60
CA THR B 117 -23.81 18.07 11.75
C THR B 117 -22.33 18.04 12.13
N MET B 118 -22.02 18.47 13.35
CA MET B 118 -20.65 18.46 13.84
C MET B 118 -20.30 17.08 14.37
N VAL B 119 -19.23 16.49 13.83
CA VAL B 119 -18.70 15.22 14.28
C VAL B 119 -17.31 15.47 14.84
N THR B 120 -17.14 15.19 16.13
CA THR B 120 -15.85 15.30 16.80
C THR B 120 -15.37 13.91 17.19
N VAL B 121 -14.12 13.60 16.86
CA VAL B 121 -13.54 12.28 17.15
C VAL B 121 -12.23 12.51 17.88
N SER B 122 -12.18 12.12 19.15
CA SER B 122 -10.96 12.16 19.95
C SER B 122 -11.21 11.36 21.23
N SER B 123 -10.15 11.21 22.02
CA SER B 123 -10.21 10.47 23.28
C SER B 123 -10.58 11.34 24.46
N ALA B 124 -10.86 12.63 24.24
CA ALA B 124 -11.13 13.54 25.34
C ALA B 124 -12.50 13.26 25.96
N SER B 125 -12.65 13.70 27.20
CA SER B 125 -13.88 13.57 27.96
C SER B 125 -14.52 14.94 28.16
N THR B 126 -15.81 14.92 28.48
CA THR B 126 -16.53 16.16 28.73
C THR B 126 -15.94 16.88 29.94
N LYS B 127 -15.58 18.14 29.76
CA LYS B 127 -14.98 18.93 30.82
C LYS B 127 -15.30 20.39 30.62
N GLY B 128 -15.75 21.05 31.67
CA GLY B 128 -15.99 22.48 31.65
C GLY B 128 -14.69 23.25 31.59
N PRO B 129 -14.76 24.51 31.17
CA PRO B 129 -13.55 25.35 31.09
C PRO B 129 -13.25 26.09 32.38
N SER B 130 -11.96 26.36 32.57
CA SER B 130 -11.50 27.27 33.61
C SER B 130 -11.37 28.66 33.01
N VAL B 131 -12.12 29.62 33.57
CA VAL B 131 -12.17 30.97 33.05
C VAL B 131 -11.27 31.85 33.91
N PHE B 132 -10.19 32.36 33.31
CA PHE B 132 -9.27 33.28 33.97
C PHE B 132 -9.37 34.67 33.36
N PRO B 133 -9.21 35.72 34.16
CA PRO B 133 -9.38 37.08 33.63
C PRO B 133 -8.12 37.62 32.95
N LEU B 134 -8.33 38.39 31.89
CA LEU B 134 -7.27 39.15 31.24
C LEU B 134 -7.43 40.61 31.65
N ALA B 135 -6.72 40.99 32.70
CA ALA B 135 -6.91 42.30 33.32
C ALA B 135 -6.28 43.41 32.47
N PRO B 136 -6.81 44.63 32.55
CA PRO B 136 -6.24 45.73 31.78
C PRO B 136 -4.97 46.28 32.43
N SER B 137 -4.04 46.70 31.58
CA SER B 137 -2.76 47.23 32.03
C SER B 137 -2.90 48.62 32.63
N SER B 138 -1.94 48.98 33.46
CA SER B 138 -1.88 50.32 34.05
C SER B 138 -0.87 51.18 33.30
N GLY B 144 -5.84 56.04 25.43
CA GLY B 144 -7.16 56.48 25.85
C GLY B 144 -8.15 55.35 25.99
N THR B 145 -7.83 54.20 25.38
CA THR B 145 -8.68 53.02 25.44
C THR B 145 -7.86 51.83 25.92
N ALA B 146 -8.49 50.99 26.74
CA ALA B 146 -7.83 49.84 27.32
C ALA B 146 -8.52 48.56 26.87
N ALA B 147 -7.83 47.43 27.01
CA ALA B 147 -8.33 46.14 26.58
C ALA B 147 -8.33 45.16 27.75
N LEU B 148 -9.39 44.36 27.82
CA LEU B 148 -9.55 43.36 28.86
C LEU B 148 -10.33 42.19 28.29
N GLY B 149 -10.38 41.09 29.03
CA GLY B 149 -11.10 39.93 28.55
C GLY B 149 -11.01 38.76 29.50
N CYS B 150 -11.42 37.60 28.99
CA CYS B 150 -11.46 36.35 29.74
C CYS B 150 -10.79 35.24 28.96
N LEU B 151 -10.25 34.26 29.70
CA LEU B 151 -9.53 33.13 29.11
C LEU B 151 -10.31 31.85 29.39
N VAL B 152 -11.03 31.37 28.38
CA VAL B 152 -11.87 30.17 28.50
C VAL B 152 -10.97 28.99 28.14
N LYS B 153 -10.37 28.38 29.15
CA LYS B 153 -9.30 27.41 28.96
C LYS B 153 -9.71 26.01 29.40
N ASP B 154 -9.28 25.01 28.62
CA ASP B 154 -9.35 23.59 28.98
C ASP B 154 -10.79 23.11 29.13
N TYR B 155 -11.48 23.04 27.99
CA TYR B 155 -12.82 22.49 27.94
C TYR B 155 -12.93 21.52 26.77
N PHE B 156 -13.99 20.70 26.83
CA PHE B 156 -14.30 19.72 25.79
C PHE B 156 -15.73 19.23 25.97
N PRO B 157 -16.51 19.10 24.89
CA PRO B 157 -16.11 19.47 23.53
C PRO B 157 -16.52 20.89 23.16
N GLU B 158 -16.43 21.21 21.87
CA GLU B 158 -16.97 22.46 21.37
C GLU B 158 -18.50 22.43 21.45
N PRO B 159 -19.15 23.61 21.55
CA PRO B 159 -18.53 24.93 21.70
C PRO B 159 -18.85 25.58 23.06
N VAL B 160 -18.34 26.79 23.26
CA VAL B 160 -18.74 27.63 24.36
C VAL B 160 -19.26 28.94 23.78
N THR B 161 -20.12 29.61 24.54
CA THR B 161 -20.60 30.93 24.18
C THR B 161 -20.16 31.93 25.24
N VAL B 162 -19.82 33.14 24.80
CA VAL B 162 -19.34 34.19 25.69
C VAL B 162 -20.09 35.48 25.38
N SER B 163 -20.64 36.10 26.42
CA SER B 163 -21.24 37.42 26.35
C SER B 163 -20.66 38.29 27.44
N TRP B 164 -20.84 39.60 27.30
CA TRP B 164 -20.27 40.57 28.24
C TRP B 164 -21.38 41.44 28.81
N ASN B 165 -21.37 41.60 30.13
CA ASN B 165 -22.42 42.31 30.86
C ASN B 165 -23.80 41.79 30.49
N SER B 166 -23.90 40.46 30.30
CA SER B 166 -25.15 39.79 29.95
C SER B 166 -25.80 40.40 28.71
N GLY B 167 -24.96 40.81 27.75
CA GLY B 167 -25.44 41.35 26.50
C GLY B 167 -25.48 42.87 26.42
N ALA B 168 -25.19 43.57 27.51
CA ALA B 168 -25.19 45.03 27.47
C ALA B 168 -23.98 45.59 26.75
N LEU B 169 -22.87 44.86 26.77
CA LEU B 169 -21.63 45.27 26.11
C LEU B 169 -21.42 44.41 24.86
N THR B 170 -21.48 45.03 23.70
CA THR B 170 -21.19 44.36 22.44
C THR B 170 -20.13 45.08 21.61
N SER B 171 -20.11 46.41 21.64
CA SER B 171 -19.17 47.17 20.83
C SER B 171 -17.74 46.89 21.28
N GLY B 172 -16.87 46.58 20.32
CA GLY B 172 -15.47 46.37 20.60
C GLY B 172 -15.12 45.03 21.20
N VAL B 173 -16.03 44.06 21.14
CA VAL B 173 -15.82 42.73 21.70
C VAL B 173 -15.33 41.80 20.60
N HIS B 174 -14.30 41.01 20.90
CA HIS B 174 -13.79 39.97 20.01
C HIS B 174 -13.69 38.67 20.78
N THR B 175 -14.46 37.68 20.37
CA THR B 175 -14.33 36.32 20.88
C THR B 175 -13.73 35.46 19.78
N PHE B 176 -12.52 34.96 20.01
CA PHE B 176 -11.73 34.29 18.99
C PHE B 176 -12.14 32.82 18.87
N PRO B 177 -11.96 32.23 17.69
CA PRO B 177 -12.17 30.79 17.56
C PRO B 177 -11.15 30.01 18.38
N ALA B 178 -11.60 28.91 18.97
CA ALA B 178 -10.77 28.14 19.89
C ALA B 178 -9.70 27.36 19.14
N VAL B 179 -8.63 27.05 19.87
CA VAL B 179 -7.55 26.21 19.37
C VAL B 179 -7.56 24.90 20.15
N LEU B 180 -7.17 23.83 19.47
CA LEU B 180 -7.13 22.51 20.08
C LEU B 180 -5.73 22.25 20.62
N GLN B 181 -5.59 22.26 21.95
CA GLN B 181 -4.30 22.02 22.57
C GLN B 181 -3.88 20.56 22.39
N SER B 182 -2.57 20.33 22.55
CA SER B 182 -2.05 18.97 22.43
C SER B 182 -2.62 18.04 23.49
N SER B 183 -3.18 18.57 24.56
CA SER B 183 -3.85 17.77 25.57
C SER B 183 -5.23 17.28 25.14
N GLY B 184 -5.67 17.63 23.93
CA GLY B 184 -6.99 17.27 23.46
C GLY B 184 -8.09 18.21 23.90
N LEU B 185 -7.79 19.20 24.74
CA LEU B 185 -8.78 20.16 25.22
C LEU B 185 -8.70 21.45 24.39
N TYR B 186 -9.77 22.22 24.47
CA TYR B 186 -9.85 23.50 23.76
C TYR B 186 -9.57 24.66 24.70
N SER B 187 -9.06 25.74 24.14
CA SER B 187 -8.85 26.99 24.86
C SER B 187 -9.34 28.14 24.01
N LEU B 188 -10.01 29.09 24.64
CA LEU B 188 -10.63 30.21 23.94
C LEU B 188 -10.37 31.48 24.72
N SER B 189 -10.16 32.59 24.00
CA SER B 189 -9.99 33.90 24.61
C SER B 189 -10.99 34.87 24.00
N SER B 190 -11.62 35.66 24.87
CA SER B 190 -12.54 36.70 24.45
C SER B 190 -12.09 38.01 25.09
N VAL B 191 -12.09 39.09 24.31
CA VAL B 191 -11.56 40.37 24.74
C VAL B 191 -12.53 41.47 24.38
N VAL B 192 -12.29 42.65 24.95
CA VAL B 192 -13.09 43.84 24.67
C VAL B 192 -12.25 45.07 24.98
N THR B 193 -12.29 46.05 24.09
CA THR B 193 -11.60 47.32 24.27
C THR B 193 -12.60 48.37 24.75
N VAL B 194 -12.31 48.99 25.89
CA VAL B 194 -13.18 50.01 26.47
C VAL B 194 -12.33 51.24 26.76
N PRO B 195 -12.95 52.41 26.88
CA PRO B 195 -12.18 53.62 27.20
C PRO B 195 -11.47 53.50 28.54
N SER B 196 -10.26 54.05 28.60
CA SER B 196 -9.44 53.93 29.80
C SER B 196 -10.07 54.62 31.00
N SER B 197 -10.90 55.65 30.77
CA SER B 197 -11.49 56.38 31.88
C SER B 197 -12.50 55.53 32.65
N SER B 198 -13.23 54.66 31.95
CA SER B 198 -14.28 53.86 32.57
C SER B 198 -13.75 52.72 33.43
N LEU B 199 -12.43 52.55 33.56
CA LEU B 199 -11.89 51.38 34.23
C LEU B 199 -12.23 51.35 35.72
N GLY B 200 -12.36 52.52 36.35
CA GLY B 200 -12.65 52.59 37.75
C GLY B 200 -14.11 52.82 38.12
N THR B 201 -15.00 52.96 37.13
CA THR B 201 -16.40 53.25 37.41
C THR B 201 -17.33 52.39 36.55
N GLN B 202 -16.88 51.21 36.15
CA GLN B 202 -17.70 50.34 35.29
C GLN B 202 -17.20 48.92 35.46
N THR B 203 -18.05 48.05 36.02
CA THR B 203 -17.70 46.65 36.23
C THR B 203 -17.92 45.86 34.95
N TYR B 204 -16.95 45.02 34.59
CA TYR B 204 -17.01 44.18 33.41
C TYR B 204 -17.01 42.72 33.82
N ILE B 205 -18.02 41.97 33.36
CA ILE B 205 -18.18 40.56 33.70
C ILE B 205 -18.43 39.80 32.41
N CYS B 206 -17.59 38.79 32.13
CA CYS B 206 -17.79 37.93 30.98
C CYS B 206 -18.67 36.74 31.37
N ASN B 207 -19.58 36.37 30.49
CA ASN B 207 -20.54 35.30 30.74
C ASN B 207 -20.16 34.11 29.86
N VAL B 208 -19.55 33.10 30.49
CA VAL B 208 -19.08 31.92 29.78
C VAL B 208 -20.04 30.78 30.07
N ASN B 209 -20.60 30.19 29.02
CA ASN B 209 -21.55 29.11 29.14
C ASN B 209 -21.10 27.93 28.28
N HIS B 210 -21.08 26.74 28.86
CA HIS B 210 -20.66 25.51 28.18
C HIS B 210 -21.76 24.48 28.37
N LYS B 211 -22.65 24.38 27.38
CA LYS B 211 -23.78 23.46 27.49
C LYS B 211 -23.39 21.98 27.62
N PRO B 212 -22.37 21.46 26.92
CA PRO B 212 -22.05 20.03 27.08
C PRO B 212 -21.70 19.63 28.51
N SER B 213 -21.26 20.56 29.35
CA SER B 213 -20.93 20.24 30.74
C SER B 213 -21.81 20.98 31.73
N ASN B 214 -22.82 21.72 31.25
CA ASN B 214 -23.72 22.49 32.10
C ASN B 214 -22.95 23.44 33.01
N THR B 215 -22.06 24.23 32.40
CA THR B 215 -21.21 25.16 33.12
C THR B 215 -21.64 26.59 32.81
N LYS B 216 -21.87 27.38 33.87
CA LYS B 216 -22.20 28.80 33.75
C LYS B 216 -21.26 29.55 34.69
N VAL B 217 -20.25 30.21 34.14
CA VAL B 217 -19.27 30.97 34.90
C VAL B 217 -19.42 32.44 34.54
N ASP B 218 -19.65 33.28 35.55
CA ASP B 218 -19.64 34.73 35.40
C ASP B 218 -18.43 35.27 36.15
N LYS B 219 -17.40 35.66 35.41
CA LYS B 219 -16.15 36.14 35.99
C LYS B 219 -16.00 37.62 35.75
N LYS B 220 -15.72 38.37 36.83
CA LYS B 220 -15.50 39.81 36.74
C LYS B 220 -14.03 40.09 36.48
N VAL B 221 -13.77 40.98 35.52
CA VAL B 221 -12.41 41.38 35.17
C VAL B 221 -12.11 42.69 35.88
N GLU B 222 -11.08 42.69 36.73
CA GLU B 222 -10.70 43.83 37.54
C GLU B 222 -9.33 44.35 37.12
N PRO B 223 -9.13 45.68 37.12
CA PRO B 223 -7.81 46.20 36.74
C PRO B 223 -6.74 45.84 37.77
N LYS B 224 -5.67 45.21 37.29
CA LYS B 224 -4.57 44.79 38.15
C LYS B 224 -3.36 45.73 37.97
N ASP C 1 -11.46 10.93 -11.68
CA ASP C 1 -12.07 12.08 -11.03
C ASP C 1 -11.76 13.38 -11.79
N ILE C 2 -12.76 14.24 -11.88
CA ILE C 2 -12.62 15.54 -12.52
C ILE C 2 -12.21 16.54 -11.45
N GLN C 3 -11.08 17.23 -11.67
CA GLN C 3 -10.58 18.20 -10.71
C GLN C 3 -11.23 19.56 -10.94
N MET C 4 -11.70 20.18 -9.87
CA MET C 4 -12.24 21.53 -9.90
C MET C 4 -11.33 22.43 -9.10
N THR C 5 -10.83 23.48 -9.74
CA THR C 5 -10.01 24.49 -9.08
C THR C 5 -10.63 25.86 -9.26
N GLN C 6 -10.44 26.73 -8.26
CA GLN C 6 -11.02 28.06 -8.25
C GLN C 6 -9.95 29.10 -8.02
N SER C 7 -10.18 30.30 -8.56
CA SER C 7 -9.30 31.43 -8.39
C SER C 7 -10.16 32.68 -8.33
N PRO C 8 -9.77 33.68 -7.50
CA PRO C 8 -8.60 33.62 -6.64
C PRO C 8 -8.87 32.91 -5.32
N GLY C 9 -7.84 32.72 -4.51
CA GLY C 9 -8.06 32.21 -3.16
C GLY C 9 -8.83 33.19 -2.31
N THR C 10 -8.36 34.43 -2.26
CA THR C 10 -9.06 35.52 -1.60
C THR C 10 -9.15 36.68 -2.58
N LEU C 11 -10.37 37.21 -2.74
CA LEU C 11 -10.61 38.38 -3.56
C LEU C 11 -10.94 39.54 -2.64
N SER C 12 -10.15 40.60 -2.74
CA SER C 12 -10.28 41.78 -1.86
C SER C 12 -10.80 42.93 -2.69
N LEU C 13 -12.08 43.24 -2.54
CA LEU C 13 -12.73 44.31 -3.29
C LEU C 13 -13.47 45.22 -2.34
N SER C 14 -13.71 46.42 -2.79
CA SER C 14 -14.51 47.37 -2.02
C SER C 14 -16.00 47.16 -2.32
N PRO C 15 -16.87 47.49 -1.38
CA PRO C 15 -18.32 47.41 -1.66
C PRO C 15 -18.69 48.35 -2.78
N GLY C 16 -19.42 47.82 -3.77
CA GLY C 16 -19.78 48.54 -4.97
C GLY C 16 -19.06 48.05 -6.22
N GLU C 17 -17.81 47.62 -6.07
CA GLU C 17 -17.08 47.08 -7.21
C GLU C 17 -17.74 45.80 -7.72
N GLY C 18 -17.38 45.43 -8.95
CA GLY C 18 -17.81 44.17 -9.51
C GLY C 18 -16.83 43.06 -9.18
N ALA C 19 -17.38 41.91 -8.80
CA ALA C 19 -16.58 40.73 -8.52
C ALA C 19 -16.65 39.77 -9.70
N THR C 20 -15.57 39.00 -9.88
CA THR C 20 -15.51 38.01 -10.95
C THR C 20 -14.74 36.80 -10.42
N LEU C 21 -15.42 35.67 -10.33
CA LEU C 21 -14.83 34.45 -9.79
C LEU C 21 -14.68 33.42 -10.89
N SER C 22 -13.69 32.54 -10.75
CA SER C 22 -13.36 31.57 -11.77
C SER C 22 -13.47 30.14 -11.23
N CYS C 23 -13.88 29.23 -12.11
CA CYS C 23 -14.00 27.82 -11.80
C CYS C 23 -13.46 27.03 -12.99
N ARG C 24 -12.52 26.13 -12.74
CA ARG C 24 -11.87 25.36 -13.78
C ARG C 24 -12.09 23.86 -13.56
N ALA C 25 -12.38 23.15 -14.64
CA ALA C 25 -12.52 21.69 -14.61
C ALA C 25 -11.34 21.06 -15.33
N SER C 26 -10.84 19.96 -14.79
CA SER C 26 -9.67 19.29 -15.39
C SER C 26 -9.99 18.73 -16.76
N GLN C 27 -11.25 18.48 -17.06
CA GLN C 27 -11.67 18.09 -18.40
C GLN C 27 -13.04 18.71 -18.65
N SER C 28 -13.43 18.76 -19.92
CA SER C 28 -14.68 19.41 -20.29
C SER C 28 -15.86 18.77 -19.55
N VAL C 29 -16.67 19.62 -18.90
CA VAL C 29 -17.86 19.17 -18.19
C VAL C 29 -19.06 19.89 -18.79
N SER C 30 -20.22 19.25 -18.68
CA SER C 30 -21.44 19.82 -19.23
C SER C 30 -21.86 21.06 -18.45
N SER C 31 -22.28 22.09 -19.19
CA SER C 31 -22.71 23.34 -18.55
C SER C 31 -23.94 23.14 -17.69
N SER C 32 -24.80 22.17 -18.03
CA SER C 32 -26.02 21.93 -17.28
C SER C 32 -25.78 21.13 -16.01
N TYR C 33 -24.53 20.89 -15.63
CA TYR C 33 -24.20 20.21 -14.38
C TYR C 33 -23.05 20.92 -13.68
N LEU C 34 -23.10 22.25 -13.63
CA LEU C 34 -22.19 23.04 -12.82
C LEU C 34 -23.02 24.00 -11.98
N ALA C 35 -22.63 24.14 -10.70
CA ALA C 35 -23.37 24.98 -9.78
C ALA C 35 -22.41 25.92 -9.05
N TRP C 36 -22.99 26.98 -8.50
CA TRP C 36 -22.28 27.93 -7.67
C TRP C 36 -22.98 28.03 -6.32
N TYR C 37 -22.21 27.97 -5.25
CA TYR C 37 -22.74 28.05 -3.90
C TYR C 37 -22.09 29.21 -3.16
N GLN C 38 -22.85 29.80 -2.24
CA GLN C 38 -22.35 30.83 -1.34
C GLN C 38 -22.41 30.31 0.08
N GLN C 39 -21.37 30.60 0.85
CA GLN C 39 -21.31 30.13 2.23
C GLN C 39 -20.78 31.22 3.13
N LYS C 40 -21.54 31.55 4.18
CA LYS C 40 -21.19 32.48 5.23
C LYS C 40 -20.68 31.72 6.45
N PRO C 41 -19.76 32.31 7.21
CA PRO C 41 -19.16 31.58 8.33
C PRO C 41 -20.21 31.00 9.28
N GLY C 42 -20.07 29.72 9.58
CA GLY C 42 -20.99 29.06 10.48
C GLY C 42 -22.34 28.71 9.87
N GLN C 43 -22.46 28.75 8.56
CA GLN C 43 -23.72 28.45 7.88
C GLN C 43 -23.53 27.29 6.90
N ALA C 44 -24.63 26.92 6.25
CA ALA C 44 -24.66 25.88 5.24
C ALA C 44 -24.50 26.50 3.85
N PRO C 45 -24.05 25.72 2.87
CA PRO C 45 -23.96 26.24 1.50
C PRO C 45 -25.33 26.66 0.99
N ARG C 46 -25.34 27.73 0.19
CA ARG C 46 -26.56 28.25 -0.42
C ARG C 46 -26.38 28.25 -1.93
N LEU C 47 -27.26 27.55 -2.63
CA LEU C 47 -27.19 27.48 -4.09
C LEU C 47 -27.47 28.86 -4.68
N LEU C 48 -26.54 29.36 -5.51
CA LEU C 48 -26.72 30.62 -6.20
C LEU C 48 -27.05 30.43 -7.67
N ILE C 49 -26.22 29.67 -8.38
CA ILE C 49 -26.32 29.49 -9.82
C ILE C 49 -26.23 27.99 -10.11
N TYR C 50 -27.05 27.53 -11.04
CA TYR C 50 -26.96 26.16 -11.55
C TYR C 50 -27.04 26.21 -13.06
N GLY C 51 -26.73 25.09 -13.70
CA GLY C 51 -26.72 25.02 -15.14
C GLY C 51 -25.81 26.08 -15.75
N ALA C 52 -24.73 26.40 -15.03
CA ALA C 52 -23.74 27.40 -15.41
C ALA C 52 -24.32 28.80 -15.47
N SER C 53 -25.48 28.98 -16.11
CA SER C 53 -26.02 30.32 -16.36
C SER C 53 -27.49 30.43 -15.99
N SER C 54 -27.94 29.67 -14.99
CA SER C 54 -29.32 29.75 -14.51
C SER C 54 -29.31 30.14 -13.04
N GLY C 55 -29.91 31.28 -12.73
CA GLY C 55 -29.98 31.73 -11.34
C GLY C 55 -31.00 30.94 -10.54
N ALA C 56 -30.65 30.66 -9.29
CA ALA C 56 -31.52 29.90 -8.41
C ALA C 56 -32.65 30.78 -7.89
N THR C 57 -33.66 30.13 -7.32
CA THR C 57 -34.83 30.84 -6.83
C THR C 57 -34.46 31.69 -5.62
N GLY C 58 -34.86 32.96 -5.64
CA GLY C 58 -34.57 33.88 -4.57
C GLY C 58 -33.24 34.59 -4.68
N ILE C 59 -32.41 34.24 -5.67
CA ILE C 59 -31.11 34.88 -5.83
C ILE C 59 -31.30 36.18 -6.60
N PRO C 60 -30.72 37.29 -6.13
CA PRO C 60 -30.85 38.56 -6.87
C PRO C 60 -30.22 38.48 -8.24
N ASP C 61 -30.70 39.35 -9.14
CA ASP C 61 -30.22 39.36 -10.51
C ASP C 61 -28.79 39.86 -10.64
N ARG C 62 -28.20 40.41 -9.57
CA ARG C 62 -26.81 40.84 -9.64
C ARG C 62 -25.85 39.65 -9.72
N PHE C 63 -26.32 38.45 -9.40
CA PHE C 63 -25.54 37.24 -9.59
C PHE C 63 -25.78 36.72 -11.00
N SER C 64 -24.68 36.38 -11.69
CA SER C 64 -24.74 35.89 -13.05
C SER C 64 -23.72 34.76 -13.22
N GLY C 65 -23.95 33.92 -14.22
CA GLY C 65 -23.07 32.79 -14.47
C GLY C 65 -22.79 32.64 -15.94
N SER C 66 -21.56 32.20 -16.25
CA SER C 66 -21.13 32.01 -17.61
C SER C 66 -20.04 30.95 -17.64
N GLY C 67 -19.73 30.46 -18.83
CA GLY C 67 -18.69 29.48 -19.03
C GLY C 67 -19.16 28.31 -19.85
N SER C 68 -18.21 27.45 -20.20
CA SER C 68 -18.45 26.25 -20.99
C SER C 68 -17.19 25.40 -21.01
N GLY C 69 -17.37 24.08 -20.97
CA GLY C 69 -16.25 23.18 -21.10
C GLY C 69 -15.44 23.03 -19.83
N THR C 70 -14.28 23.69 -19.80
CA THR C 70 -13.36 23.62 -18.67
C THR C 70 -13.31 24.91 -17.86
N ASP C 71 -13.91 26.00 -18.35
CA ASP C 71 -13.80 27.30 -17.71
C ASP C 71 -15.18 27.89 -17.48
N PHE C 72 -15.41 28.38 -16.27
CA PHE C 72 -16.69 28.94 -15.87
C PHE C 72 -16.45 30.16 -15.00
N THR C 73 -17.43 31.06 -15.00
CA THR C 73 -17.28 32.37 -14.38
C THR C 73 -18.51 32.72 -13.56
N LEU C 74 -18.29 33.24 -12.36
CA LEU C 74 -19.35 33.81 -11.52
C LEU C 74 -19.10 35.31 -11.42
N THR C 75 -20.08 36.10 -11.86
CA THR C 75 -19.96 37.55 -11.91
C THR C 75 -21.01 38.19 -11.02
N ILE C 76 -20.57 39.03 -10.09
CA ILE C 76 -21.44 39.83 -9.26
C ILE C 76 -21.32 41.27 -9.74
N SER C 77 -22.40 41.80 -10.32
CA SER C 77 -22.35 43.09 -11.00
C SER C 77 -21.95 44.20 -10.03
N ARG C 78 -22.59 44.27 -8.87
CA ARG C 78 -22.32 45.30 -7.88
C ARG C 78 -22.31 44.63 -6.51
N LEU C 79 -21.14 44.60 -5.88
CA LEU C 79 -20.96 43.81 -4.67
C LEU C 79 -21.63 44.49 -3.48
N GLU C 80 -22.63 43.82 -2.91
CA GLU C 80 -23.34 44.27 -1.72
C GLU C 80 -22.64 43.76 -0.47
N PRO C 81 -22.85 44.41 0.68
CA PRO C 81 -22.20 43.95 1.91
C PRO C 81 -22.57 42.53 2.30
N GLU C 82 -23.76 42.07 1.95
CA GLU C 82 -24.16 40.70 2.28
C GLU C 82 -23.56 39.67 1.33
N ASP C 83 -22.75 40.09 0.35
CA ASP C 83 -22.18 39.17 -0.62
C ASP C 83 -20.77 38.74 -0.26
N PHE C 84 -20.17 39.35 0.76
CA PHE C 84 -18.81 38.99 1.17
C PHE C 84 -18.86 37.70 1.97
N ALA C 85 -18.46 36.61 1.32
CA ALA C 85 -18.47 35.27 1.91
C ALA C 85 -17.58 34.39 1.04
N VAL C 86 -17.67 33.08 1.26
CA VAL C 86 -16.92 32.10 0.47
C VAL C 86 -17.84 31.52 -0.59
N TYR C 87 -17.31 31.30 -1.78
CA TYR C 87 -18.08 30.81 -2.91
C TYR C 87 -17.44 29.54 -3.47
N TYR C 88 -18.26 28.50 -3.66
CA TYR C 88 -17.81 27.24 -4.21
C TYR C 88 -18.53 26.94 -5.52
N CYS C 89 -17.84 26.26 -6.43
CA CYS C 89 -18.46 25.65 -7.60
C CYS C 89 -18.40 24.14 -7.48
N GLN C 90 -19.45 23.47 -7.95
CA GLN C 90 -19.51 22.02 -7.95
C GLN C 90 -19.98 21.50 -9.29
N GLN C 91 -19.24 20.56 -9.86
CA GLN C 91 -19.73 19.79 -11.00
C GLN C 91 -20.43 18.56 -10.48
N TYR C 92 -21.63 18.30 -10.98
CA TYR C 92 -22.46 17.21 -10.48
C TYR C 92 -23.06 16.41 -11.63
N GLY C 93 -22.30 16.26 -12.70
CA GLY C 93 -22.72 15.43 -13.82
C GLY C 93 -21.97 14.12 -13.87
N SER C 94 -20.65 14.18 -13.80
CA SER C 94 -19.80 13.00 -13.78
C SER C 94 -19.47 12.65 -12.34
N SER C 95 -19.86 11.45 -11.91
CA SER C 95 -19.54 11.01 -10.57
C SER C 95 -18.05 10.66 -10.47
N PRO C 96 -17.38 11.03 -9.38
CA PRO C 96 -17.87 11.78 -8.21
C PRO C 96 -18.04 13.28 -8.45
N TYR C 97 -18.97 13.89 -7.70
CA TYR C 97 -19.34 15.29 -7.91
C TYR C 97 -18.38 16.17 -7.12
N THR C 98 -17.25 16.51 -7.74
CA THR C 98 -16.16 17.17 -7.02
C THR C 98 -16.39 18.68 -6.87
N PHE C 99 -15.83 19.23 -5.79
CA PHE C 99 -15.90 20.65 -5.49
C PHE C 99 -14.57 21.35 -5.76
N GLY C 100 -14.65 22.67 -5.94
CA GLY C 100 -13.47 23.50 -5.93
C GLY C 100 -13.05 23.84 -4.51
N GLN C 101 -11.90 24.50 -4.39
CA GLN C 101 -11.33 24.80 -3.08
C GLN C 101 -11.77 26.14 -2.52
N GLY C 102 -12.71 26.82 -3.17
CA GLY C 102 -13.35 28.00 -2.59
C GLY C 102 -12.63 29.29 -2.91
N THR C 103 -13.41 30.36 -2.96
CA THR C 103 -12.90 31.72 -3.13
C THR C 103 -13.57 32.64 -2.12
N LYS C 104 -12.76 33.25 -1.24
CA LYS C 104 -13.27 34.16 -0.23
C LYS C 104 -13.25 35.59 -0.76
N VAL C 105 -14.42 36.23 -0.80
CA VAL C 105 -14.53 37.62 -1.21
C VAL C 105 -14.59 38.48 0.05
N GLU C 106 -13.55 39.28 0.28
CA GLU C 106 -13.44 40.11 1.46
C GLU C 106 -13.47 41.58 1.07
N ILE C 107 -13.78 42.44 2.04
CA ILE C 107 -13.83 43.88 1.80
C ILE C 107 -12.41 44.43 1.85
N LYS C 108 -12.01 45.11 0.77
CA LYS C 108 -10.73 45.79 0.75
C LYS C 108 -10.83 47.08 1.56
N ARG C 109 -9.71 47.46 2.17
CA ARG C 109 -9.72 48.59 3.09
C ARG C 109 -8.32 49.16 3.17
N THR C 110 -8.21 50.34 3.77
CA THR C 110 -6.90 50.97 3.97
C THR C 110 -6.13 50.20 5.04
N VAL C 111 -4.80 50.17 4.89
CA VAL C 111 -3.95 49.48 5.85
C VAL C 111 -4.15 50.08 7.23
N ALA C 112 -4.40 49.21 8.21
CA ALA C 112 -4.62 49.64 9.59
C ALA C 112 -3.70 48.85 10.50
N ALA C 113 -2.94 49.57 11.33
CA ALA C 113 -2.01 48.93 12.26
C ALA C 113 -2.77 48.38 13.46
N PRO C 114 -2.34 47.24 14.00
CA PRO C 114 -3.04 46.65 15.14
C PRO C 114 -2.74 47.37 16.44
N SER C 115 -3.74 47.38 17.32
CA SER C 115 -3.55 47.77 18.72
C SER C 115 -3.11 46.54 19.50
N VAL C 116 -1.93 46.60 20.10
CA VAL C 116 -1.29 45.43 20.70
C VAL C 116 -1.38 45.54 22.22
N PHE C 117 -1.82 44.46 22.85
CA PHE C 117 -1.91 44.35 24.30
C PHE C 117 -1.36 42.99 24.72
N ILE C 118 -0.64 42.96 25.83
CA ILE C 118 -0.11 41.71 26.39
C ILE C 118 -0.75 41.49 27.75
N PHE C 119 -1.05 40.23 28.06
CA PHE C 119 -1.74 39.87 29.30
C PHE C 119 -0.92 38.83 30.06
N PRO C 120 -0.43 39.15 31.25
CA PRO C 120 0.25 38.15 32.07
C PRO C 120 -0.72 37.09 32.54
N PRO C 121 -0.24 35.90 32.90
CA PRO C 121 -1.12 34.88 33.46
C PRO C 121 -1.66 35.33 34.82
N SER C 122 -2.95 35.11 35.02
CA SER C 122 -3.59 35.54 36.25
C SER C 122 -3.06 34.73 37.43
N ASP C 123 -3.17 35.32 38.62
CA ASP C 123 -2.77 34.62 39.84
C ASP C 123 -3.62 33.37 40.05
N GLU C 124 -4.89 33.41 39.65
CA GLU C 124 -5.75 32.24 39.78
C GLU C 124 -5.26 31.08 38.92
N GLN C 125 -4.72 31.38 37.73
CA GLN C 125 -4.23 30.32 36.86
C GLN C 125 -2.88 29.79 37.33
N LEU C 126 -2.02 30.67 37.84
CA LEU C 126 -0.74 30.21 38.38
C LEU C 126 -0.95 29.26 39.55
N LYS C 127 -2.06 29.41 40.27
CA LYS C 127 -2.42 28.48 41.33
C LYS C 127 -2.58 27.06 40.80
N SER C 128 -2.89 26.91 39.51
CA SER C 128 -3.12 25.62 38.88
C SER C 128 -1.84 25.00 38.32
N GLY C 129 -0.71 25.70 38.37
CA GLY C 129 0.54 25.17 37.90
C GLY C 129 0.84 25.38 36.43
N THR C 130 0.06 26.18 35.72
CA THR C 130 0.29 26.49 34.32
C THR C 130 0.13 27.99 34.12
N ALA C 131 0.94 28.55 33.22
CA ALA C 131 0.92 29.98 32.93
C ALA C 131 0.60 30.19 31.47
N SER C 132 -0.29 31.14 31.20
CA SER C 132 -0.69 31.49 29.84
C SER C 132 -0.52 32.99 29.66
N VAL C 133 0.36 33.38 28.75
CA VAL C 133 0.55 34.78 28.39
C VAL C 133 -0.17 35.02 27.07
N VAL C 134 -1.01 36.06 27.03
CA VAL C 134 -1.86 36.33 25.89
C VAL C 134 -1.45 37.65 25.27
N CYS C 135 -1.33 37.65 23.94
CA CYS C 135 -1.00 38.85 23.17
C CYS C 135 -2.16 39.12 22.22
N LEU C 136 -2.74 40.31 22.30
CA LEU C 136 -3.92 40.67 21.52
C LEU C 136 -3.54 41.68 20.44
N LEU C 137 -3.80 41.31 19.19
CA LEU C 137 -3.64 42.20 18.04
C LEU C 137 -5.03 42.63 17.60
N ASN C 138 -5.37 43.90 17.81
CA ASN C 138 -6.75 44.36 17.76
C ASN C 138 -7.01 45.19 16.51
N ASN C 139 -7.97 44.74 15.70
CA ASN C 139 -8.54 45.51 14.59
C ASN C 139 -7.48 46.00 13.61
N PHE C 140 -7.01 45.13 12.72
CA PHE C 140 -6.00 45.48 11.73
C PHE C 140 -6.41 44.95 10.37
N TYR C 141 -5.77 45.53 9.33
CA TYR C 141 -5.98 45.12 7.94
C TYR C 141 -4.72 45.46 7.18
N PRO C 142 -4.23 44.56 6.30
CA PRO C 142 -4.81 43.26 5.96
C PRO C 142 -4.62 42.19 7.04
N ARG C 143 -5.00 40.95 6.74
CA ARG C 143 -5.00 39.90 7.75
C ARG C 143 -3.58 39.49 8.13
N GLU C 144 -2.63 39.57 7.20
CA GLU C 144 -1.28 39.07 7.45
C GLU C 144 -0.63 39.80 8.61
N ALA C 145 -0.15 39.04 9.58
CA ALA C 145 0.52 39.59 10.76
C ALA C 145 1.43 38.52 11.35
N LYS C 146 2.47 38.97 12.05
CA LYS C 146 3.45 38.08 12.65
C LYS C 146 3.62 38.42 14.12
N VAL C 147 3.57 37.41 14.98
CA VAL C 147 3.78 37.55 16.41
C VAL C 147 4.97 36.68 16.81
N GLN C 148 5.90 37.26 17.58
CA GLN C 148 7.04 36.53 18.11
C GLN C 148 7.12 36.74 19.61
N TRP C 149 7.15 35.64 20.36
CA TRP C 149 7.27 35.68 21.81
C TRP C 149 8.75 35.65 22.19
N LYS C 150 9.14 36.52 23.12
CA LYS C 150 10.50 36.58 23.62
C LYS C 150 10.47 36.54 25.13
N VAL C 151 11.20 35.58 25.71
CA VAL C 151 11.26 35.37 27.16
C VAL C 151 12.70 35.60 27.59
N ASP C 152 12.95 36.74 28.24
CA ASP C 152 14.31 37.18 28.57
C ASP C 152 15.19 37.19 27.32
N ASN C 153 14.67 37.81 26.26
CA ASN C 153 15.32 37.98 24.97
C ASN C 153 15.50 36.68 24.21
N ALA C 154 14.90 35.59 24.69
CA ALA C 154 14.97 34.30 24.02
C ALA C 154 13.73 34.11 23.16
N LEU C 155 13.93 34.01 21.85
CA LEU C 155 12.80 33.84 20.93
C LEU C 155 12.20 32.45 21.12
N GLN C 156 10.90 32.40 21.33
CA GLN C 156 10.20 31.15 21.58
C GLN C 156 9.71 30.55 20.26
N SER C 157 9.52 29.23 20.27
CA SER C 157 9.02 28.51 19.12
C SER C 157 8.42 27.20 19.57
N GLY C 158 7.24 26.88 19.03
CA GLY C 158 6.60 25.62 19.29
C GLY C 158 5.77 25.56 20.56
N ASN C 159 5.61 26.68 21.26
CA ASN C 159 4.81 26.71 22.48
C ASN C 159 3.79 27.84 22.43
N SER C 160 3.27 28.15 21.24
CA SER C 160 2.29 29.20 21.06
C SER C 160 1.28 28.77 20.00
N GLN C 161 0.06 29.28 20.13
CA GLN C 161 -1.01 29.01 19.18
C GLN C 161 -1.78 30.31 18.93
N GLU C 162 -2.29 30.45 17.71
CA GLU C 162 -2.92 31.69 17.27
C GLU C 162 -4.36 31.43 16.87
N SER C 163 -5.11 32.53 16.73
CA SER C 163 -6.52 32.48 16.37
C SER C 163 -6.91 33.84 15.82
N VAL C 164 -7.61 33.85 14.68
CA VAL C 164 -8.01 35.07 14.01
CA VAL C 164 -8.01 35.07 14.01
C VAL C 164 -9.51 35.07 13.82
N THR C 165 -10.13 36.22 14.07
CA THR C 165 -11.57 36.37 13.89
C THR C 165 -11.90 36.64 12.42
N GLU C 166 -13.18 36.49 12.09
CA GLU C 166 -13.65 36.86 10.76
C GLU C 166 -13.59 38.36 10.57
N GLN C 167 -13.63 38.78 9.31
CA GLN C 167 -13.58 40.21 8.99
C GLN C 167 -14.78 40.93 9.60
N ASP C 168 -14.51 41.97 10.37
CA ASP C 168 -15.55 42.66 11.10
C ASP C 168 -16.51 43.36 10.14
N SER C 169 -17.80 43.32 10.46
CA SER C 169 -18.82 43.86 9.59
C SER C 169 -18.95 45.37 9.64
N LYS C 170 -18.23 46.05 10.52
CA LYS C 170 -18.30 47.51 10.64
C LYS C 170 -17.05 48.23 10.20
N ASP C 171 -15.87 47.75 10.56
CA ASP C 171 -14.62 48.37 10.14
C ASP C 171 -13.75 47.47 9.27
N SER C 172 -14.24 46.28 8.91
CA SER C 172 -13.56 45.39 7.97
C SER C 172 -12.17 45.00 8.44
N THR C 173 -11.93 45.00 9.75
CA THR C 173 -10.65 44.62 10.30
C THR C 173 -10.70 43.19 10.86
N TYR C 174 -9.51 42.67 11.16
CA TYR C 174 -9.34 41.37 11.78
C TYR C 174 -8.68 41.55 13.14
N SER C 175 -8.81 40.53 13.99
CA SER C 175 -8.15 40.51 15.28
C SER C 175 -7.49 39.16 15.51
N LEU C 176 -6.37 39.17 16.20
CA LEU C 176 -5.57 37.97 16.42
C LEU C 176 -5.28 37.82 17.90
N SER C 177 -5.30 36.57 18.37
CA SER C 177 -5.00 36.22 19.75
C SER C 177 -3.94 35.13 19.76
N SER C 178 -2.80 35.41 20.38
CA SER C 178 -1.70 34.46 20.49
C SER C 178 -1.47 34.13 21.95
N THR C 179 -1.33 32.84 22.25
CA THR C 179 -1.21 32.36 23.62
C THR C 179 0.10 31.60 23.78
N LEU C 180 0.99 32.11 24.64
CA LEU C 180 2.20 31.41 25.04
C LEU C 180 1.90 30.59 26.28
N THR C 181 2.32 29.32 26.27
CA THR C 181 1.98 28.38 27.34
C THR C 181 3.25 27.82 27.96
N LEU C 182 3.46 28.13 29.24
CA LEU C 182 4.56 27.56 30.01
C LEU C 182 4.03 26.98 31.31
N SER C 183 4.80 26.09 31.91
CA SER C 183 4.50 25.61 33.25
C SER C 183 4.80 26.69 34.27
N LYS C 184 4.22 26.54 35.46
CA LYS C 184 4.48 27.51 36.53
C LYS C 184 5.96 27.58 36.86
N ALA C 185 6.67 26.44 36.77
CA ALA C 185 8.09 26.44 37.08
C ALA C 185 8.87 27.26 36.06
N ASP C 186 8.67 27.00 34.77
CA ASP C 186 9.40 27.72 33.74
C ASP C 186 9.05 29.19 33.73
N TYR C 187 7.77 29.52 33.96
CA TYR C 187 7.37 30.92 33.93
C TYR C 187 8.05 31.72 35.03
N GLU C 188 8.20 31.13 36.22
CA GLU C 188 8.84 31.82 37.33
C GLU C 188 10.36 31.88 37.19
N LYS C 189 10.94 31.24 36.17
CA LYS C 189 12.38 31.26 35.96
C LYS C 189 12.84 32.50 35.20
N HIS C 190 11.93 33.32 34.68
CA HIS C 190 12.28 34.45 33.84
C HIS C 190 11.53 35.69 34.31
N LYS C 191 11.93 36.84 33.76
CA LYS C 191 11.45 38.14 34.23
C LYS C 191 10.67 38.90 33.17
N VAL C 192 11.21 39.08 31.98
CA VAL C 192 10.61 39.92 30.95
C VAL C 192 9.93 39.03 29.92
N TYR C 193 8.63 39.26 29.71
CA TYR C 193 7.84 38.55 28.72
C TYR C 193 7.29 39.56 27.73
N ALA C 194 7.59 39.36 26.45
CA ALA C 194 7.22 40.30 25.41
C ALA C 194 6.77 39.57 24.16
N CYS C 195 5.81 40.17 23.45
CA CYS C 195 5.38 39.68 22.15
CA CYS C 195 5.39 39.68 22.14
C CYS C 195 5.61 40.79 21.12
N GLU C 196 6.38 40.46 20.09
CA GLU C 196 6.72 41.40 19.02
C GLU C 196 5.75 41.25 17.87
N VAL C 197 5.12 42.35 17.46
CA VAL C 197 4.09 42.33 16.42
C VAL C 197 4.65 43.02 15.18
N THR C 198 4.68 42.27 14.07
CA THR C 198 5.09 42.80 12.78
C THR C 198 3.86 42.87 11.87
N HIS C 199 3.65 44.02 11.25
CA HIS C 199 2.48 44.22 10.40
C HIS C 199 2.79 45.31 9.39
N GLN C 200 2.02 45.28 8.29
CA GLN C 200 2.22 46.23 7.21
C GLN C 200 2.00 47.67 7.67
N GLY C 201 1.04 47.87 8.58
CA GLY C 201 0.75 49.20 9.12
C GLY C 201 1.76 49.75 10.10
N LEU C 202 2.76 48.96 10.48
CA LEU C 202 3.80 49.39 11.40
C LEU C 202 5.10 49.58 10.64
N SER C 203 5.70 50.76 10.78
CA SER C 203 6.98 51.03 10.13
C SER C 203 8.09 50.13 10.67
N SER C 204 7.95 49.64 11.90
CA SER C 204 8.90 48.73 12.52
C SER C 204 8.15 47.90 13.52
N PRO C 205 8.63 46.68 13.82
CA PRO C 205 7.88 45.80 14.73
C PRO C 205 7.66 46.43 16.09
N VAL C 206 6.42 46.36 16.56
CA VAL C 206 6.02 46.89 17.86
C VAL C 206 6.11 45.79 18.90
N THR C 207 6.66 46.12 20.07
CA THR C 207 6.84 45.18 21.16
C THR C 207 6.06 45.65 22.38
N LYS C 208 5.26 44.76 22.96
CA LYS C 208 4.58 44.99 24.22
C LYS C 208 5.07 43.95 25.23
N SER C 209 5.49 44.41 26.40
CA SER C 209 6.11 43.53 27.38
C SER C 209 5.54 43.82 28.76
N PHE C 210 5.94 42.99 29.73
CA PHE C 210 5.65 43.22 31.13
C PHE C 210 6.72 42.52 31.96
N ASN C 211 6.98 43.07 33.14
CA ASN C 211 7.90 42.45 34.09
C ASN C 211 7.11 41.59 35.06
N ARG C 212 7.52 40.33 35.19
CA ARG C 212 6.82 39.35 36.03
C ARG C 212 6.58 39.89 37.44
N GLY C 213 5.32 39.96 37.84
CA GLY C 213 4.96 40.44 39.16
C GLY C 213 4.66 41.92 39.21
N GLU C 214 5.62 42.73 38.79
CA GLU C 214 5.49 44.18 38.81
C GLU C 214 4.40 44.67 37.86
N GLN D 1 -2.84 -6.37 -8.71
CA GLN D 1 -3.61 -7.52 -9.16
C GLN D 1 -4.53 -8.04 -8.06
N VAL D 2 -5.73 -8.46 -8.44
CA VAL D 2 -6.67 -9.03 -7.49
C VAL D 2 -6.12 -10.35 -6.97
N GLN D 3 -5.97 -10.45 -5.66
CA GLN D 3 -5.20 -11.55 -5.08
C GLN D 3 -5.65 -11.85 -3.66
N LEU D 4 -5.69 -13.15 -3.33
CA LEU D 4 -5.95 -13.63 -1.98
C LEU D 4 -4.87 -14.64 -1.63
N VAL D 5 -4.29 -14.53 -0.44
CA VAL D 5 -3.18 -15.38 -0.02
C VAL D 5 -3.48 -15.93 1.36
N GLU D 6 -3.56 -17.27 1.47
CA GLU D 6 -3.85 -17.93 2.73
C GLU D 6 -2.58 -18.25 3.49
N SER D 7 -2.74 -18.44 4.80
CA SER D 7 -1.64 -18.82 5.68
C SER D 7 -2.22 -19.31 7.00
N GLY D 8 -1.41 -20.05 7.74
CA GLY D 8 -1.80 -20.55 9.04
C GLY D 8 -2.08 -22.04 9.11
N GLY D 9 -1.94 -22.77 8.01
CA GLY D 9 -2.17 -24.21 8.05
C GLY D 9 -1.03 -24.95 8.72
N GLY D 10 -1.30 -26.20 9.06
CA GLY D 10 -0.30 -27.04 9.68
C GLY D 10 -0.90 -28.33 10.18
N VAL D 11 -0.09 -29.06 10.94
CA VAL D 11 -0.52 -30.32 11.55
C VAL D 11 -0.99 -30.03 12.96
N VAL D 12 -2.13 -30.62 13.33
CA VAL D 12 -2.77 -30.36 14.62
C VAL D 12 -3.40 -31.64 15.13
N GLN D 13 -3.17 -31.95 16.41
CA GLN D 13 -3.78 -33.12 17.01
C GLN D 13 -5.30 -32.95 17.06
N PRO D 14 -6.05 -34.05 17.06
CA PRO D 14 -7.52 -33.95 17.15
C PRO D 14 -7.95 -33.27 18.43
N GLY D 15 -8.93 -32.39 18.31
CA GLY D 15 -9.47 -31.66 19.44
C GLY D 15 -8.82 -30.31 19.69
N ARG D 16 -7.64 -30.07 19.14
CA ARG D 16 -6.93 -28.81 19.34
C ARG D 16 -7.40 -27.81 18.28
N SER D 17 -6.75 -26.65 18.20
CA SER D 17 -7.28 -25.53 17.42
C SER D 17 -6.22 -24.99 16.47
N LEU D 18 -6.71 -24.31 15.42
CA LEU D 18 -5.89 -23.61 14.45
C LEU D 18 -6.62 -22.35 14.02
N ARG D 19 -5.85 -21.38 13.53
CA ARG D 19 -6.41 -20.12 13.03
C ARG D 19 -5.81 -19.83 11.68
N LEU D 20 -6.66 -19.67 10.67
CA LEU D 20 -6.24 -19.36 9.31
C LEU D 20 -6.48 -17.89 9.00
N SER D 21 -5.62 -17.32 8.16
CA SER D 21 -5.73 -15.93 7.75
C SER D 21 -5.69 -15.85 6.23
N CYS D 22 -6.30 -14.79 5.70
CA CYS D 22 -6.40 -14.58 4.25
C CYS D 22 -6.05 -13.13 3.96
N ALA D 23 -4.98 -12.91 3.21
CA ALA D 23 -4.51 -11.57 2.88
C ALA D 23 -5.04 -11.17 1.51
N ALA D 24 -5.75 -10.06 1.44
CA ALA D 24 -6.36 -9.60 0.21
C ALA D 24 -5.67 -8.34 -0.30
N SER D 25 -5.69 -8.18 -1.62
CA SER D 25 -5.12 -7.00 -2.27
C SER D 25 -5.69 -6.89 -3.67
N GLY D 26 -5.69 -5.67 -4.20
CA GLY D 26 -6.13 -5.43 -5.55
C GLY D 26 -7.61 -5.18 -5.73
N PHE D 27 -8.38 -5.09 -4.65
CA PHE D 27 -9.80 -4.78 -4.75
C PHE D 27 -10.25 -4.16 -3.45
N THR D 28 -11.34 -3.39 -3.54
CA THR D 28 -11.94 -2.76 -2.36
C THR D 28 -12.46 -3.87 -1.44
N PHE D 29 -11.72 -4.14 -0.37
CA PHE D 29 -11.94 -5.32 0.45
C PHE D 29 -13.32 -5.30 1.09
N ASN D 30 -13.76 -4.15 1.59
CA ASN D 30 -14.99 -4.07 2.37
C ASN D 30 -16.25 -4.11 1.51
N ASN D 31 -16.12 -4.13 0.19
CA ASN D 31 -17.28 -4.21 -0.70
C ASN D 31 -17.69 -5.64 -1.00
N TYR D 32 -16.97 -6.64 -0.50
CA TYR D 32 -17.18 -8.01 -0.91
C TYR D 32 -17.35 -8.93 0.30
N PRO D 33 -18.39 -9.76 0.32
CA PRO D 33 -18.38 -10.93 1.21
C PRO D 33 -17.23 -11.85 0.83
N LEU D 34 -16.87 -12.73 1.76
CA LEU D 34 -15.76 -13.65 1.54
C LEU D 34 -16.12 -15.04 2.07
N HIS D 35 -15.62 -16.05 1.38
CA HIS D 35 -15.93 -17.44 1.67
C HIS D 35 -14.70 -18.19 2.13
N TRP D 36 -14.94 -19.30 2.81
CA TRP D 36 -13.92 -20.31 3.09
C TRP D 36 -14.38 -21.61 2.45
N VAL D 37 -13.55 -22.14 1.55
CA VAL D 37 -13.85 -23.39 0.86
C VAL D 37 -12.68 -24.34 1.10
N ARG D 38 -12.99 -25.59 1.44
CA ARG D 38 -11.98 -26.60 1.68
C ARG D 38 -12.14 -27.75 0.70
N GLN D 39 -11.06 -28.51 0.53
CA GLN D 39 -11.05 -29.62 -0.42
C GLN D 39 -10.15 -30.71 0.13
N ALA D 40 -10.76 -31.79 0.60
CA ALA D 40 -10.02 -32.94 1.09
C ALA D 40 -9.24 -33.59 -0.06
N PRO D 41 -8.21 -34.37 0.25
CA PRO D 41 -7.45 -35.04 -0.81
C PRO D 41 -8.32 -35.95 -1.65
N GLY D 42 -8.31 -35.73 -2.96
CA GLY D 42 -9.03 -36.57 -3.90
C GLY D 42 -10.52 -36.32 -3.99
N LYS D 43 -11.05 -35.33 -3.29
CA LYS D 43 -12.47 -35.03 -3.29
C LYS D 43 -12.72 -33.66 -3.89
N GLY D 44 -14.01 -33.34 -4.05
CA GLY D 44 -14.41 -32.06 -4.59
C GLY D 44 -14.39 -30.98 -3.55
N PRO D 45 -14.55 -29.74 -4.01
CA PRO D 45 -14.59 -28.61 -3.07
C PRO D 45 -15.82 -28.67 -2.18
N GLU D 46 -15.66 -28.21 -0.94
CA GLU D 46 -16.76 -28.11 0.02
C GLU D 46 -16.79 -26.71 0.59
N TRP D 47 -17.94 -26.04 0.47
CA TRP D 47 -18.12 -24.71 1.04
C TRP D 47 -18.20 -24.82 2.56
N VAL D 48 -17.49 -23.93 3.26
CA VAL D 48 -17.40 -23.97 4.72
C VAL D 48 -18.18 -22.83 5.36
N ALA D 49 -17.87 -21.59 4.99
CA ALA D 49 -18.48 -20.44 5.65
C ALA D 49 -18.43 -19.23 4.74
N VAL D 50 -19.16 -18.20 5.13
CA VAL D 50 -19.15 -16.91 4.45
C VAL D 50 -19.42 -15.83 5.47
N ILE D 51 -18.86 -14.65 5.23
CA ILE D 51 -19.08 -13.48 6.08
C ILE D 51 -19.46 -12.32 5.18
N SER D 52 -20.35 -11.46 5.66
CA SER D 52 -20.82 -10.34 4.87
C SER D 52 -19.74 -9.26 4.80
N GLN D 53 -20.09 -8.15 4.15
CA GLN D 53 -19.13 -7.05 3.99
C GLN D 53 -18.70 -6.49 5.35
N ASP D 54 -19.66 -6.11 6.18
CA ASP D 54 -19.38 -5.49 7.47
C ASP D 54 -19.14 -6.53 8.57
N GLY D 55 -19.28 -7.81 8.28
CA GLY D 55 -19.13 -8.84 9.28
C GLY D 55 -20.36 -9.13 10.11
N GLY D 56 -21.48 -8.46 9.84
CA GLY D 56 -22.67 -8.66 10.64
C GLY D 56 -23.32 -10.02 10.44
N ASN D 57 -23.15 -10.62 9.27
CA ASN D 57 -23.75 -11.90 8.95
C ASN D 57 -22.68 -12.96 8.75
N LYS D 58 -22.94 -14.16 9.29
CA LYS D 58 -22.05 -15.30 9.15
C LYS D 58 -22.90 -16.55 8.95
N TYR D 59 -22.46 -17.42 8.04
CA TYR D 59 -23.15 -18.67 7.77
C TYR D 59 -22.13 -19.79 7.71
N TYR D 60 -22.53 -20.98 8.16
CA TYR D 60 -21.59 -22.09 8.31
C TYR D 60 -22.23 -23.38 7.80
N VAL D 61 -21.38 -24.27 7.30
CA VAL D 61 -21.81 -25.63 7.00
C VAL D 61 -22.03 -26.37 8.32
N ASP D 62 -23.01 -27.28 8.33
CA ASP D 62 -23.38 -27.97 9.57
C ASP D 62 -22.21 -28.76 10.15
N SER D 63 -21.27 -29.19 9.30
CA SER D 63 -20.16 -30.02 9.78
C SER D 63 -19.27 -29.26 10.75
N VAL D 64 -19.22 -27.93 10.66
CA VAL D 64 -18.34 -27.12 11.49
C VAL D 64 -19.10 -26.20 12.42
N LYS D 65 -20.44 -26.26 12.41
CA LYS D 65 -21.24 -25.34 13.21
C LYS D 65 -20.89 -25.46 14.69
N GLY D 66 -20.54 -24.34 15.31
CA GLY D 66 -20.14 -24.31 16.69
C GLY D 66 -18.68 -24.56 16.94
N ARG D 67 -17.95 -25.07 15.96
CA ARG D 67 -16.52 -25.31 16.10
C ARG D 67 -15.68 -24.28 15.35
N PHE D 68 -16.16 -23.79 14.22
CA PHE D 68 -15.46 -22.81 13.41
C PHE D 68 -16.13 -21.44 13.57
N THR D 69 -15.32 -20.39 13.48
CA THR D 69 -15.83 -19.03 13.48
C THR D 69 -15.07 -18.22 12.43
N ILE D 70 -15.82 -17.58 11.54
CA ILE D 70 -15.27 -16.74 10.48
C ILE D 70 -15.34 -15.29 10.93
N SER D 71 -14.33 -14.50 10.58
CA SER D 71 -14.31 -13.09 10.94
C SER D 71 -13.39 -12.36 9.97
N ARG D 72 -13.45 -11.03 10.01
CA ARG D 72 -12.67 -10.22 9.09
C ARG D 72 -12.21 -8.95 9.79
N ASP D 73 -11.15 -8.34 9.22
CA ASP D 73 -10.57 -7.10 9.71
C ASP D 73 -10.49 -6.16 8.52
N ASN D 74 -11.51 -5.30 8.36
CA ASN D 74 -11.58 -4.47 7.16
C ASN D 74 -10.48 -3.43 7.13
N SER D 75 -9.96 -3.03 8.29
CA SER D 75 -8.82 -2.12 8.31
C SER D 75 -7.54 -2.79 7.86
N LYS D 76 -7.45 -4.12 7.99
CA LYS D 76 -6.25 -4.87 7.63
C LYS D 76 -6.43 -5.71 6.37
N ASN D 77 -7.60 -5.67 5.72
CA ASN D 77 -7.87 -6.44 4.51
C ASN D 77 -7.62 -7.93 4.72
N THR D 78 -7.99 -8.42 5.90
CA THR D 78 -7.69 -9.80 6.28
C THR D 78 -8.96 -10.52 6.72
N LEU D 79 -9.15 -11.72 6.20
CA LEU D 79 -10.21 -12.64 6.61
C LEU D 79 -9.60 -13.75 7.45
N TYR D 80 -10.37 -14.24 8.43
CA TYR D 80 -9.90 -15.29 9.31
C TYR D 80 -10.89 -16.44 9.34
N LEU D 81 -10.41 -17.59 9.81
CA LEU D 81 -11.27 -18.74 10.13
C LEU D 81 -10.68 -19.42 11.37
N GLN D 82 -11.35 -19.23 12.51
CA GLN D 82 -10.91 -19.84 13.77
C GLN D 82 -11.44 -21.26 13.82
N MET D 83 -10.55 -22.24 13.81
CA MET D 83 -10.92 -23.66 13.76
C MET D 83 -10.62 -24.28 15.11
N ASN D 84 -11.68 -24.59 15.86
CA ASN D 84 -11.56 -25.19 17.18
C ASN D 84 -12.12 -26.60 17.18
N ASN D 85 -11.59 -27.44 18.07
CA ASN D 85 -12.04 -28.81 18.25
C ASN D 85 -12.01 -29.58 16.94
N LEU D 86 -10.81 -29.65 16.37
CA LEU D 86 -10.63 -30.18 15.02
C LEU D 86 -10.74 -31.71 15.00
N ARG D 87 -11.48 -32.21 14.02
CA ARG D 87 -11.65 -33.65 13.82
C ARG D 87 -10.83 -34.10 12.62
N ALA D 88 -10.70 -35.42 12.49
CA ALA D 88 -9.93 -35.98 11.38
C ALA D 88 -10.47 -35.54 10.04
N GLU D 89 -11.80 -35.60 9.86
CA GLU D 89 -12.45 -35.18 8.62
C GLU D 89 -12.36 -33.67 8.35
N ASP D 90 -11.62 -32.90 9.16
CA ASP D 90 -11.31 -31.52 8.83
C ASP D 90 -10.07 -31.41 7.94
N THR D 91 -9.31 -32.50 7.80
CA THR D 91 -8.13 -32.50 6.96
C THR D 91 -8.49 -32.17 5.52
N ALA D 92 -7.94 -31.07 5.01
CA ALA D 92 -8.22 -30.61 3.66
C ALA D 92 -7.32 -29.41 3.36
N LEU D 93 -7.38 -28.96 2.11
CA LEU D 93 -6.77 -27.71 1.69
C LEU D 93 -7.82 -26.61 1.77
N TYR D 94 -7.51 -25.53 2.49
CA TYR D 94 -8.47 -24.48 2.77
C TYR D 94 -8.20 -23.26 1.90
N TYR D 95 -9.16 -22.92 1.05
CA TYR D 95 -9.09 -21.70 0.25
C TYR D 95 -9.95 -20.61 0.87
N CYS D 96 -9.55 -19.37 0.64
CA CYS D 96 -10.44 -18.23 0.82
C CYS D 96 -10.81 -17.67 -0.55
N ALA D 97 -12.07 -17.30 -0.71
CA ALA D 97 -12.57 -16.87 -2.01
C ALA D 97 -13.46 -15.65 -1.84
N ARG D 98 -13.43 -14.79 -2.85
CA ARG D 98 -14.25 -13.58 -2.86
C ARG D 98 -15.61 -13.87 -3.47
N ASP D 99 -16.64 -13.22 -2.93
CA ASP D 99 -18.01 -13.44 -3.37
C ASP D 99 -18.22 -12.85 -4.77
N VAL D 100 -19.12 -13.49 -5.53
CA VAL D 100 -19.49 -13.01 -6.85
C VAL D 100 -20.70 -12.10 -6.71
N VAL D 101 -20.51 -10.83 -7.05
CA VAL D 101 -21.55 -9.81 -6.89
C VAL D 101 -22.19 -9.56 -8.24
N VAL D 102 -23.51 -9.74 -8.31
CA VAL D 102 -24.28 -9.55 -9.53
C VAL D 102 -24.94 -8.18 -9.48
N VAL D 103 -24.73 -7.37 -10.52
CA VAL D 103 -25.24 -6.01 -10.59
C VAL D 103 -26.34 -5.96 -11.64
N VAL D 104 -27.53 -5.53 -11.22
CA VAL D 104 -28.66 -5.31 -12.13
C VAL D 104 -29.25 -3.95 -11.81
N ALA D 105 -29.22 -3.05 -12.80
CA ALA D 105 -29.70 -1.67 -12.63
C ALA D 105 -28.98 -0.98 -11.49
N ALA D 106 -27.66 -1.14 -11.45
CA ALA D 106 -26.76 -0.50 -10.48
C ALA D 106 -27.00 -0.96 -9.05
N ARG D 107 -27.72 -2.06 -8.85
CA ARG D 107 -27.96 -2.61 -7.52
C ARG D 107 -27.17 -3.90 -7.35
N ASN D 108 -26.45 -4.00 -6.22
CA ASN D 108 -25.61 -5.16 -5.96
C ASN D 108 -26.44 -6.33 -5.42
N HIS D 109 -26.09 -7.53 -5.87
CA HIS D 109 -26.68 -8.77 -5.38
C HIS D 109 -25.54 -9.72 -5.02
N TYR D 110 -25.57 -10.25 -3.80
CA TYR D 110 -24.44 -10.99 -3.26
C TYR D 110 -24.76 -12.48 -3.20
N TYR D 111 -23.70 -13.26 -2.93
CA TYR D 111 -23.79 -14.72 -2.78
C TYR D 111 -24.24 -15.38 -4.08
N ASN D 112 -23.44 -15.19 -5.13
CA ASN D 112 -23.70 -15.79 -6.43
C ASN D 112 -22.53 -16.65 -6.92
N GLY D 113 -21.58 -16.99 -6.05
CA GLY D 113 -20.46 -17.82 -6.39
C GLY D 113 -19.18 -17.28 -5.80
N MET D 114 -18.05 -17.80 -6.29
CA MET D 114 -16.73 -17.42 -5.80
C MET D 114 -15.82 -17.28 -7.02
N ASP D 115 -15.36 -16.06 -7.29
CA ASP D 115 -14.58 -15.79 -8.49
C ASP D 115 -13.07 -15.73 -8.26
N VAL D 116 -12.62 -15.12 -7.19
CA VAL D 116 -11.19 -14.97 -6.90
C VAL D 116 -10.82 -15.94 -5.80
N TRP D 117 -9.90 -16.87 -6.09
CA TRP D 117 -9.51 -17.91 -5.15
C TRP D 117 -8.03 -17.78 -4.81
N GLY D 118 -7.69 -18.14 -3.58
CA GLY D 118 -6.29 -18.21 -3.20
C GLY D 118 -5.70 -19.57 -3.51
N GLN D 119 -4.39 -19.69 -3.29
CA GLN D 119 -3.71 -20.95 -3.58
C GLN D 119 -4.03 -22.04 -2.57
N GLY D 120 -4.62 -21.70 -1.43
CA GLY D 120 -4.98 -22.71 -0.45
C GLY D 120 -3.89 -22.94 0.57
N THR D 121 -4.32 -23.28 1.79
CA THR D 121 -3.43 -23.65 2.87
C THR D 121 -3.92 -24.95 3.48
N THR D 122 -2.98 -25.85 3.78
CA THR D 122 -3.32 -27.21 4.19
C THR D 122 -3.35 -27.33 5.69
N VAL D 123 -4.43 -27.93 6.21
CA VAL D 123 -4.49 -28.35 7.61
C VAL D 123 -4.61 -29.87 7.62
N THR D 124 -3.95 -30.50 8.58
CA THR D 124 -3.91 -31.96 8.68
C THR D 124 -4.14 -32.34 10.13
N VAL D 125 -5.32 -32.89 10.42
CA VAL D 125 -5.71 -33.25 11.77
C VAL D 125 -5.37 -34.72 11.99
N SER D 126 -4.36 -34.97 12.82
CA SER D 126 -3.92 -36.33 13.08
C SER D 126 -3.09 -36.32 14.36
N SER D 127 -3.11 -37.45 15.07
CA SER D 127 -2.28 -37.65 16.24
C SER D 127 -0.98 -38.38 15.92
N ALA D 128 -0.72 -38.64 14.64
CA ALA D 128 0.53 -39.28 14.24
C ALA D 128 1.71 -38.37 14.53
N SER D 129 2.80 -38.96 15.00
CA SER D 129 4.02 -38.21 15.24
C SER D 129 4.85 -38.15 13.96
N THR D 130 5.57 -37.04 13.81
CA THR D 130 6.38 -36.83 12.61
C THR D 130 7.40 -37.95 12.45
N LYS D 131 7.43 -38.55 11.26
CA LYS D 131 8.31 -39.67 10.98
C LYS D 131 8.80 -39.61 9.55
N GLY D 132 10.12 -39.77 9.37
CA GLY D 132 10.69 -39.89 8.05
C GLY D 132 10.46 -41.28 7.50
N PRO D 133 10.42 -41.41 6.18
CA PRO D 133 10.08 -42.68 5.57
C PRO D 133 11.28 -43.64 5.50
N SER D 134 10.95 -44.91 5.41
CA SER D 134 11.91 -45.93 4.99
C SER D 134 11.85 -46.04 3.48
N VAL D 135 13.01 -46.26 2.86
CA VAL D 135 13.12 -46.34 1.41
C VAL D 135 13.58 -47.74 1.06
N PHE D 136 12.67 -48.55 0.51
CA PHE D 136 13.04 -49.90 0.15
C PHE D 136 13.11 -50.06 -1.36
N PRO D 137 14.08 -50.82 -1.86
CA PRO D 137 14.24 -50.96 -3.31
C PRO D 137 13.19 -51.87 -3.92
N LEU D 138 12.69 -51.48 -5.09
CA LEU D 138 11.84 -52.32 -5.92
C LEU D 138 12.72 -52.77 -7.08
N ALA D 139 13.45 -53.87 -6.87
CA ALA D 139 14.50 -54.26 -7.79
C ALA D 139 13.91 -54.78 -9.09
N PRO D 140 14.52 -54.45 -10.24
CA PRO D 140 14.06 -55.01 -11.51
C PRO D 140 14.33 -56.50 -11.58
N SER D 141 13.43 -57.21 -12.26
CA SER D 141 13.54 -58.66 -12.37
C SER D 141 14.68 -59.03 -13.32
N SER D 142 15.06 -60.31 -13.27
CA SER D 142 16.19 -60.79 -14.06
C SER D 142 15.90 -60.70 -15.55
N LYS D 143 14.81 -61.34 -15.99
CA LYS D 143 14.45 -61.36 -17.40
C LYS D 143 13.13 -60.69 -17.72
N SER D 144 12.28 -60.44 -16.72
CA SER D 144 11.02 -59.74 -16.92
C SER D 144 11.26 -58.29 -17.32
N THR D 149 11.71 -54.08 -22.06
CA THR D 149 11.75 -52.97 -21.12
C THR D 149 11.47 -53.45 -19.69
N ALA D 150 12.28 -52.98 -18.75
CA ALA D 150 12.19 -53.39 -17.35
C ALA D 150 11.59 -52.27 -16.51
N ALA D 151 11.27 -52.61 -15.27
CA ALA D 151 10.69 -51.66 -14.33
C ALA D 151 11.38 -51.78 -12.98
N LEU D 152 11.63 -50.64 -12.34
CA LEU D 152 12.25 -50.61 -11.03
C LEU D 152 11.78 -49.36 -10.31
N GLY D 153 12.02 -49.31 -9.00
CA GLY D 153 11.62 -48.15 -8.24
C GLY D 153 11.98 -48.27 -6.77
N CYS D 154 11.38 -47.36 -5.99
CA CYS D 154 11.61 -47.28 -4.55
C CYS D 154 10.28 -47.20 -3.83
N LEU D 155 10.15 -47.95 -2.75
CA LEU D 155 8.96 -47.94 -1.91
C LEU D 155 9.21 -47.00 -0.72
N VAL D 156 8.48 -45.90 -0.68
CA VAL D 156 8.68 -44.86 0.34
C VAL D 156 7.56 -45.05 1.36
N LYS D 157 7.87 -45.81 2.41
CA LYS D 157 6.84 -46.33 3.30
C LYS D 157 6.90 -45.71 4.70
N ASP D 158 5.74 -45.51 5.29
CA ASP D 158 5.58 -45.13 6.69
C ASP D 158 6.18 -43.77 7.02
N TYR D 159 5.61 -42.68 6.50
CA TYR D 159 6.05 -41.33 6.81
C TYR D 159 4.85 -40.45 7.14
N PHE D 160 5.07 -39.46 8.01
CA PHE D 160 4.04 -38.50 8.37
C PHE D 160 4.76 -37.20 8.72
N PRO D 161 4.26 -36.04 8.25
CA PRO D 161 3.10 -35.94 7.36
C PRO D 161 3.51 -35.77 5.91
N GLU D 162 2.55 -35.44 5.05
CA GLU D 162 2.87 -35.05 3.69
C GLU D 162 3.63 -33.73 3.69
N PRO D 163 4.43 -33.46 2.65
CA PRO D 163 4.73 -34.34 1.52
C PRO D 163 6.16 -34.86 1.53
N VAL D 164 6.47 -35.75 0.60
CA VAL D 164 7.84 -36.09 0.29
C VAL D 164 8.14 -35.63 -1.14
N THR D 165 9.42 -35.53 -1.44
CA THR D 165 9.88 -35.30 -2.81
C THR D 165 10.83 -36.43 -3.18
N VAL D 166 10.62 -37.02 -4.35
CA VAL D 166 11.42 -38.14 -4.83
C VAL D 166 12.06 -37.73 -6.14
N SER D 167 13.38 -37.79 -6.20
CA SER D 167 14.13 -37.58 -7.42
C SER D 167 14.93 -38.84 -7.73
N TRP D 168 15.35 -38.95 -8.98
CA TRP D 168 16.14 -40.08 -9.45
C TRP D 168 17.47 -39.58 -9.98
N ASN D 169 18.56 -40.13 -9.45
CA ASN D 169 19.92 -39.71 -9.80
C ASN D 169 20.09 -38.21 -9.63
N SER D 170 19.58 -37.69 -8.50
CA SER D 170 19.68 -36.28 -8.14
C SER D 170 19.02 -35.37 -9.17
N GLY D 171 17.97 -35.85 -9.83
CA GLY D 171 17.28 -35.08 -10.83
C GLY D 171 17.77 -35.24 -12.25
N ALA D 172 18.85 -36.00 -12.46
CA ALA D 172 19.35 -36.22 -13.82
C ALA D 172 18.47 -37.18 -14.61
N LEU D 173 17.86 -38.16 -13.93
CA LEU D 173 16.96 -39.12 -14.58
C LEU D 173 15.52 -38.65 -14.38
N THR D 174 14.88 -38.25 -15.48
CA THR D 174 13.49 -37.82 -15.45
C THR D 174 12.59 -38.60 -16.40
N SER D 175 13.13 -39.21 -17.44
CA SER D 175 12.30 -39.92 -18.42
C SER D 175 11.78 -41.22 -17.83
N GLY D 176 10.51 -41.52 -18.10
CA GLY D 176 9.92 -42.77 -17.67
C GLY D 176 9.67 -42.89 -16.18
N VAL D 177 9.67 -41.77 -15.45
CA VAL D 177 9.51 -41.79 -13.99
C VAL D 177 8.04 -41.61 -13.65
N HIS D 178 7.54 -42.43 -12.73
CA HIS D 178 6.18 -42.32 -12.20
C HIS D 178 6.28 -42.31 -10.68
N THR D 179 6.12 -41.14 -10.08
CA THR D 179 6.02 -40.99 -8.63
C THR D 179 4.55 -40.88 -8.26
N PHE D 180 4.00 -41.95 -7.69
CA PHE D 180 2.57 -42.05 -7.46
C PHE D 180 2.14 -41.22 -6.26
N PRO D 181 0.90 -40.74 -6.25
CA PRO D 181 0.36 -40.12 -5.04
C PRO D 181 0.28 -41.14 -3.90
N ALA D 182 0.45 -40.63 -2.68
CA ALA D 182 0.56 -41.50 -1.52
C ALA D 182 -0.79 -41.94 -1.02
N VAL D 183 -0.83 -43.14 -0.45
CA VAL D 183 -2.00 -43.66 0.25
C VAL D 183 -1.82 -43.41 1.74
N LEU D 184 -2.93 -43.14 2.43
CA LEU D 184 -2.92 -43.06 3.88
C LEU D 184 -3.26 -44.43 4.45
N GLN D 185 -2.36 -44.98 5.24
CA GLN D 185 -2.55 -46.30 5.82
C GLN D 185 -3.39 -46.21 7.10
N SER D 186 -3.89 -47.36 7.53
CA SER D 186 -4.67 -47.42 8.76
C SER D 186 -3.86 -47.04 9.98
N SER D 187 -2.53 -47.15 9.89
CA SER D 187 -1.66 -46.76 10.99
C SER D 187 -1.58 -45.25 11.15
N GLY D 188 -1.96 -44.49 10.13
CA GLY D 188 -1.83 -43.04 10.14
C GLY D 188 -0.62 -42.52 9.43
N LEU D 189 0.18 -43.39 8.81
CA LEU D 189 1.37 -43.02 8.08
C LEU D 189 1.13 -43.19 6.58
N TYR D 190 1.82 -42.38 5.80
CA TYR D 190 1.66 -42.40 4.34
C TYR D 190 2.65 -43.36 3.70
N SER D 191 2.23 -43.95 2.58
CA SER D 191 3.06 -44.85 1.80
C SER D 191 3.00 -44.46 0.33
N LEU D 192 4.14 -44.52 -0.33
CA LEU D 192 4.28 -44.02 -1.70
C LEU D 192 5.28 -44.90 -2.42
N SER D 193 5.10 -45.02 -3.74
CA SER D 193 6.04 -45.72 -4.60
C SER D 193 6.37 -44.84 -5.79
N SER D 194 7.66 -44.80 -6.14
CA SER D 194 8.13 -44.08 -7.32
C SER D 194 8.89 -45.06 -8.19
N VAL D 195 8.43 -45.24 -9.42
CA VAL D 195 9.00 -46.24 -10.32
C VAL D 195 9.48 -45.58 -11.60
N VAL D 196 10.36 -46.28 -12.31
CA VAL D 196 10.84 -45.87 -13.62
C VAL D 196 10.84 -47.09 -14.52
N THR D 197 10.52 -46.88 -15.79
CA THR D 197 10.60 -47.92 -16.81
C THR D 197 11.77 -47.63 -17.74
N VAL D 198 12.59 -48.65 -17.98
CA VAL D 198 13.78 -48.52 -18.83
C VAL D 198 13.91 -49.77 -19.68
N PRO D 199 14.62 -49.68 -20.80
CA PRO D 199 14.92 -50.89 -21.59
C PRO D 199 15.67 -51.92 -20.76
N SER D 200 15.38 -53.19 -21.03
CA SER D 200 15.94 -54.27 -20.22
C SER D 200 17.46 -54.32 -20.31
N SER D 201 18.03 -53.85 -21.42
CA SER D 201 19.48 -53.90 -21.58
C SER D 201 20.20 -52.98 -20.59
N SER D 202 19.58 -51.88 -20.20
CA SER D 202 20.20 -50.88 -19.34
C SER D 202 20.10 -51.24 -17.86
N LEU D 203 19.96 -52.51 -17.50
CA LEU D 203 19.87 -52.88 -16.09
C LEU D 203 21.22 -53.11 -15.45
N GLY D 204 22.13 -53.80 -16.14
CA GLY D 204 23.46 -54.02 -15.62
C GLY D 204 24.49 -53.00 -16.05
N THR D 205 24.08 -51.95 -16.79
CA THR D 205 25.01 -50.97 -17.32
C THR D 205 24.55 -49.54 -17.05
N GLN D 206 23.64 -49.35 -16.10
CA GLN D 206 23.20 -48.02 -15.71
C GLN D 206 22.71 -48.09 -14.28
N THR D 207 23.20 -47.18 -13.44
CA THR D 207 22.82 -47.15 -12.04
C THR D 207 21.58 -46.29 -11.84
N TYR D 208 20.74 -46.70 -10.91
CA TYR D 208 19.49 -46.00 -10.61
C TYR D 208 19.44 -45.73 -9.12
N ILE D 209 19.51 -44.46 -8.75
CA ILE D 209 19.50 -44.03 -7.36
C ILE D 209 18.29 -43.14 -7.14
N CYS D 210 17.47 -43.47 -6.16
CA CYS D 210 16.33 -42.64 -5.79
C CYS D 210 16.66 -41.84 -4.54
N ASN D 211 16.27 -40.57 -4.55
CA ASN D 211 16.56 -39.63 -3.47
C ASN D 211 15.24 -39.15 -2.89
N VAL D 212 14.95 -39.56 -1.65
CA VAL D 212 13.70 -39.23 -0.97
C VAL D 212 14.01 -38.15 0.07
N ASN D 213 13.33 -37.02 -0.05
CA ASN D 213 13.54 -35.87 0.81
C ASN D 213 12.26 -35.59 1.58
N HIS D 214 12.34 -35.63 2.91
CA HIS D 214 11.19 -35.41 3.80
C HIS D 214 11.54 -34.33 4.81
N LYS D 215 11.23 -33.07 4.47
CA LYS D 215 11.53 -31.92 5.32
C LYS D 215 11.02 -32.03 6.75
N PRO D 216 9.74 -32.39 7.00
CA PRO D 216 9.24 -32.33 8.39
C PRO D 216 10.07 -33.12 9.39
N SER D 217 10.72 -34.21 8.95
CA SER D 217 11.58 -34.99 9.83
C SER D 217 13.05 -34.67 9.63
N ASN D 218 13.39 -33.74 8.73
CA ASN D 218 14.78 -33.37 8.44
C ASN D 218 15.60 -34.59 8.02
N THR D 219 15.08 -35.35 7.06
CA THR D 219 15.75 -36.54 6.57
C THR D 219 15.83 -36.51 5.05
N LYS D 220 16.90 -37.11 4.52
CA LYS D 220 17.09 -37.28 3.09
C LYS D 220 17.77 -38.62 2.87
N VAL D 221 17.07 -39.56 2.24
CA VAL D 221 17.57 -40.92 2.06
C VAL D 221 17.86 -41.15 0.58
N ASP D 222 19.00 -41.79 0.31
CA ASP D 222 19.38 -42.23 -1.02
C ASP D 222 19.43 -43.75 -1.03
N LYS D 223 18.90 -44.34 -2.10
CA LYS D 223 18.82 -45.80 -2.19
C LYS D 223 19.20 -46.23 -3.59
N LYS D 224 20.29 -46.99 -3.70
CA LYS D 224 20.69 -47.59 -4.97
C LYS D 224 19.78 -48.78 -5.26
N VAL D 225 19.05 -48.72 -6.37
CA VAL D 225 18.26 -49.84 -6.85
C VAL D 225 19.08 -50.63 -7.85
N GLU D 226 19.13 -51.95 -7.67
CA GLU D 226 19.98 -52.80 -8.48
C GLU D 226 19.36 -54.17 -8.60
N PRO D 227 19.61 -54.88 -9.71
CA PRO D 227 19.02 -56.22 -9.88
C PRO D 227 19.52 -57.20 -8.82
N LYS D 228 18.71 -58.20 -8.55
CA LYS D 228 19.02 -59.20 -7.53
C LYS D 228 20.11 -60.15 -7.99
N ASP E 1 -30.50 -28.98 2.70
CA ASP E 1 -29.42 -28.94 1.73
C ASP E 1 -29.93 -29.26 0.32
N ILE E 2 -29.42 -28.52 -0.66
CA ILE E 2 -29.74 -28.77 -2.06
C ILE E 2 -28.70 -29.71 -2.64
N GLN E 3 -29.15 -30.83 -3.18
CA GLN E 3 -28.26 -31.82 -3.77
C GLN E 3 -27.99 -31.47 -5.22
N LEU E 4 -26.80 -31.86 -5.69
CA LEU E 4 -26.41 -31.60 -7.08
C LEU E 4 -25.75 -32.85 -7.65
N THR E 5 -26.22 -33.29 -8.80
CA THR E 5 -25.64 -34.40 -9.53
C THR E 5 -25.15 -33.91 -10.89
N GLN E 6 -24.10 -34.56 -11.39
CA GLN E 6 -23.53 -34.21 -12.68
C GLN E 6 -23.45 -35.46 -13.55
N SER E 7 -23.58 -35.26 -14.86
CA SER E 7 -23.50 -36.35 -15.79
C SER E 7 -22.85 -35.87 -17.08
N PRO E 8 -21.98 -36.68 -17.70
CA PRO E 8 -21.57 -37.97 -17.14
C PRO E 8 -20.44 -37.79 -16.13
N SER E 9 -20.02 -38.88 -15.49
CA SER E 9 -18.92 -38.78 -14.53
C SER E 9 -17.62 -38.40 -15.21
N SER E 10 -17.39 -38.95 -16.41
CA SER E 10 -16.17 -38.68 -17.15
C SER E 10 -16.50 -38.55 -18.63
N VAL E 11 -15.66 -37.80 -19.34
CA VAL E 11 -15.80 -37.58 -20.78
C VAL E 11 -14.45 -37.78 -21.43
N SER E 12 -14.40 -38.62 -22.46
CA SER E 12 -13.19 -38.82 -23.26
C SER E 12 -13.38 -38.10 -24.58
N ALA E 13 -12.63 -37.02 -24.79
CA ALA E 13 -12.84 -36.13 -25.93
C ALA E 13 -11.53 -35.88 -26.65
N SER E 14 -11.63 -35.17 -27.77
CA SER E 14 -10.48 -34.79 -28.58
C SER E 14 -10.58 -33.30 -28.91
N VAL E 15 -9.47 -32.73 -29.36
CA VAL E 15 -9.45 -31.32 -29.72
C VAL E 15 -10.38 -31.08 -30.90
N GLY E 16 -11.37 -30.21 -30.69
CA GLY E 16 -12.36 -29.90 -31.70
C GLY E 16 -13.75 -30.42 -31.41
N ASP E 17 -13.91 -31.24 -30.37
CA ASP E 17 -15.20 -31.84 -30.08
C ASP E 17 -16.14 -30.86 -29.40
N ARG E 18 -17.42 -31.17 -29.46
CA ARG E 18 -18.47 -30.41 -28.78
C ARG E 18 -18.85 -31.18 -27.52
N VAL E 19 -18.38 -30.70 -26.38
CA VAL E 19 -18.59 -31.37 -25.09
C VAL E 19 -19.73 -30.67 -24.36
N THR E 20 -20.67 -31.46 -23.86
CA THR E 20 -21.80 -30.94 -23.08
C THR E 20 -21.88 -31.69 -21.76
N ILE E 21 -21.88 -30.94 -20.66
CA ILE E 21 -22.00 -31.48 -19.31
C ILE E 21 -23.32 -30.99 -18.73
N THR E 22 -23.98 -31.85 -17.95
CA THR E 22 -25.25 -31.53 -17.33
C THR E 22 -25.12 -31.52 -15.81
N CYS E 23 -25.98 -30.73 -15.17
CA CYS E 23 -26.03 -30.60 -13.73
C CYS E 23 -27.49 -30.59 -13.29
N ARG E 24 -27.83 -31.44 -12.33
CA ARG E 24 -29.20 -31.56 -11.85
C ARG E 24 -29.25 -31.18 -10.38
N ALA E 25 -30.27 -30.40 -10.02
CA ALA E 25 -30.50 -29.98 -8.64
C ALA E 25 -31.72 -30.70 -8.07
N SER E 26 -31.63 -31.06 -6.79
CA SER E 26 -32.72 -31.79 -6.13
C SER E 26 -33.97 -30.94 -6.01
N GLN E 27 -33.85 -29.62 -6.08
CA GLN E 27 -34.99 -28.72 -6.12
C GLN E 27 -34.66 -27.54 -7.02
N GLY E 28 -35.68 -26.79 -7.39
CA GLY E 28 -35.47 -25.68 -8.30
C GLY E 28 -34.60 -24.61 -7.68
N ILE E 29 -33.68 -24.06 -8.48
CA ILE E 29 -32.77 -23.03 -8.01
C ILE E 29 -32.74 -21.89 -9.03
N SER E 30 -33.78 -21.82 -9.86
CA SER E 30 -33.93 -20.75 -10.86
C SER E 30 -32.68 -20.58 -11.71
N SER E 31 -32.04 -19.42 -11.60
CA SER E 31 -30.84 -19.08 -12.36
C SER E 31 -29.59 -19.10 -11.50
N TRP E 32 -29.67 -19.64 -10.29
CA TRP E 32 -28.63 -19.46 -9.29
C TRP E 32 -27.67 -20.65 -9.33
N LEU E 33 -26.90 -20.71 -10.41
CA LEU E 33 -25.97 -21.80 -10.67
C LEU E 33 -24.72 -21.27 -11.34
N ALA E 34 -23.57 -21.81 -10.94
CA ALA E 34 -22.27 -21.41 -11.46
C ALA E 34 -21.51 -22.64 -11.92
N TRP E 35 -20.51 -22.42 -12.78
CA TRP E 35 -19.65 -23.50 -13.27
C TRP E 35 -18.20 -23.18 -12.96
N TYR E 36 -17.46 -24.16 -12.44
CA TYR E 36 -16.07 -24.00 -12.09
C TYR E 36 -15.22 -25.02 -12.83
N GLN E 37 -13.98 -24.64 -13.13
CA GLN E 37 -12.99 -25.51 -13.74
C GLN E 37 -11.83 -25.72 -12.78
N GLN E 38 -11.35 -26.96 -12.70
CA GLN E 38 -10.24 -27.27 -11.82
C GLN E 38 -9.29 -28.26 -12.47
N LYS E 39 -8.02 -27.89 -12.54
CA LYS E 39 -6.86 -28.66 -12.96
C LYS E 39 -6.07 -29.12 -11.74
N PRO E 40 -5.40 -30.28 -11.83
CA PRO E 40 -4.70 -30.83 -10.67
C PRO E 40 -3.71 -29.84 -10.05
N GLY E 41 -3.80 -29.70 -8.73
CA GLY E 41 -2.92 -28.80 -8.02
C GLY E 41 -3.25 -27.34 -8.14
N LYS E 42 -4.48 -27.00 -8.53
CA LYS E 42 -4.88 -25.62 -8.69
C LYS E 42 -6.25 -25.41 -8.06
N ALA E 43 -6.49 -24.19 -7.60
CA ALA E 43 -7.80 -23.83 -7.08
C ALA E 43 -8.82 -23.82 -8.22
N PRO E 44 -10.10 -24.03 -7.90
CA PRO E 44 -11.13 -23.93 -8.95
C PRO E 44 -11.15 -22.55 -9.59
N LYS E 45 -11.48 -22.51 -10.87
CA LYS E 45 -11.57 -21.28 -11.64
C LYS E 45 -13.02 -21.08 -12.07
N LEU E 46 -13.57 -19.91 -11.74
CA LEU E 46 -14.95 -19.61 -12.09
C LEU E 46 -15.04 -19.31 -13.59
N LEU E 47 -15.89 -20.06 -14.29
CA LEU E 47 -16.15 -19.83 -15.71
C LEU E 47 -17.49 -19.14 -15.95
N ILE E 48 -18.55 -19.69 -15.38
CA ILE E 48 -19.91 -19.22 -15.62
C ILE E 48 -20.60 -19.01 -14.28
N TYR E 49 -21.35 -17.92 -14.17
CA TYR E 49 -22.24 -17.67 -13.05
C TYR E 49 -23.58 -17.21 -13.60
N ALA E 50 -24.62 -17.33 -12.77
CA ALA E 50 -25.99 -17.01 -13.18
C ALA E 50 -26.37 -17.80 -14.43
N VAL E 51 -25.94 -19.07 -14.47
CA VAL E 51 -26.28 -20.04 -15.51
C VAL E 51 -25.56 -19.74 -16.83
N SER E 52 -25.57 -18.49 -17.27
CA SER E 52 -25.15 -18.19 -18.64
C SER E 52 -24.38 -16.87 -18.76
N SER E 53 -23.61 -16.50 -17.74
CA SER E 53 -22.84 -15.25 -17.78
C SER E 53 -21.36 -15.60 -17.74
N LEU E 54 -20.67 -15.30 -18.84
CA LEU E 54 -19.27 -15.63 -19.00
C LEU E 54 -18.41 -14.77 -18.08
N GLN E 55 -17.55 -15.42 -17.29
CA GLN E 55 -16.61 -14.69 -16.46
C GLN E 55 -15.59 -13.97 -17.35
N SER E 56 -15.15 -12.80 -16.89
CA SER E 56 -14.23 -11.98 -17.67
C SER E 56 -12.97 -12.75 -18.01
N GLY E 57 -12.64 -12.79 -19.30
CA GLY E 57 -11.47 -13.49 -19.77
C GLY E 57 -11.72 -14.92 -20.23
N VAL E 58 -12.85 -15.51 -19.87
CA VAL E 58 -13.15 -16.88 -20.29
C VAL E 58 -13.50 -16.88 -21.78
N PRO E 59 -12.92 -17.76 -22.59
CA PRO E 59 -13.22 -17.76 -24.02
C PRO E 59 -14.69 -18.04 -24.30
N SER E 60 -15.20 -17.39 -25.35
CA SER E 60 -16.62 -17.47 -25.69
C SER E 60 -17.07 -18.86 -26.13
N ARG E 61 -16.14 -19.79 -26.34
CA ARG E 61 -16.51 -21.16 -26.67
C ARG E 61 -17.21 -21.86 -25.51
N PHE E 62 -17.11 -21.30 -24.30
CA PHE E 62 -17.86 -21.80 -23.16
C PHE E 62 -19.23 -21.14 -23.10
N SER E 63 -20.27 -21.97 -22.90
CA SER E 63 -21.63 -21.47 -22.79
C SER E 63 -22.37 -22.26 -21.72
N GLY E 64 -23.41 -21.65 -21.19
CA GLY E 64 -24.22 -22.28 -20.15
C GLY E 64 -25.68 -22.03 -20.40
N SER E 65 -26.49 -23.00 -20.01
CA SER E 65 -27.93 -22.90 -20.20
C SER E 65 -28.63 -23.72 -19.12
N GLY E 66 -29.92 -23.49 -18.98
CA GLY E 66 -30.74 -24.21 -18.02
C GLY E 66 -31.54 -23.26 -17.14
N SER E 67 -32.42 -23.87 -16.34
CA SER E 67 -33.27 -23.16 -15.40
C SER E 67 -33.94 -24.18 -14.51
N GLY E 68 -34.11 -23.84 -13.23
CA GLY E 68 -34.77 -24.72 -12.30
C GLY E 68 -33.89 -25.83 -11.78
N THR E 69 -34.08 -27.05 -12.30
CA THR E 69 -33.34 -28.20 -11.83
C THR E 69 -32.32 -28.75 -12.82
N ASP E 70 -32.32 -28.32 -14.07
CA ASP E 70 -31.46 -28.91 -15.09
C ASP E 70 -30.64 -27.82 -15.77
N PHE E 71 -29.33 -28.06 -15.90
CA PHE E 71 -28.42 -27.05 -16.43
C PHE E 71 -27.36 -27.72 -17.30
N THR E 72 -26.81 -26.96 -18.24
CA THR E 72 -25.90 -27.51 -19.24
C THR E 72 -24.71 -26.59 -19.45
N LEU E 73 -23.51 -27.18 -19.48
CA LEU E 73 -22.28 -26.48 -19.85
C LEU E 73 -21.78 -27.06 -21.17
N THR E 74 -21.65 -26.22 -22.18
CA THR E 74 -21.28 -26.65 -23.52
C THR E 74 -19.98 -25.98 -23.97
N ILE E 75 -19.01 -26.79 -24.40
CA ILE E 75 -17.78 -26.31 -25.00
C ILE E 75 -17.86 -26.61 -26.49
N SER E 76 -17.92 -25.56 -27.32
CA SER E 76 -18.15 -25.75 -28.75
C SER E 76 -17.02 -26.54 -29.39
N SER E 77 -15.80 -26.02 -29.34
CA SER E 77 -14.62 -26.69 -29.88
C SER E 77 -13.57 -26.79 -28.78
N LEU E 78 -13.35 -28.01 -28.29
CA LEU E 78 -12.43 -28.22 -27.17
C LEU E 78 -11.00 -27.88 -27.58
N GLN E 79 -10.31 -27.18 -26.69
CA GLN E 79 -8.91 -26.81 -26.84
C GLN E 79 -8.06 -27.50 -25.78
N PRO E 80 -6.75 -27.68 -26.03
CA PRO E 80 -5.93 -28.48 -25.10
C PRO E 80 -5.98 -27.99 -23.66
N GLU E 81 -6.19 -26.70 -23.43
CA GLU E 81 -6.26 -26.15 -22.09
C GLU E 81 -7.61 -26.40 -21.41
N ASP E 82 -8.53 -27.10 -22.06
CA ASP E 82 -9.86 -27.34 -21.52
C ASP E 82 -10.00 -28.69 -20.81
N PHE E 83 -8.99 -29.55 -20.87
CA PHE E 83 -9.07 -30.87 -20.24
C PHE E 83 -8.90 -30.70 -18.73
N ALA E 84 -10.00 -30.82 -18.00
CA ALA E 84 -10.00 -30.63 -16.55
C ALA E 84 -11.29 -31.21 -15.99
N THR E 85 -11.49 -31.02 -14.69
CA THR E 85 -12.73 -31.39 -14.01
C THR E 85 -13.60 -30.15 -13.87
N TYR E 86 -14.88 -30.29 -14.21
CA TYR E 86 -15.83 -29.18 -14.15
C TYR E 86 -16.86 -29.44 -13.06
N TYR E 87 -17.08 -28.43 -12.22
CA TYR E 87 -18.04 -28.51 -11.14
C TYR E 87 -19.15 -27.49 -11.35
N CYS E 88 -20.34 -27.85 -10.91
CA CYS E 88 -21.46 -26.92 -10.83
C CYS E 88 -21.77 -26.62 -9.36
N GLN E 89 -22.15 -25.38 -9.09
CA GLN E 89 -22.46 -24.92 -7.74
C GLN E 89 -23.77 -24.16 -7.75
N GLN E 90 -24.67 -24.53 -6.84
CA GLN E 90 -25.90 -23.80 -6.63
C GLN E 90 -25.70 -22.70 -5.60
N ALA E 91 -26.47 -21.63 -5.75
CA ALA E 91 -26.33 -20.47 -4.88
C ALA E 91 -27.70 -19.98 -4.40
N LYS E 92 -28.68 -20.88 -4.32
CA LYS E 92 -29.99 -20.48 -3.81
C LYS E 92 -29.93 -20.23 -2.31
N SER E 93 -29.38 -21.17 -1.56
CA SER E 93 -29.36 -21.07 -0.10
C SER E 93 -28.09 -21.70 0.42
N PHE E 94 -27.69 -21.25 1.61
CA PHE E 94 -26.57 -21.88 2.28
C PHE E 94 -27.02 -23.20 2.92
N PRO E 95 -26.13 -24.20 2.95
CA PRO E 95 -24.75 -24.16 2.45
C PRO E 95 -24.66 -24.21 0.94
N PHE E 96 -23.71 -23.47 0.37
CA PHE E 96 -23.38 -23.66 -1.04
C PHE E 96 -22.88 -25.09 -1.24
N THR E 97 -23.48 -25.78 -2.19
CA THR E 97 -23.10 -27.15 -2.49
C THR E 97 -22.56 -27.25 -3.90
N PHE E 98 -21.61 -28.16 -4.09
CA PHE E 98 -21.00 -28.42 -5.37
C PHE E 98 -21.49 -29.76 -5.91
N GLY E 99 -21.38 -29.92 -7.22
CA GLY E 99 -21.64 -31.20 -7.84
C GLY E 99 -20.45 -32.14 -7.72
N PRO E 100 -20.67 -33.40 -8.08
CA PRO E 100 -19.59 -34.39 -8.00
C PRO E 100 -18.46 -34.12 -8.97
N GLY E 101 -18.69 -33.31 -9.99
CA GLY E 101 -17.63 -33.05 -10.96
C GLY E 101 -17.71 -33.97 -12.15
N THR E 102 -17.24 -33.46 -13.29
CA THR E 102 -17.12 -34.22 -14.52
C THR E 102 -15.72 -34.00 -15.07
N LYS E 103 -14.97 -35.08 -15.21
CA LYS E 103 -13.60 -34.99 -15.72
C LYS E 103 -13.62 -35.11 -17.24
N VAL E 104 -13.05 -34.10 -17.90
CA VAL E 104 -12.89 -34.11 -19.36
C VAL E 104 -11.50 -34.66 -19.64
N GLU E 105 -11.44 -35.82 -20.28
CA GLU E 105 -10.23 -36.57 -20.48
C GLU E 105 -9.84 -36.60 -21.95
N ILE E 106 -8.56 -36.85 -22.21
CA ILE E 106 -8.01 -36.94 -23.56
C ILE E 106 -8.30 -38.32 -24.12
N LYS E 107 -8.96 -38.38 -25.27
CA LYS E 107 -9.15 -39.65 -25.96
C LYS E 107 -7.88 -40.08 -26.67
N ARG E 108 -7.66 -41.39 -26.71
CA ARG E 108 -6.48 -41.98 -27.34
C ARG E 108 -6.78 -43.45 -27.60
N THR E 109 -5.88 -44.10 -28.32
CA THR E 109 -6.05 -45.51 -28.62
C THR E 109 -5.90 -46.36 -27.36
N VAL E 110 -6.64 -47.47 -27.32
CA VAL E 110 -6.58 -48.39 -26.19
C VAL E 110 -5.17 -48.94 -26.06
N ALA E 111 -4.61 -48.85 -24.86
CA ALA E 111 -3.27 -49.35 -24.58
C ALA E 111 -3.31 -50.28 -23.38
N ALA E 112 -2.77 -51.48 -23.55
CA ALA E 112 -2.73 -52.44 -22.45
C ALA E 112 -1.60 -52.11 -21.49
N PRO E 113 -1.80 -52.34 -20.19
CA PRO E 113 -0.76 -51.99 -19.22
C PRO E 113 0.38 -53.00 -19.23
N SER E 114 1.57 -52.48 -18.95
CA SER E 114 2.74 -53.31 -18.68
C SER E 114 2.75 -53.63 -17.18
N VAL E 115 2.68 -54.91 -16.84
CA VAL E 115 2.49 -55.35 -15.47
C VAL E 115 3.81 -55.88 -14.93
N PHE E 116 4.20 -55.40 -13.74
CA PHE E 116 5.39 -55.86 -13.05
C PHE E 116 5.04 -56.08 -11.59
N ILE E 117 5.60 -57.12 -11.00
CA ILE E 117 5.39 -57.43 -9.59
C ILE E 117 6.74 -57.35 -8.88
N PHE E 118 6.72 -56.86 -7.64
CA PHE E 118 7.94 -56.64 -6.86
C PHE E 118 7.80 -57.34 -5.52
N PRO E 119 8.64 -58.32 -5.22
CA PRO E 119 8.63 -58.92 -3.88
C PRO E 119 9.13 -57.94 -2.84
N PRO E 120 8.77 -58.13 -1.57
CA PRO E 120 9.32 -57.26 -0.52
C PRO E 120 10.82 -57.44 -0.40
N SER E 121 11.54 -56.33 -0.27
CA SER E 121 12.99 -56.35 -0.19
C SER E 121 13.46 -57.00 1.12
N ASP E 122 14.71 -57.48 1.09
CA ASP E 122 15.30 -58.04 2.30
C ASP E 122 15.44 -56.99 3.40
N GLU E 123 15.67 -55.73 3.02
CA GLU E 123 15.78 -54.68 4.02
C GLU E 123 14.48 -54.48 4.78
N GLN E 124 13.34 -54.60 4.08
CA GLN E 124 12.05 -54.43 4.73
C GLN E 124 11.67 -55.65 5.56
N LEU E 125 12.03 -56.85 5.10
CA LEU E 125 11.72 -58.06 5.85
C LEU E 125 12.36 -58.04 7.23
N LYS E 126 13.58 -57.51 7.32
CA LYS E 126 14.22 -57.38 8.63
C LYS E 126 13.48 -56.41 9.54
N SER E 127 12.59 -55.59 9.00
CA SER E 127 11.75 -54.70 9.79
C SER E 127 10.45 -55.36 10.24
N GLY E 128 10.19 -56.59 9.81
CA GLY E 128 9.02 -57.33 10.24
C GLY E 128 7.76 -57.10 9.44
N THR E 129 7.85 -56.40 8.31
CA THR E 129 6.68 -56.16 7.46
C THR E 129 7.08 -56.42 6.01
N ALA E 130 6.13 -56.93 5.23
CA ALA E 130 6.34 -57.22 3.81
C ALA E 130 5.34 -56.44 2.98
N SER E 131 5.82 -55.82 1.91
CA SER E 131 4.97 -55.07 0.98
C SER E 131 5.25 -55.55 -0.43
N VAL E 132 4.24 -56.10 -1.09
CA VAL E 132 4.32 -56.51 -2.49
C VAL E 132 3.64 -55.45 -3.34
N VAL E 133 4.32 -55.02 -4.40
CA VAL E 133 3.87 -53.93 -5.26
C VAL E 133 3.58 -54.46 -6.65
N CYS E 134 2.45 -54.05 -7.22
CA CYS E 134 2.07 -54.39 -8.59
C CYS E 134 1.95 -53.10 -9.37
N LEU E 135 2.71 -52.97 -10.45
CA LEU E 135 2.77 -51.74 -11.23
C LEU E 135 2.08 -51.96 -12.57
N LEU E 136 1.05 -51.16 -12.85
CA LEU E 136 0.39 -51.13 -14.15
C LEU E 136 0.84 -49.85 -14.85
N ASN E 137 1.64 -50.01 -15.90
CA ASN E 137 2.40 -48.90 -16.47
C ASN E 137 1.82 -48.50 -17.82
N ASN E 138 1.44 -47.23 -17.95
CA ASN E 138 1.08 -46.62 -19.22
C ASN E 138 -0.04 -47.38 -19.93
N PHE E 139 -1.28 -47.19 -19.49
CA PHE E 139 -2.42 -47.85 -20.10
C PHE E 139 -3.54 -46.85 -20.33
N TYR E 140 -4.46 -47.23 -21.22
CA TYR E 140 -5.64 -46.44 -21.54
C TYR E 140 -6.70 -47.41 -22.03
N PRO E 141 -7.97 -47.26 -21.61
CA PRO E 141 -8.47 -46.20 -20.72
C PRO E 141 -8.08 -46.38 -19.26
N ARG E 142 -8.60 -45.52 -18.38
CA ARG E 142 -8.17 -45.52 -16.99
C ARG E 142 -8.65 -46.75 -16.23
N GLU E 143 -9.85 -47.26 -16.56
CA GLU E 143 -10.44 -48.34 -15.79
C GLU E 143 -9.54 -49.58 -15.80
N ALA E 144 -9.24 -50.09 -14.60
CA ALA E 144 -8.41 -51.28 -14.45
C ALA E 144 -8.73 -51.93 -13.12
N LYS E 145 -8.50 -53.24 -13.05
CA LYS E 145 -8.78 -54.02 -11.85
C LYS E 145 -7.55 -54.86 -11.51
N VAL E 146 -7.16 -54.83 -10.24
CA VAL E 146 -6.04 -55.62 -9.73
C VAL E 146 -6.58 -56.55 -8.65
N GLN E 147 -6.19 -57.82 -8.72
CA GLN E 147 -6.55 -58.81 -7.71
C GLN E 147 -5.29 -59.50 -7.23
N TRP E 148 -5.07 -59.47 -5.91
CA TRP E 148 -3.94 -60.15 -5.31
C TRP E 148 -4.31 -61.58 -4.94
N LYS E 149 -3.42 -62.52 -5.26
CA LYS E 149 -3.61 -63.92 -4.95
C LYS E 149 -2.36 -64.44 -4.25
N VAL E 150 -2.54 -65.04 -3.08
CA VAL E 150 -1.45 -65.56 -2.26
C VAL E 150 -1.62 -67.07 -2.23
N ASP E 151 -0.77 -67.77 -2.99
CA ASP E 151 -0.91 -69.21 -3.22
C ASP E 151 -2.31 -69.53 -3.73
N ASN E 152 -2.75 -68.76 -4.73
CA ASN E 152 -4.03 -68.87 -5.41
C ASN E 152 -5.21 -68.50 -4.53
N ALA E 153 -4.97 -67.91 -3.35
CA ALA E 153 -6.03 -67.47 -2.46
C ALA E 153 -6.27 -65.98 -2.70
N LEU E 154 -7.48 -65.64 -3.12
CA LEU E 154 -7.82 -64.25 -3.44
C LEU E 154 -7.85 -63.39 -2.18
N GLN E 155 -7.12 -62.27 -2.22
CA GLN E 155 -7.00 -61.37 -1.09
C GLN E 155 -8.07 -60.27 -1.14
N SER E 156 -8.38 -59.72 0.02
CA SER E 156 -9.35 -58.64 0.11
C SER E 156 -9.13 -57.86 1.40
N GLY E 157 -9.14 -56.53 1.31
CA GLY E 157 -9.03 -55.68 2.47
C GLY E 157 -7.64 -55.41 2.98
N ASN E 158 -6.60 -55.86 2.29
CA ASN E 158 -5.23 -55.63 2.71
C ASN E 158 -4.38 -55.05 1.58
N SER E 159 -4.99 -54.23 0.72
CA SER E 159 -4.28 -53.62 -0.40
C SER E 159 -4.80 -52.20 -0.61
N GLN E 160 -3.93 -51.36 -1.16
CA GLN E 160 -4.28 -49.98 -1.47
C GLN E 160 -3.73 -49.62 -2.84
N GLU E 161 -4.45 -48.76 -3.55
CA GLU E 161 -4.14 -48.39 -4.91
C GLU E 161 -3.90 -46.89 -5.04
N SER E 162 -3.32 -46.51 -6.17
CA SER E 162 -3.00 -45.11 -6.46
C SER E 162 -2.80 -44.98 -7.96
N VAL E 163 -3.43 -43.98 -8.57
CA VAL E 163 -3.37 -43.77 -10.01
CA VAL E 163 -3.37 -43.77 -10.01
C VAL E 163 -2.77 -42.40 -10.28
N THR E 164 -1.86 -42.33 -11.23
CA THR E 164 -1.30 -41.05 -11.63
C THR E 164 -2.30 -40.27 -12.49
N GLU E 165 -2.04 -38.98 -12.63
CA GLU E 165 -2.82 -38.17 -13.57
C GLU E 165 -2.50 -38.59 -14.99
N GLN E 166 -3.38 -38.21 -15.92
CA GLN E 166 -3.18 -38.55 -17.31
C GLN E 166 -1.88 -37.93 -17.81
N ASP E 167 -1.02 -38.76 -18.37
CA ASP E 167 0.32 -38.31 -18.76
C ASP E 167 0.24 -37.28 -19.88
N SER E 168 1.08 -36.26 -19.79
CA SER E 168 1.09 -35.16 -20.75
C SER E 168 1.77 -35.51 -22.06
N LYS E 169 2.32 -36.72 -22.19
CA LYS E 169 3.05 -37.12 -23.39
C LYS E 169 2.29 -38.17 -24.20
N ASP E 170 1.78 -39.22 -23.56
CA ASP E 170 1.04 -40.27 -24.25
C ASP E 170 -0.40 -40.43 -23.79
N SER E 171 -0.87 -39.57 -22.88
CA SER E 171 -2.28 -39.59 -22.42
C SER E 171 -2.66 -40.93 -21.79
N THR E 172 -1.69 -41.65 -21.24
CA THR E 172 -1.96 -42.90 -20.56
C THR E 172 -1.96 -42.68 -19.05
N TYR E 173 -2.41 -43.71 -18.33
CA TYR E 173 -2.39 -43.71 -16.88
C TYR E 173 -1.49 -44.82 -16.37
N SER E 174 -1.07 -44.69 -15.12
CA SER E 174 -0.28 -45.71 -14.45
C SER E 174 -0.84 -45.94 -13.06
N LEU E 175 -0.77 -47.20 -12.62
CA LEU E 175 -1.35 -47.61 -11.35
C LEU E 175 -0.33 -48.38 -10.54
N SER E 176 -0.33 -48.15 -9.22
CA SER E 176 0.53 -48.87 -8.29
C SER E 176 -0.34 -49.41 -7.16
N SER E 177 -0.36 -50.73 -7.00
CA SER E 177 -1.12 -51.40 -5.95
C SER E 177 -0.17 -52.12 -5.02
N THR E 178 -0.37 -51.96 -3.72
CA THR E 178 0.54 -52.51 -2.71
C THR E 178 -0.23 -53.45 -1.79
N LEU E 179 0.18 -54.71 -1.77
CA LEU E 179 -0.33 -55.69 -0.82
C LEU E 179 0.57 -55.70 0.41
N THR E 180 -0.04 -55.67 1.60
CA THR E 180 0.70 -55.52 2.85
C THR E 180 0.40 -56.70 3.76
N LEU E 181 1.43 -57.47 4.08
CA LEU E 181 1.35 -58.56 5.04
C LEU E 181 2.46 -58.40 6.07
N SER E 182 2.27 -59.04 7.23
CA SER E 182 3.35 -59.13 8.20
C SER E 182 4.40 -60.11 7.72
N LYS E 183 5.60 -60.01 8.31
CA LYS E 183 6.67 -60.93 7.96
C LYS E 183 6.27 -62.38 8.20
N ALA E 184 5.47 -62.63 9.25
CA ALA E 184 5.04 -63.99 9.54
C ALA E 184 4.14 -64.53 8.43
N ASP E 185 3.11 -63.78 8.06
CA ASP E 185 2.19 -64.25 7.02
C ASP E 185 2.88 -64.39 5.67
N TYR E 186 3.78 -63.47 5.34
CA TYR E 186 4.47 -63.53 4.05
C TYR E 186 5.33 -64.79 3.93
N GLU E 187 6.01 -65.17 5.01
CA GLU E 187 6.85 -66.35 4.97
C GLU E 187 6.07 -67.65 5.08
N LYS E 188 4.76 -67.58 5.31
CA LYS E 188 3.93 -68.78 5.37
C LYS E 188 3.46 -69.25 4.00
N HIS E 189 3.70 -68.48 2.95
CA HIS E 189 3.24 -68.81 1.61
C HIS E 189 4.38 -68.64 0.61
N LYS E 190 4.15 -69.14 -0.61
CA LYS E 190 5.20 -69.23 -1.63
C LYS E 190 4.92 -68.40 -2.86
N VAL E 191 3.76 -68.55 -3.48
CA VAL E 191 3.46 -67.94 -4.77
C VAL E 191 2.64 -66.68 -4.54
N TYR E 192 3.14 -65.55 -5.02
CA TYR E 192 2.47 -64.26 -4.91
C TYR E 192 2.27 -63.69 -6.30
N ALA E 193 1.01 -63.38 -6.64
CA ALA E 193 0.67 -62.90 -7.97
C ALA E 193 -0.39 -61.81 -7.89
N CYS E 194 -0.28 -60.84 -8.79
CA CYS E 194 -1.36 -59.88 -9.04
C CYS E 194 -1.91 -60.13 -10.43
N GLU E 195 -3.23 -60.31 -10.51
CA GLU E 195 -3.92 -60.54 -11.78
C GLU E 195 -4.52 -59.23 -12.26
N VAL E 196 -4.18 -58.85 -13.49
CA VAL E 196 -4.57 -57.56 -14.05
C VAL E 196 -5.58 -57.79 -15.17
N THR E 197 -6.77 -57.22 -15.03
CA THR E 197 -7.80 -57.23 -16.06
C THR E 197 -7.94 -55.81 -16.61
N HIS E 198 -7.91 -55.68 -17.94
CA HIS E 198 -7.97 -54.37 -18.57
C HIS E 198 -8.53 -54.54 -19.98
N GLN E 199 -9.05 -53.43 -20.52
CA GLN E 199 -9.68 -53.47 -21.84
C GLN E 199 -8.69 -53.90 -22.91
N GLY E 200 -7.44 -53.47 -22.79
CA GLY E 200 -6.45 -53.86 -23.77
C GLY E 200 -6.00 -55.30 -23.68
N LEU E 201 -6.47 -56.04 -22.68
CA LEU E 201 -6.12 -57.44 -22.49
C LEU E 201 -7.33 -58.30 -22.83
N SER E 202 -7.16 -59.24 -23.75
CA SER E 202 -8.23 -60.17 -24.10
C SER E 202 -8.59 -61.09 -22.94
N SER E 203 -7.67 -61.31 -22.02
CA SER E 203 -7.88 -62.15 -20.85
C SER E 203 -6.99 -61.62 -19.73
N PRO E 204 -7.36 -61.86 -18.47
CA PRO E 204 -6.58 -61.29 -17.35
C PRO E 204 -5.12 -61.74 -17.40
N VAL E 205 -4.22 -60.77 -17.28
CA VAL E 205 -2.79 -61.03 -17.27
C VAL E 205 -2.33 -61.18 -15.83
N THR E 206 -1.51 -62.19 -15.56
CA THR E 206 -1.00 -62.48 -14.24
C THR E 206 0.52 -62.43 -14.24
N LYS E 207 1.09 -61.68 -13.29
CA LYS E 207 2.52 -61.67 -13.04
C LYS E 207 2.76 -62.17 -11.62
N SER E 208 3.66 -63.14 -11.49
CA SER E 208 3.88 -63.81 -10.21
C SER E 208 5.38 -63.94 -9.93
N PHE E 209 5.67 -64.41 -8.72
CA PHE E 209 7.03 -64.75 -8.32
C PHE E 209 6.97 -65.78 -7.20
N ASN E 210 8.00 -66.61 -7.12
CA ASN E 210 8.13 -67.59 -6.05
C ASN E 210 8.99 -67.00 -4.93
N ARG E 211 8.48 -67.02 -3.71
CA ARG E 211 9.21 -66.48 -2.57
C ARG E 211 10.61 -67.08 -2.49
N GLY E 212 11.61 -66.20 -2.56
CA GLY E 212 13.01 -66.56 -2.50
C GLY E 212 13.65 -66.74 -3.86
N GLU E 213 12.87 -67.06 -4.88
CA GLU E 213 13.40 -67.29 -6.21
C GLU E 213 14.16 -66.06 -6.71
N CYS E 214 15.45 -66.26 -7.00
CA CYS E 214 16.31 -65.18 -7.49
C CYS E 214 15.73 -64.44 -8.70
N THR F 10 68.87 24.25 24.29
CA THR F 10 68.32 23.85 23.00
C THR F 10 67.88 22.38 23.03
N ASN F 11 66.58 22.17 23.28
CA ASN F 11 65.97 20.87 23.39
C ASN F 11 65.25 20.48 22.09
N LEU F 12 64.74 19.26 22.07
CA LEU F 12 64.03 18.78 20.89
C LEU F 12 62.72 19.53 20.70
N CYS F 13 62.28 19.61 19.45
CA CYS F 13 61.02 20.23 19.02
C CYS F 13 59.86 19.25 19.14
N PRO F 14 58.67 19.73 19.50
CA PRO F 14 57.51 18.85 19.60
C PRO F 14 56.86 18.58 18.25
N PHE F 15 57.67 18.29 17.23
CA PHE F 15 57.11 17.99 15.91
C PHE F 15 56.27 16.72 15.94
N GLY F 16 56.61 15.77 16.81
CA GLY F 16 55.80 14.57 16.94
C GLY F 16 54.39 14.89 17.36
N GLU F 17 54.25 15.81 18.33
CA GLU F 17 52.93 16.26 18.77
C GLU F 17 52.18 17.04 17.71
N VAL F 18 52.85 17.44 16.62
CA VAL F 18 52.21 18.12 15.51
C VAL F 18 51.88 17.17 14.36
N PHE F 19 52.89 16.44 13.88
CA PHE F 19 52.67 15.54 12.74
C PHE F 19 51.86 14.31 13.15
N ASN F 20 52.12 13.78 14.34
CA ASN F 20 51.50 12.54 14.80
C ASN F 20 50.33 12.78 15.76
N ALA F 21 49.72 13.96 15.71
CA ALA F 21 48.53 14.22 16.52
C ALA F 21 47.43 13.23 16.16
N THR F 22 46.69 12.77 17.17
CA THR F 22 45.67 11.76 16.96
C THR F 22 44.64 12.21 15.93
N ARG F 23 44.12 13.42 16.09
CA ARG F 23 43.13 13.93 15.18
C ARG F 23 43.56 15.30 14.67
N PHE F 24 43.30 15.57 13.39
CA PHE F 24 43.54 16.85 12.76
C PHE F 24 42.24 17.65 12.68
N ALA F 25 42.37 18.90 12.29
CA ALA F 25 41.24 19.81 12.19
C ALA F 25 40.75 19.92 10.75
N SER F 26 39.50 20.34 10.59
CA SER F 26 38.98 20.66 9.28
C SER F 26 39.70 21.89 8.72
N VAL F 27 39.80 21.95 7.40
CA VAL F 27 40.60 23.00 6.76
C VAL F 27 40.05 24.38 7.09
N TYR F 28 38.73 24.53 7.15
CA TYR F 28 38.15 25.83 7.46
C TYR F 28 38.48 26.26 8.89
N ALA F 29 38.63 25.29 9.80
CA ALA F 29 39.02 25.58 11.18
C ALA F 29 40.45 25.12 11.43
N TRP F 30 41.37 25.55 10.56
CA TRP F 30 42.74 25.06 10.62
C TRP F 30 43.42 25.49 11.91
N ASN F 31 44.16 24.56 12.51
CA ASN F 31 44.79 24.75 13.80
C ASN F 31 46.21 25.25 13.63
N ARG F 32 46.68 26.04 14.60
CA ARG F 32 48.01 26.63 14.56
C ARG F 32 48.74 26.31 15.86
N LYS F 33 49.98 25.84 15.73
CA LYS F 33 50.84 25.53 16.86
C LYS F 33 52.07 26.45 16.82
N ARG F 34 52.25 27.25 17.86
CA ARG F 34 53.44 28.08 17.96
C ARG F 34 54.61 27.24 18.47
N ILE F 35 55.73 27.32 17.76
CA ILE F 35 56.92 26.53 18.07
C ILE F 35 58.10 27.47 18.19
N SER F 36 58.78 27.44 19.34
CA SER F 36 59.91 28.31 19.58
C SER F 36 60.91 27.61 20.49
N ASN F 37 62.15 28.12 20.47
CA ASN F 37 63.20 27.70 21.38
C ASN F 37 63.42 26.18 21.35
N CYS F 38 63.61 25.65 20.15
CA CYS F 38 63.84 24.22 19.99
C CYS F 38 64.73 23.99 18.77
N VAL F 39 65.30 22.79 18.71
CA VAL F 39 66.17 22.38 17.61
C VAL F 39 65.57 21.13 16.97
N ALA F 40 65.40 21.19 15.66
CA ALA F 40 64.84 20.08 14.90
C ALA F 40 65.82 19.63 13.83
N ASP F 41 65.63 18.40 13.38
CA ASP F 41 66.40 17.83 12.27
C ASP F 41 65.44 17.75 11.09
N TYR F 42 65.48 18.76 10.22
CA TYR F 42 64.57 18.73 9.07
C TYR F 42 65.00 17.72 8.02
N SER F 43 66.23 17.19 8.11
CA SER F 43 66.67 16.21 7.12
C SER F 43 65.88 14.93 7.21
N VAL F 44 65.46 14.52 8.41
CA VAL F 44 64.67 13.31 8.54
C VAL F 44 63.25 13.51 8.02
N LEU F 45 62.79 14.76 7.93
CA LEU F 45 61.48 15.03 7.34
C LEU F 45 61.56 15.03 5.81
N TYR F 46 62.55 15.73 5.25
CA TYR F 46 62.74 15.73 3.81
C TYR F 46 63.03 14.34 3.27
N ASN F 47 63.77 13.54 4.04
CA ASN F 47 64.15 12.19 3.63
C ASN F 47 63.01 11.18 3.72
N SER F 48 61.85 11.57 4.24
CA SER F 48 60.78 10.64 4.56
C SER F 48 59.89 10.44 3.34
N ALA F 49 59.84 9.21 2.84
CA ALA F 49 58.86 8.85 1.82
C ALA F 49 57.44 8.81 2.35
N SER F 50 57.26 8.83 3.68
CA SER F 50 55.92 8.95 4.25
C SER F 50 55.22 10.22 3.77
N PHE F 51 55.97 11.29 3.54
CA PHE F 51 55.41 12.56 3.15
C PHE F 51 55.26 12.61 1.64
N SER F 52 54.01 12.71 1.17
CA SER F 52 53.74 12.79 -0.27
C SER F 52 54.12 14.15 -0.84
N THR F 53 54.18 15.18 0.00
CA THR F 53 54.50 16.52 -0.45
C THR F 53 55.47 17.14 0.54
N PHE F 54 56.56 17.72 0.02
CA PHE F 54 57.54 18.45 0.82
C PHE F 54 58.09 19.57 -0.07
N LYS F 55 57.36 20.68 -0.09
CA LYS F 55 57.67 21.80 -0.96
C LYS F 55 57.84 23.06 -0.13
N CYS F 56 58.97 23.73 -0.29
CA CYS F 56 59.31 24.91 0.49
C CYS F 56 59.38 26.14 -0.42
N TYR F 57 59.16 27.30 0.19
CA TYR F 57 59.11 28.57 -0.52
C TYR F 57 59.94 29.60 0.24
N GLY F 58 60.77 30.35 -0.49
CA GLY F 58 61.68 31.30 0.14
C GLY F 58 62.84 30.67 0.86
N VAL F 59 62.91 29.35 0.94
CA VAL F 59 64.00 28.63 1.60
C VAL F 59 64.20 27.32 0.88
N SER F 60 65.46 26.93 0.72
CA SER F 60 65.76 25.68 0.02
C SER F 60 65.29 24.49 0.85
N PRO F 61 64.57 23.54 0.27
CA PRO F 61 64.17 22.36 1.03
C PRO F 61 65.32 21.41 1.31
N THR F 62 66.42 21.52 0.57
CA THR F 62 67.57 20.65 0.78
C THR F 62 68.58 21.19 1.78
N LYS F 63 68.41 22.44 2.26
CA LYS F 63 69.41 23.06 3.12
C LYS F 63 68.78 23.74 4.33
N LEU F 64 67.59 23.31 4.76
CA LEU F 64 66.91 24.01 5.85
C LEU F 64 67.67 23.94 7.17
N ASN F 65 68.47 22.88 7.37
CA ASN F 65 69.12 22.69 8.65
C ASN F 65 70.12 23.80 8.96
N ASP F 66 70.71 24.41 7.95
CA ASP F 66 71.68 25.49 8.16
C ASP F 66 71.03 26.86 8.03
N LEU F 67 69.88 27.04 8.69
CA LEU F 67 69.18 28.32 8.72
C LEU F 67 68.68 28.58 10.12
N CYS F 68 68.30 29.83 10.38
CA CYS F 68 67.81 30.25 11.68
C CYS F 68 66.71 31.28 11.47
N PHE F 69 65.60 31.09 12.20
CA PHE F 69 64.51 32.06 12.21
C PHE F 69 64.05 32.28 13.64
N THR F 70 63.32 33.37 13.86
CA THR F 70 62.95 33.76 15.21
C THR F 70 61.84 32.87 15.76
N ASN F 71 60.81 32.61 14.97
CA ASN F 71 59.66 31.83 15.44
C ASN F 71 59.21 30.88 14.34
N VAL F 72 58.47 29.84 14.74
CA VAL F 72 57.95 28.85 13.81
C VAL F 72 56.48 28.59 14.13
N TYR F 73 55.62 28.73 13.13
CA TYR F 73 54.21 28.39 13.24
C TYR F 73 53.94 27.11 12.44
N ALA F 74 53.18 26.20 13.04
CA ALA F 74 52.86 24.91 12.42
C ALA F 74 51.35 24.82 12.26
N ASP F 75 50.86 25.14 11.06
CA ASP F 75 49.44 25.05 10.74
C ASP F 75 49.14 23.68 10.16
N SER F 76 48.05 23.06 10.63
CA SER F 76 47.68 21.72 10.20
C SER F 76 46.18 21.67 9.95
N PHE F 77 45.79 20.83 9.00
CA PHE F 77 44.39 20.63 8.62
C PHE F 77 44.32 19.42 7.70
N VAL F 78 43.11 19.09 7.27
CA VAL F 78 42.86 17.98 6.36
C VAL F 78 42.11 18.51 5.14
N ILE F 79 42.60 18.15 3.95
CA ILE F 79 41.91 18.36 2.69
C ILE F 79 42.00 17.06 1.90
N ARG F 80 41.47 17.08 0.69
CA ARG F 80 41.63 15.93 -0.20
C ARG F 80 42.78 16.17 -1.17
N GLY F 81 43.31 15.07 -1.70
CA GLY F 81 44.56 15.11 -2.43
C GLY F 81 44.59 16.13 -3.54
N ASP F 82 43.52 16.21 -4.33
CA ASP F 82 43.46 17.14 -5.45
C ASP F 82 43.58 18.59 -5.02
N GLU F 83 43.42 18.89 -3.73
CA GLU F 83 43.47 20.25 -3.23
C GLU F 83 44.82 20.63 -2.61
N VAL F 84 45.71 19.66 -2.40
CA VAL F 84 47.03 19.97 -1.84
C VAL F 84 47.77 20.99 -2.69
N ARG F 85 47.56 20.96 -4.01
CA ARG F 85 48.20 21.94 -4.88
C ARG F 85 47.73 23.36 -4.60
N GLN F 86 46.59 23.52 -3.94
CA GLN F 86 46.14 24.86 -3.56
C GLN F 86 46.89 25.42 -2.36
N ILE F 87 47.55 24.55 -1.58
CA ILE F 87 48.32 24.99 -0.44
C ILE F 87 49.70 25.44 -0.93
N ALA F 88 49.72 26.57 -1.63
CA ALA F 88 50.93 27.14 -2.19
C ALA F 88 50.69 28.61 -2.46
N PRO F 89 51.74 29.44 -2.49
CA PRO F 89 51.53 30.86 -2.77
C PRO F 89 51.00 31.08 -4.18
N GLY F 90 50.13 32.07 -4.32
CA GLY F 90 49.58 32.43 -5.61
C GLY F 90 48.59 31.45 -6.20
N GLN F 91 47.98 30.60 -5.39
CA GLN F 91 47.06 29.60 -5.89
C GLN F 91 45.61 30.04 -5.69
N THR F 92 44.74 29.46 -6.51
CA THR F 92 43.31 29.76 -6.48
C THR F 92 42.52 28.46 -6.43
N GLY F 93 41.28 28.59 -5.96
CA GLY F 93 40.43 27.42 -5.79
C GLY F 93 39.60 27.49 -4.52
N LYS F 94 38.84 26.43 -4.24
CA LYS F 94 37.98 26.41 -3.06
C LYS F 94 38.80 26.60 -1.78
N ILE F 95 39.90 25.84 -1.64
CA ILE F 95 40.66 25.87 -0.40
C ILE F 95 41.44 27.16 -0.28
N ALA F 96 42.13 27.56 -1.35
CA ALA F 96 42.97 28.75 -1.29
C ALA F 96 42.17 30.02 -1.08
N ASP F 97 40.96 30.09 -1.63
CA ASP F 97 40.16 31.31 -1.58
C ASP F 97 39.26 31.38 -0.35
N TYR F 98 38.70 30.25 0.09
CA TYR F 98 37.68 30.25 1.12
C TYR F 98 38.08 29.54 2.40
N ASN F 99 39.28 28.95 2.47
CA ASN F 99 39.61 28.13 3.63
C ASN F 99 40.98 28.49 4.22
N TYR F 100 42.03 28.51 3.40
CA TYR F 100 43.38 28.71 3.90
C TYR F 100 44.21 29.34 2.79
N LYS F 101 44.53 30.62 2.94
CA LYS F 101 45.30 31.37 1.95
C LYS F 101 46.71 31.62 2.46
N LEU F 102 47.70 31.28 1.63
CA LEU F 102 49.10 31.60 1.89
C LEU F 102 49.48 32.88 1.15
N PRO F 103 50.34 33.70 1.71
CA PRO F 103 50.76 34.92 1.03
C PRO F 103 51.79 34.63 -0.05
N ASP F 104 51.92 35.58 -0.97
CA ASP F 104 52.89 35.44 -2.05
C ASP F 104 54.33 35.43 -1.52
N ASP F 105 54.60 36.23 -0.49
CA ASP F 105 55.92 36.28 0.13
C ASP F 105 56.07 35.27 1.26
N PHE F 106 55.29 34.19 1.25
CA PHE F 106 55.40 33.16 2.26
C PHE F 106 56.80 32.57 2.28
N THR F 107 57.37 32.45 3.48
CA THR F 107 58.68 31.86 3.67
C THR F 107 58.53 30.67 4.59
N GLY F 108 58.47 29.46 4.01
CA GLY F 108 58.32 28.25 4.78
C GLY F 108 58.15 27.01 3.92
N CYS F 109 57.44 26.01 4.43
CA CYS F 109 57.30 24.75 3.71
C CYS F 109 55.88 24.24 3.87
N VAL F 110 55.48 23.36 2.96
CA VAL F 110 54.16 22.73 2.97
C VAL F 110 54.37 21.23 2.86
N ILE F 111 53.95 20.49 3.88
CA ILE F 111 54.12 19.05 3.95
C ILE F 111 52.74 18.39 4.05
N ALA F 112 52.56 17.29 3.33
CA ALA F 112 51.28 16.58 3.34
C ALA F 112 51.52 15.10 3.09
N TRP F 113 50.61 14.27 3.62
CA TRP F 113 50.66 12.84 3.41
C TRP F 113 49.24 12.28 3.35
N ASN F 114 49.11 11.13 2.68
CA ASN F 114 47.81 10.48 2.54
C ASN F 114 47.36 9.92 3.89
N SER F 115 46.13 10.26 4.28
CA SER F 115 45.57 9.87 5.57
C SER F 115 44.29 9.07 5.38
N ASN F 116 44.24 8.23 4.35
CA ASN F 116 43.04 7.46 4.07
C ASN F 116 42.71 6.49 5.20
N ASN F 117 43.73 5.85 5.77
CA ASN F 117 43.49 4.84 6.79
C ASN F 117 42.99 5.42 8.10
N LEU F 118 43.16 6.72 8.32
CA LEU F 118 42.73 7.36 9.57
C LEU F 118 41.48 8.19 9.43
N ASP F 119 41.32 8.92 8.34
CA ASP F 119 40.28 9.93 8.22
C ASP F 119 39.18 9.55 7.24
N SER F 120 39.31 8.42 6.56
CA SER F 120 38.23 7.91 5.72
C SER F 120 37.45 6.86 6.49
N LYS F 121 36.16 6.78 6.19
CA LYS F 121 35.26 5.83 6.82
C LYS F 121 34.35 5.25 5.74
N VAL F 122 34.07 3.95 5.85
CA VAL F 122 33.16 3.33 4.89
C VAL F 122 31.79 3.96 5.03
N GLY F 123 31.20 4.33 3.88
CA GLY F 123 29.97 5.10 3.89
C GLY F 123 30.16 6.59 3.90
N GLY F 124 31.37 7.07 4.20
CA GLY F 124 31.66 8.49 4.18
C GLY F 124 31.82 9.11 5.55
N ASN F 125 32.97 9.76 5.78
CA ASN F 125 33.20 10.45 7.03
C ASN F 125 32.52 11.81 7.02
N TYR F 126 31.96 12.19 8.17
CA TYR F 126 31.18 13.42 8.30
C TYR F 126 31.85 14.47 9.17
N ASN F 127 33.03 14.20 9.70
CA ASN F 127 33.67 15.12 10.64
C ASN F 127 34.45 16.23 9.95
N TYR F 128 35.08 15.95 8.81
CA TYR F 128 35.92 16.92 8.12
C TYR F 128 35.08 17.73 7.13
N ARG F 129 35.17 19.05 7.23
CA ARG F 129 34.38 19.94 6.40
C ARG F 129 35.28 20.99 5.75
N TYR F 130 34.71 21.67 4.75
CA TYR F 130 35.37 22.75 4.05
C TYR F 130 34.36 23.84 3.76
N ARG F 131 34.84 25.08 3.63
CA ARG F 131 33.96 26.18 3.28
C ARG F 131 33.74 26.19 1.77
N LEU F 132 32.47 26.17 1.36
CA LEU F 132 32.11 26.10 -0.05
C LEU F 132 31.83 27.45 -0.67
N PHE F 133 31.29 28.40 0.11
CA PHE F 133 30.94 29.71 -0.39
C PHE F 133 31.46 30.79 0.55
N ARG F 134 31.77 31.95 -0.02
CA ARG F 134 32.16 33.12 0.75
C ARG F 134 32.01 34.36 -0.12
N LYS F 135 31.66 35.46 0.53
CA LYS F 135 31.42 36.72 -0.19
C LYS F 135 32.70 37.20 -0.87
N SER F 136 33.79 37.29 -0.11
CA SER F 136 35.09 37.71 -0.64
C SER F 136 36.14 36.66 -0.32
N ASN F 137 37.33 36.83 -0.90
CA ASN F 137 38.41 35.89 -0.70
C ASN F 137 39.10 36.14 0.64
N LEU F 138 39.67 35.08 1.20
CA LEU F 138 40.37 35.20 2.48
C LEU F 138 41.70 35.91 2.31
N LYS F 139 42.02 36.76 3.28
CA LYS F 139 43.35 37.31 3.38
C LYS F 139 44.32 36.20 3.82
N PRO F 140 45.61 36.34 3.52
CA PRO F 140 46.57 35.31 3.92
C PRO F 140 46.55 35.08 5.43
N PHE F 141 46.40 33.80 5.80
CA PHE F 141 46.37 33.32 7.19
C PHE F 141 45.10 33.74 7.92
N GLU F 142 44.04 34.10 7.21
CA GLU F 142 42.77 34.39 7.87
C GLU F 142 42.02 33.10 8.17
N ARG F 143 41.22 33.13 9.23
CA ARG F 143 40.47 31.97 9.70
C ARG F 143 39.01 32.35 9.85
N ASP F 144 38.14 31.70 9.06
CA ASP F 144 36.72 32.00 9.02
C ASP F 144 35.96 30.75 9.41
N ILE F 145 35.26 30.82 10.54
CA ILE F 145 34.49 29.68 11.06
C ILE F 145 33.01 30.02 11.21
N SER F 146 32.55 31.12 10.62
CA SER F 146 31.15 31.48 10.70
C SER F 146 30.30 30.47 9.91
N THR F 147 29.03 30.38 10.30
CA THR F 147 28.09 29.46 9.68
C THR F 147 26.86 30.19 9.17
N GLU F 148 27.06 31.40 8.67
CA GLU F 148 25.96 32.19 8.12
C GLU F 148 25.54 31.62 6.77
N ILE F 149 24.23 31.65 6.50
CA ILE F 149 23.71 31.15 5.23
C ILE F 149 24.20 32.03 4.10
N TYR F 150 24.73 31.40 3.05
CA TYR F 150 25.27 32.13 1.91
C TYR F 150 24.14 32.60 1.01
N GLN F 151 24.05 33.91 0.78
CA GLN F 151 23.06 34.49 -0.11
C GLN F 151 23.67 34.54 -1.52
N ALA F 152 23.28 33.59 -2.37
CA ALA F 152 23.79 33.54 -3.73
C ALA F 152 23.03 34.44 -4.69
N GLY F 153 21.79 34.79 -4.37
CA GLY F 153 20.99 35.70 -5.16
C GLY F 153 20.92 37.09 -4.57
N SER F 154 19.91 37.84 -5.01
CA SER F 154 19.66 39.18 -4.48
C SER F 154 18.62 39.18 -3.37
N THR F 155 17.79 38.15 -3.28
CA THR F 155 16.80 38.10 -2.21
C THR F 155 17.47 37.63 -0.92
N PRO F 156 17.23 38.30 0.20
CA PRO F 156 17.90 37.90 1.45
C PRO F 156 17.31 36.61 1.99
N CYS F 157 18.20 35.66 2.30
CA CYS F 157 17.80 34.55 3.16
C CYS F 157 17.48 35.08 4.56
N ASN F 158 16.79 34.28 5.34
CA ASN F 158 16.45 34.64 6.71
C ASN F 158 16.77 33.50 7.65
N GLY F 159 18.01 33.02 7.59
CA GLY F 159 18.42 31.85 8.33
C GLY F 159 17.86 30.55 7.81
N VAL F 160 17.07 30.57 6.74
CA VAL F 160 16.49 29.38 6.14
C VAL F 160 17.21 29.11 4.82
N GLU F 161 17.60 27.86 4.61
CA GLU F 161 18.26 27.46 3.38
C GLU F 161 17.23 27.28 2.26
N GLY F 162 17.71 27.35 1.02
CA GLY F 162 16.82 27.16 -0.11
C GLY F 162 17.48 27.55 -1.42
N PHE F 163 16.64 27.99 -2.36
CA PHE F 163 17.14 28.45 -3.64
C PHE F 163 18.04 29.67 -3.46
N ASN F 164 19.28 29.57 -3.91
CA ASN F 164 20.30 30.60 -3.73
C ASN F 164 20.56 30.92 -2.26
N CYS F 165 20.27 29.97 -1.36
CA CYS F 165 20.53 30.14 0.07
C CYS F 165 21.09 28.82 0.58
N TYR F 166 22.41 28.76 0.72
CA TYR F 166 23.10 27.51 0.96
C TYR F 166 23.95 27.61 2.22
N PHE F 167 23.98 26.53 2.99
CA PHE F 167 24.88 26.42 4.12
C PHE F 167 26.33 26.45 3.62
N PRO F 168 27.22 27.20 4.27
CA PRO F 168 28.56 27.41 3.71
C PRO F 168 29.53 26.26 3.93
N LEU F 169 29.30 25.40 4.92
CA LEU F 169 30.20 24.29 5.21
C LEU F 169 29.63 23.00 4.65
N GLN F 170 30.49 22.22 4.01
CA GLN F 170 30.10 20.94 3.42
C GLN F 170 31.05 19.84 3.86
N SER F 171 30.51 18.65 4.03
CA SER F 171 31.29 17.49 4.44
C SER F 171 32.04 16.89 3.25
N TYR F 172 33.27 16.45 3.49
CA TYR F 172 34.06 15.83 2.43
C TYR F 172 33.54 14.44 2.09
N GLY F 173 32.96 13.72 3.05
CA GLY F 173 32.49 12.37 2.83
C GLY F 173 33.59 11.40 2.41
N PHE F 174 34.72 11.44 3.11
CA PHE F 174 35.86 10.59 2.75
C PHE F 174 35.51 9.11 2.89
N GLN F 175 35.73 8.36 1.81
CA GLN F 175 35.54 6.92 1.75
C GLN F 175 36.85 6.24 1.37
N PRO F 176 37.13 5.05 1.93
CA PRO F 176 38.38 4.37 1.58
C PRO F 176 38.45 3.95 0.12
N THR F 177 37.31 3.70 -0.51
CA THR F 177 37.27 3.31 -1.92
C THR F 177 37.37 4.48 -2.88
N ASN F 178 37.38 5.72 -2.37
CA ASN F 178 37.52 6.88 -3.24
C ASN F 178 38.82 6.82 -4.03
N GLY F 179 38.83 7.50 -5.18
CA GLY F 179 40.08 7.74 -5.86
C GLY F 179 41.04 8.53 -4.98
N VAL F 180 42.33 8.23 -5.13
CA VAL F 180 43.34 8.85 -4.28
C VAL F 180 43.24 10.36 -4.31
N GLY F 181 42.85 10.93 -5.46
CA GLY F 181 42.61 12.37 -5.54
C GLY F 181 41.44 12.86 -4.72
N TYR F 182 40.65 11.95 -4.15
CA TYR F 182 39.56 12.29 -3.24
C TYR F 182 39.75 11.72 -1.85
N GLN F 183 40.83 10.99 -1.60
CA GLN F 183 41.12 10.47 -0.28
C GLN F 183 41.62 11.59 0.63
N PRO F 184 41.48 11.43 1.95
CA PRO F 184 41.91 12.50 2.86
C PRO F 184 43.43 12.61 2.91
N TYR F 185 43.90 13.85 3.05
CA TYR F 185 45.31 14.14 3.21
C TYR F 185 45.48 15.08 4.39
N ARG F 186 46.44 14.78 5.26
CA ARG F 186 46.77 15.64 6.38
C ARG F 186 47.94 16.53 5.98
N VAL F 187 47.77 17.84 6.13
CA VAL F 187 48.74 18.83 5.68
C VAL F 187 49.32 19.53 6.89
N VAL F 188 50.60 19.87 6.81
CA VAL F 188 51.28 20.68 7.82
C VAL F 188 52.02 21.78 7.10
N VAL F 189 51.73 23.03 7.46
CA VAL F 189 52.37 24.20 6.87
C VAL F 189 53.28 24.82 7.92
N LEU F 190 54.57 24.84 7.64
CA LEU F 190 55.55 25.47 8.51
C LEU F 190 55.88 26.85 7.96
N SER F 191 55.71 27.88 8.78
CA SER F 191 56.11 29.23 8.45
C SER F 191 57.13 29.74 9.45
N PHE F 192 58.03 30.59 8.99
CA PHE F 192 59.11 31.12 9.81
C PHE F 192 59.04 32.64 9.78
N GLU F 193 58.81 33.26 10.94
CA GLU F 193 58.65 34.70 11.00
C GLU F 193 59.87 35.39 11.61
N GLN G 1 27.15 33.02 -24.82
CA GLN G 1 26.36 31.84 -25.17
C GLN G 1 26.06 31.01 -23.93
N VAL G 2 25.25 31.57 -23.02
CA VAL G 2 24.85 30.86 -21.81
C VAL G 2 23.86 29.77 -22.23
N GLN G 3 24.29 28.51 -22.17
CA GLN G 3 23.56 27.43 -22.79
C GLN G 3 23.41 26.25 -21.86
N LEU G 4 22.40 25.44 -22.13
CA LEU G 4 22.13 24.20 -21.40
C LEU G 4 21.68 23.17 -22.43
N VAL G 5 22.56 22.22 -22.77
CA VAL G 5 22.32 21.28 -23.84
C VAL G 5 22.15 19.87 -23.26
N GLN G 6 21.07 19.20 -23.66
CA GLN G 6 20.68 17.91 -23.11
C GLN G 6 20.98 16.79 -24.11
N SER G 7 20.80 15.56 -23.63
CA SER G 7 21.04 14.37 -24.43
C SER G 7 20.00 14.22 -25.54
N GLY G 8 20.32 13.36 -26.51
CA GLY G 8 19.42 13.07 -27.58
C GLY G 8 18.28 12.18 -27.14
N PRO G 9 17.42 11.82 -28.09
CA PRO G 9 16.24 11.02 -27.75
C PRO G 9 16.62 9.64 -27.24
N GLU G 10 15.81 9.13 -26.32
CA GLU G 10 16.01 7.82 -25.72
C GLU G 10 14.79 6.95 -25.94
N VAL G 11 15.02 5.69 -26.28
CA VAL G 11 13.97 4.70 -26.47
C VAL G 11 14.41 3.45 -25.70
N LYS G 12 13.82 3.21 -24.54
CA LYS G 12 14.23 2.12 -23.67
C LYS G 12 13.04 1.19 -23.39
N LYS G 13 13.33 -0.10 -23.33
CA LYS G 13 12.32 -1.10 -23.02
C LYS G 13 11.81 -0.91 -21.60
N PRO G 14 10.60 -1.39 -21.30
CA PRO G 14 10.06 -1.23 -19.95
C PRO G 14 10.89 -1.99 -18.93
N GLY G 15 11.14 -1.33 -17.79
CA GLY G 15 11.87 -1.94 -16.70
C GLY G 15 13.36 -1.66 -16.68
N THR G 16 13.89 -0.97 -17.68
CA THR G 16 15.30 -0.63 -17.72
C THR G 16 15.50 0.74 -17.05
N SER G 17 16.66 1.36 -17.28
CA SER G 17 16.95 2.69 -16.76
C SER G 17 17.37 3.60 -17.89
N VAL G 18 17.19 4.90 -17.68
CA VAL G 18 17.67 5.92 -18.60
C VAL G 18 18.41 6.98 -17.77
N LYS G 19 19.51 7.48 -18.33
CA LYS G 19 20.30 8.52 -17.68
C LYS G 19 20.49 9.66 -18.68
N VAL G 20 19.82 10.77 -18.44
CA VAL G 20 19.85 11.92 -19.33
C VAL G 20 20.93 12.88 -18.85
N SER G 21 21.69 13.44 -19.79
CA SER G 21 22.74 14.39 -19.49
C SER G 21 22.24 15.82 -19.72
N CYS G 22 22.89 16.76 -19.05
CA CYS G 22 22.53 18.18 -19.13
C CYS G 22 23.80 18.98 -18.86
N LYS G 23 24.43 19.45 -19.92
CA LYS G 23 25.72 20.12 -19.84
C LYS G 23 25.53 21.63 -19.91
N ALA G 24 26.29 22.36 -19.10
CA ALA G 24 26.20 23.80 -19.00
C ALA G 24 27.35 24.48 -19.73
N SER G 25 27.11 25.74 -20.10
CA SER G 25 28.11 26.55 -20.78
C SER G 25 27.71 28.02 -20.65
N GLY G 26 28.72 28.89 -20.64
CA GLY G 26 28.47 30.32 -20.60
C GLY G 26 28.57 30.91 -19.21
N PHE G 27 27.96 30.26 -18.24
CA PHE G 27 27.98 30.70 -16.84
C PHE G 27 28.91 29.78 -16.03
N THR G 28 29.04 30.12 -14.74
CA THR G 28 29.87 29.36 -13.82
C THR G 28 29.02 28.27 -13.19
N PHE G 29 29.23 27.02 -13.64
CA PHE G 29 28.42 25.91 -13.20
C PHE G 29 28.49 25.68 -11.69
N THR G 30 29.65 25.95 -11.07
CA THR G 30 29.89 25.46 -9.73
C THR G 30 28.98 26.11 -8.69
N THR G 31 28.49 27.31 -8.93
CA THR G 31 27.71 28.03 -7.92
C THR G 31 26.22 28.10 -8.23
N SER G 32 25.73 27.29 -9.17
CA SER G 32 24.33 27.29 -9.55
C SER G 32 23.64 26.02 -9.05
N ALA G 33 22.44 25.78 -9.58
CA ALA G 33 21.65 24.61 -9.24
C ALA G 33 20.84 24.21 -10.46
N VAL G 34 20.52 22.92 -10.55
CA VAL G 34 19.82 22.37 -11.71
C VAL G 34 18.59 21.63 -11.23
N GLN G 35 17.41 22.04 -11.69
CA GLN G 35 16.18 21.30 -11.46
C GLN G 35 15.83 20.47 -12.68
N TRP G 36 15.02 19.44 -12.47
CA TRP G 36 14.56 18.57 -13.53
C TRP G 36 13.03 18.55 -13.56
N VAL G 37 12.47 18.66 -14.77
CA VAL G 37 11.03 18.77 -14.97
C VAL G 37 10.67 17.94 -16.19
N ARG G 38 9.65 17.08 -16.05
CA ARG G 38 9.16 16.27 -17.16
C ARG G 38 7.79 16.75 -17.61
N GLN G 39 7.44 16.39 -18.84
CA GLN G 39 6.19 16.85 -19.45
C GLN G 39 5.71 15.77 -20.41
N ALA G 40 4.60 15.12 -20.07
CA ALA G 40 3.98 14.18 -20.98
C ALA G 40 3.35 14.93 -22.14
N ARG G 41 3.26 14.25 -23.30
CA ARG G 41 2.75 14.86 -24.52
C ARG G 41 1.36 15.46 -24.30
N GLY G 42 1.26 16.78 -24.36
CA GLY G 42 -0.01 17.46 -24.17
C GLY G 42 -0.40 17.70 -22.73
N GLN G 43 0.50 17.48 -21.78
CA GLN G 43 0.22 17.63 -20.37
C GLN G 43 1.02 18.79 -19.78
N ARG G 44 0.96 18.93 -18.46
CA ARG G 44 1.57 20.05 -17.77
C ARG G 44 3.00 19.75 -17.35
N LEU G 45 3.67 20.77 -16.82
CA LEU G 45 5.03 20.62 -16.33
C LEU G 45 4.99 19.99 -14.94
N GLU G 46 5.81 18.95 -14.75
CA GLU G 46 5.90 18.24 -13.47
C GLU G 46 7.31 18.40 -12.92
N TRP G 47 7.43 18.96 -11.72
CA TRP G 47 8.72 19.09 -11.07
C TRP G 47 9.17 17.73 -10.55
N ILE G 48 10.36 17.30 -10.95
CA ILE G 48 10.91 16.03 -10.49
C ILE G 48 11.82 16.22 -9.29
N GLY G 49 12.74 17.16 -9.38
CA GLY G 49 13.71 17.37 -8.31
C GLY G 49 14.74 18.40 -8.74
N TRP G 50 15.68 18.65 -7.84
CA TRP G 50 16.77 19.59 -8.13
C TRP G 50 18.01 19.21 -7.32
N ILE G 51 19.15 19.73 -7.75
CA ILE G 51 20.42 19.50 -7.10
C ILE G 51 21.20 20.81 -7.08
N VAL G 52 21.91 21.04 -5.97
CA VAL G 52 22.84 22.16 -5.87
C VAL G 52 24.20 21.67 -6.36
N VAL G 53 24.80 22.43 -7.28
CA VAL G 53 25.99 21.94 -7.98
C VAL G 53 27.16 21.81 -7.01
N GLY G 54 27.40 22.85 -6.21
CA GLY G 54 28.58 22.86 -5.37
C GLY G 54 28.55 21.80 -4.29
N SER G 55 27.38 21.58 -3.67
CA SER G 55 27.27 20.65 -2.56
C SER G 55 26.75 19.28 -2.97
N GLY G 56 26.06 19.17 -4.10
CA GLY G 56 25.46 17.90 -4.49
C GLY G 56 24.21 17.54 -3.72
N ASN G 57 23.71 18.43 -2.88
CA ASN G 57 22.51 18.14 -2.11
C ASN G 57 21.29 18.12 -3.02
N THR G 58 20.37 17.20 -2.75
CA THR G 58 19.22 16.98 -3.61
C THR G 58 17.92 17.11 -2.84
N ASN G 59 16.86 17.48 -3.57
CA ASN G 59 15.49 17.39 -3.09
C ASN G 59 14.65 16.80 -4.22
N TYR G 60 13.79 15.84 -3.88
CA TYR G 60 12.96 15.18 -4.87
C TYR G 60 11.48 15.35 -4.51
N ALA G 61 10.63 15.18 -5.51
CA ALA G 61 9.20 15.11 -5.26
C ALA G 61 8.82 13.72 -4.77
N GLN G 62 7.67 13.64 -4.09
CA GLN G 62 7.21 12.36 -3.57
C GLN G 62 7.08 11.31 -4.68
N LYS G 63 6.50 11.70 -5.82
CA LYS G 63 6.25 10.76 -6.90
C LYS G 63 7.53 10.11 -7.41
N PHE G 64 8.67 10.82 -7.33
CA PHE G 64 9.91 10.37 -7.94
C PHE G 64 10.96 9.98 -6.91
N GLN G 65 10.59 9.97 -5.62
CA GLN G 65 11.54 9.59 -4.57
C GLN G 65 12.11 8.20 -4.81
N GLU G 66 11.31 7.31 -5.41
CA GLU G 66 11.63 5.90 -5.50
C GLU G 66 12.50 5.53 -6.70
N ARG G 67 12.40 6.26 -7.82
CA ARG G 67 13.02 5.81 -9.06
C ARG G 67 13.93 6.84 -9.71
N VAL G 68 14.17 7.98 -9.07
CA VAL G 68 14.95 9.05 -9.67
C VAL G 68 16.11 9.39 -8.75
N THR G 69 17.31 9.54 -9.34
CA THR G 69 18.48 10.03 -8.63
C THR G 69 19.15 11.09 -9.50
N ILE G 70 19.36 12.27 -8.94
CA ILE G 70 19.95 13.39 -9.65
C ILE G 70 21.40 13.55 -9.19
N THR G 71 22.32 13.66 -10.15
CA THR G 71 23.74 13.81 -9.87
C THR G 71 24.32 14.89 -10.77
N ARG G 72 25.58 15.22 -10.52
CA ARG G 72 26.30 16.18 -11.36
C ARG G 72 27.78 15.87 -11.27
N ASP G 73 28.51 16.27 -12.32
CA ASP G 73 29.96 16.13 -12.39
C ASP G 73 30.52 17.50 -12.73
N MET G 74 31.11 18.17 -11.73
CA MET G 74 31.58 19.53 -11.94
C MET G 74 32.75 19.58 -12.91
N SER G 75 33.51 18.49 -13.04
CA SER G 75 34.64 18.49 -13.97
C SER G 75 34.16 18.57 -15.42
N THR G 76 33.05 17.91 -15.74
CA THR G 76 32.47 17.96 -17.08
C THR G 76 31.28 18.90 -17.15
N THR G 77 31.15 19.81 -16.18
CA THR G 77 30.09 20.81 -16.08
C THR G 77 28.72 20.28 -16.49
N THR G 78 28.41 19.05 -16.11
CA THR G 78 27.20 18.36 -16.56
C THR G 78 26.44 17.79 -15.36
N ALA G 79 25.12 17.95 -15.39
CA ALA G 79 24.24 17.33 -14.41
C ALA G 79 23.47 16.19 -15.06
N TYR G 80 23.19 15.15 -14.28
CA TYR G 80 22.56 13.95 -14.78
C TYR G 80 21.27 13.66 -14.00
N MET G 81 20.38 12.94 -14.67
CA MET G 81 19.13 12.48 -14.07
C MET G 81 18.93 11.01 -14.45
N GLU G 82 18.98 10.12 -13.48
CA GLU G 82 18.83 8.69 -13.71
C GLU G 82 17.44 8.24 -13.26
N LEU G 83 16.71 7.59 -14.17
CA LEU G 83 15.35 7.15 -13.92
C LEU G 83 15.30 5.64 -14.14
N SER G 84 15.17 4.89 -13.05
CA SER G 84 15.19 3.44 -13.08
C SER G 84 13.78 2.86 -13.04
N SER G 85 13.68 1.57 -13.40
CA SER G 85 12.41 0.85 -13.45
C SER G 85 11.42 1.57 -14.35
N LEU G 86 11.84 1.79 -15.60
CA LEU G 86 11.02 2.52 -16.56
C LEU G 86 9.75 1.76 -16.89
N ARG G 87 8.69 2.52 -17.16
CA ARG G 87 7.42 1.95 -17.59
C ARG G 87 6.77 2.94 -18.56
N SER G 88 5.67 2.48 -19.17
CA SER G 88 5.02 3.27 -20.22
C SER G 88 4.63 4.67 -19.72
N GLU G 89 4.20 4.76 -18.45
CA GLU G 89 3.78 6.04 -17.90
C GLU G 89 4.92 7.04 -17.82
N ASP G 90 6.17 6.59 -17.85
CA ASP G 90 7.32 7.49 -17.85
C ASP G 90 7.57 8.17 -19.19
N THR G 91 6.84 7.78 -20.23
CA THR G 91 7.03 8.37 -21.56
C THR G 91 6.68 9.85 -21.55
N ALA G 92 7.70 10.70 -21.68
CA ALA G 92 7.52 12.15 -21.64
C ALA G 92 8.80 12.80 -22.14
N VAL G 93 8.78 14.13 -22.20
CA VAL G 93 9.97 14.93 -22.47
C VAL G 93 10.46 15.50 -21.15
N TYR G 94 11.76 15.42 -20.92
CA TYR G 94 12.37 15.83 -19.66
C TYR G 94 13.24 17.06 -19.88
N PHE G 95 13.09 18.05 -19.00
CA PHE G 95 13.83 19.30 -19.09
C PHE G 95 14.74 19.48 -17.88
N CYS G 96 15.85 20.17 -18.09
CA CYS G 96 16.69 20.65 -17.01
C CYS G 96 16.75 22.17 -17.08
N ALA G 97 16.85 22.80 -15.91
CA ALA G 97 16.82 24.25 -15.80
C ALA G 97 17.76 24.70 -14.70
N ALA G 98 18.39 25.86 -14.91
CA ALA G 98 19.39 26.37 -14.00
C ALA G 98 19.46 27.89 -14.04
N PRO G 99 19.72 28.54 -12.91
CA PRO G 99 20.06 29.96 -12.94
C PRO G 99 21.49 30.14 -13.39
N HIS G 100 21.73 31.18 -14.21
CA HIS G 100 23.09 31.49 -14.60
C HIS G 100 23.77 32.30 -13.51
N CYS G 101 25.04 31.98 -13.26
CA CYS G 101 25.78 32.54 -12.14
C CYS G 101 27.18 32.92 -12.57
N ASN G 102 27.76 33.90 -11.87
CA ASN G 102 29.20 34.11 -11.93
C ASN G 102 29.84 33.35 -10.75
N SER G 103 31.03 33.75 -10.32
CA SER G 103 31.75 32.96 -9.33
C SER G 103 31.15 33.07 -7.94
N THR G 104 30.31 34.08 -7.67
CA THR G 104 29.80 34.32 -6.33
C THR G 104 28.31 34.55 -6.25
N SER G 105 27.65 34.96 -7.33
CA SER G 105 26.25 35.35 -7.27
C SER G 105 25.47 34.68 -8.40
N CYS G 106 24.14 34.64 -8.25
CA CYS G 106 23.28 33.91 -9.16
C CYS G 106 22.06 34.73 -9.53
N TYR G 107 21.47 34.37 -10.66
CA TYR G 107 20.17 34.91 -11.05
C TYR G 107 19.09 34.41 -10.10
N ASP G 108 18.02 35.19 -9.99
CA ASP G 108 16.99 34.94 -8.99
C ASP G 108 15.90 33.98 -9.48
N ALA G 109 16.17 33.21 -10.52
CA ALA G 109 15.19 32.27 -11.05
C ALA G 109 15.89 31.29 -11.98
N PHE G 110 15.12 30.34 -12.49
CA PHE G 110 15.61 29.39 -13.49
C PHE G 110 15.38 29.99 -14.87
N ASP G 111 16.38 30.75 -15.34
CA ASP G 111 16.28 31.43 -16.62
C ASP G 111 16.93 30.66 -17.76
N ILE G 112 17.78 29.69 -17.46
CA ILE G 112 18.41 28.85 -18.49
C ILE G 112 17.71 27.51 -18.52
N TRP G 113 17.31 27.08 -19.72
CA TRP G 113 16.56 25.84 -19.89
C TRP G 113 17.19 25.01 -21.00
N GLY G 114 17.14 23.69 -20.83
CA GLY G 114 17.60 22.80 -21.87
C GLY G 114 16.57 22.60 -22.96
N GLN G 115 17.04 22.05 -24.08
CA GLN G 115 16.16 21.88 -25.23
C GLN G 115 15.13 20.78 -25.01
N GLY G 116 15.37 19.86 -24.10
CA GLY G 116 14.45 18.77 -23.85
C GLY G 116 15.01 17.45 -24.32
N THR G 117 14.56 16.37 -23.67
CA THR G 117 14.96 15.02 -24.03
C THR G 117 13.74 14.12 -23.99
N MET G 118 13.38 13.56 -25.14
CA MET G 118 12.22 12.67 -25.21
C MET G 118 12.63 11.26 -24.81
N VAL G 119 11.92 10.70 -23.84
CA VAL G 119 12.13 9.32 -23.39
C VAL G 119 10.87 8.55 -23.72
N THR G 120 11.00 7.52 -24.55
CA THR G 120 9.90 6.64 -24.92
C THR G 120 10.13 5.27 -24.30
N VAL G 121 9.10 4.74 -23.64
CA VAL G 121 9.19 3.46 -22.95
C VAL G 121 8.04 2.58 -23.45
N SER G 122 8.38 1.51 -24.17
CA SER G 122 7.43 0.49 -24.60
C SER G 122 8.23 -0.70 -25.08
N SER G 123 7.51 -1.78 -25.43
CA SER G 123 8.14 -3.00 -25.91
C SER G 123 8.35 -3.02 -27.41
N ALA G 124 7.97 -1.94 -28.11
CA ALA G 124 8.02 -1.94 -29.56
C ALA G 124 9.46 -1.87 -30.07
N SER G 125 9.65 -2.29 -31.31
CA SER G 125 10.92 -2.25 -32.01
C SER G 125 10.86 -1.23 -33.14
N THR G 126 12.03 -0.82 -33.59
CA THR G 126 12.11 0.14 -34.69
C THR G 126 11.49 -0.44 -35.96
N LYS G 127 10.56 0.30 -36.55
CA LYS G 127 9.87 -0.13 -37.76
C LYS G 127 9.49 1.10 -38.58
N GLY G 128 9.79 1.05 -39.88
CA GLY G 128 9.39 2.10 -40.77
C GLY G 128 7.89 2.08 -41.01
N PRO G 129 7.35 3.21 -41.47
CA PRO G 129 5.90 3.29 -41.71
C PRO G 129 5.50 2.82 -43.11
N SER G 130 4.27 2.33 -43.18
CA SER G 130 3.62 2.03 -44.46
C SER G 130 2.81 3.26 -44.87
N VAL G 131 3.14 3.81 -46.04
CA VAL G 131 2.53 5.04 -46.52
C VAL G 131 1.46 4.66 -47.54
N PHE G 132 0.19 4.92 -47.20
CA PHE G 132 -0.91 4.69 -48.10
C PHE G 132 -1.53 6.02 -48.54
N PRO G 133 -2.03 6.11 -49.77
CA PRO G 133 -2.56 7.38 -50.26
C PRO G 133 -4.00 7.59 -49.84
N LEU G 134 -4.34 8.85 -49.55
CA LEU G 134 -5.72 9.27 -49.32
C LEU G 134 -6.14 10.02 -50.58
N ALA G 135 -6.75 9.29 -51.52
CA ALA G 135 -7.06 9.82 -52.83
C ALA G 135 -8.25 10.78 -52.76
N PRO G 136 -8.27 11.78 -53.64
CA PRO G 136 -9.38 12.74 -53.64
C PRO G 136 -10.63 12.17 -54.29
N SER G 137 -11.78 12.54 -53.74
CA SER G 137 -13.06 12.07 -54.28
C SER G 137 -13.36 12.75 -55.61
N SER G 138 -14.19 12.09 -56.40
CA SER G 138 -14.67 12.65 -57.66
C SER G 138 -16.08 13.22 -57.49
N GLY G 144 -15.68 23.26 -54.85
CA GLY G 144 -14.66 23.90 -55.65
C GLY G 144 -13.25 23.50 -55.24
N THR G 145 -13.12 22.95 -54.04
CA THR G 145 -11.84 22.51 -53.51
C THR G 145 -11.93 21.06 -53.06
N ALA G 146 -10.86 20.30 -53.30
CA ALA G 146 -10.80 18.89 -52.95
C ALA G 146 -9.67 18.65 -51.96
N ALA G 147 -9.73 17.50 -51.29
CA ALA G 147 -8.77 17.15 -50.25
C ALA G 147 -8.12 15.81 -50.57
N LEU G 148 -6.82 15.73 -50.30
CA LEU G 148 -6.05 14.51 -50.51
C LEU G 148 -4.95 14.45 -49.45
N GLY G 149 -4.30 13.31 -49.35
CA GLY G 149 -3.24 13.17 -48.36
C GLY G 149 -2.64 11.78 -48.35
N CYS G 150 -1.86 11.52 -47.31
CA CYS G 150 -1.15 10.26 -47.13
C CYS G 150 -1.40 9.74 -45.72
N LEU G 151 -1.34 8.41 -45.58
CA LEU G 151 -1.58 7.74 -44.30
C LEU G 151 -0.27 7.09 -43.85
N VAL G 152 0.42 7.73 -42.92
CA VAL G 152 1.72 7.26 -42.42
C VAL G 152 1.40 6.33 -41.25
N LYS G 153 1.29 5.03 -41.55
CA LYS G 153 0.75 4.06 -40.60
C LYS G 153 1.82 3.08 -40.15
N ASP G 154 1.77 2.71 -38.86
CA ASP G 154 2.51 1.59 -38.29
C ASP G 154 4.03 1.83 -38.38
N TYR G 155 4.49 2.79 -37.59
CA TYR G 155 5.90 3.07 -37.45
C TYR G 155 6.27 3.19 -35.98
N PHE G 156 7.57 3.11 -35.71
CA PHE G 156 8.10 3.23 -34.35
C PHE G 156 9.61 3.45 -34.41
N PRO G 157 10.16 4.37 -33.61
CA PRO G 157 9.42 5.25 -32.72
C PRO G 157 9.10 6.60 -33.36
N GLU G 158 8.68 7.55 -32.54
CA GLU G 158 8.52 8.92 -33.00
C GLU G 158 9.90 9.54 -33.28
N PRO G 159 9.97 10.53 -34.19
CA PRO G 159 8.88 11.03 -35.02
C PRO G 159 9.08 10.74 -36.51
N VAL G 160 8.13 11.20 -37.32
CA VAL G 160 8.26 11.24 -38.77
C VAL G 160 8.08 12.69 -39.21
N THR G 161 8.66 13.00 -40.36
CA THR G 161 8.47 14.30 -41.00
C THR G 161 7.76 14.10 -42.33
N VAL G 162 6.87 15.03 -42.67
CA VAL G 162 6.08 14.97 -43.90
C VAL G 162 6.15 16.32 -44.59
N SER G 163 6.51 16.30 -45.88
CA SER G 163 6.43 17.48 -46.73
C SER G 163 5.69 17.11 -48.01
N TRP G 164 5.22 18.13 -48.72
CA TRP G 164 4.44 17.94 -49.92
C TRP G 164 5.09 18.67 -51.09
N ASN G 165 5.23 17.96 -52.21
CA ASN G 165 5.95 18.46 -53.39
C ASN G 165 7.35 18.94 -52.99
N SER G 166 7.97 18.21 -52.07
CA SER G 166 9.31 18.54 -51.56
C SER G 166 9.39 19.96 -51.05
N GLY G 167 8.30 20.43 -50.43
CA GLY G 167 8.25 21.75 -49.84
C GLY G 167 7.64 22.83 -50.70
N ALA G 168 7.27 22.51 -51.96
CA ALA G 168 6.66 23.51 -52.82
C ALA G 168 5.21 23.78 -52.42
N LEU G 169 4.53 22.80 -51.84
CA LEU G 169 3.15 22.93 -51.41
C LEU G 169 3.11 23.03 -49.88
N THR G 170 2.69 24.18 -49.38
CA THR G 170 2.52 24.42 -47.96
C THR G 170 1.12 24.91 -47.61
N SER G 171 0.52 25.73 -48.47
CA SER G 171 -0.79 26.29 -48.18
C SER G 171 -1.85 25.20 -48.09
N GLY G 172 -2.62 25.21 -47.01
CA GLY G 172 -3.71 24.27 -46.83
C GLY G 172 -3.30 22.88 -46.41
N VAL G 173 -2.07 22.69 -45.95
CA VAL G 173 -1.57 21.38 -45.56
C VAL G 173 -1.75 21.22 -44.05
N HIS G 174 -2.24 20.06 -43.64
CA HIS G 174 -2.37 19.72 -42.22
C HIS G 174 -1.74 18.35 -41.98
N THR G 175 -0.68 18.31 -41.17
CA THR G 175 -0.09 17.06 -40.70
C THR G 175 -0.43 16.91 -39.22
N PHE G 176 -1.23 15.91 -38.89
CA PHE G 176 -1.77 15.75 -37.56
C PHE G 176 -0.77 15.06 -36.64
N PRO G 177 -0.85 15.32 -35.34
CA PRO G 177 -0.02 14.55 -34.40
C PRO G 177 -0.43 13.09 -34.38
N ALA G 178 0.56 12.21 -34.26
CA ALA G 178 0.32 10.79 -34.36
C ALA G 178 -0.39 10.25 -33.12
N VAL G 179 -1.09 9.13 -33.31
CA VAL G 179 -1.73 8.42 -32.22
C VAL G 179 -1.03 7.10 -32.01
N LEU G 180 -1.00 6.63 -30.77
CA LEU G 180 -0.37 5.37 -30.41
C LEU G 180 -1.43 4.27 -30.42
N GLN G 181 -1.37 3.40 -31.41
CA GLN G 181 -2.31 2.31 -31.52
C GLN G 181 -2.08 1.27 -30.41
N SER G 182 -3.10 0.47 -30.16
CA SER G 182 -3.00 -0.59 -29.17
C SER G 182 -1.93 -1.61 -29.53
N SER G 183 -1.51 -1.66 -30.80
CA SER G 183 -0.41 -2.51 -31.24
C SER G 183 0.95 -1.98 -30.85
N GLY G 184 1.01 -0.82 -30.18
CA GLY G 184 2.27 -0.21 -29.82
C GLY G 184 2.91 0.63 -30.91
N LEU G 185 2.34 0.65 -32.11
CA LEU G 185 2.86 1.43 -33.22
C LEU G 185 2.12 2.75 -33.34
N TYR G 186 2.73 3.69 -34.05
CA TYR G 186 2.14 5.00 -34.28
C TYR G 186 1.53 5.07 -35.66
N SER G 187 0.51 5.91 -35.80
CA SER G 187 -0.11 6.17 -37.09
C SER G 187 -0.33 7.67 -37.23
N LEU G 188 -0.04 8.19 -38.43
CA LEU G 188 -0.10 9.62 -38.69
C LEU G 188 -0.74 9.83 -40.05
N SER G 189 -1.53 10.90 -40.16
CA SER G 189 -2.14 11.28 -41.43
C SER G 189 -1.79 12.73 -41.73
N SER G 190 -1.44 12.99 -42.99
CA SER G 190 -1.17 14.33 -43.46
C SER G 190 -2.04 14.58 -44.69
N VAL G 191 -2.69 15.74 -44.74
CA VAL G 191 -3.66 16.05 -45.78
C VAL G 191 -3.39 17.45 -46.32
N VAL G 192 -4.04 17.76 -47.43
CA VAL G 192 -3.93 19.08 -48.06
C VAL G 192 -5.20 19.31 -48.87
N THR G 193 -5.74 20.53 -48.78
CA THR G 193 -6.89 20.94 -49.56
C THR G 193 -6.42 21.76 -50.75
N VAL G 194 -6.79 21.34 -51.94
CA VAL G 194 -6.40 22.02 -53.18
C VAL G 194 -7.65 22.27 -54.00
N PRO G 195 -7.62 23.23 -54.92
CA PRO G 195 -8.79 23.47 -55.78
C PRO G 195 -9.12 22.24 -56.62
N SER G 196 -10.42 22.01 -56.81
CA SER G 196 -10.85 20.81 -57.52
C SER G 196 -10.38 20.79 -58.96
N SER G 197 -10.15 21.97 -59.56
CA SER G 197 -9.74 22.02 -60.96
C SER G 197 -8.33 21.48 -61.15
N SER G 198 -7.45 21.67 -60.17
CA SER G 198 -6.05 21.27 -60.31
C SER G 198 -5.84 19.76 -60.19
N LEU G 199 -6.89 18.97 -60.00
CA LEU G 199 -6.69 17.55 -59.73
C LEU G 199 -6.12 16.80 -60.93
N GLY G 200 -6.43 17.24 -62.15
CA GLY G 200 -5.96 16.59 -63.34
C GLY G 200 -4.74 17.19 -64.00
N THR G 201 -4.21 18.29 -63.46
CA THR G 201 -3.07 18.97 -64.07
C THR G 201 -2.02 19.36 -63.04
N GLN G 202 -1.92 18.62 -61.94
CA GLN G 202 -0.97 18.95 -60.88
C GLN G 202 -0.71 17.68 -60.07
N THR G 203 0.52 17.20 -60.12
CA THR G 203 0.90 15.99 -59.39
C THR G 203 1.20 16.35 -57.94
N TYR G 204 0.66 15.55 -57.01
CA TYR G 204 0.86 15.75 -55.58
C TYR G 204 1.59 14.54 -55.02
N ILE G 205 2.72 14.78 -54.35
CA ILE G 205 3.55 13.71 -53.80
C ILE G 205 3.89 14.08 -52.36
N CYS G 206 3.56 13.19 -51.43
CA CYS G 206 3.93 13.38 -50.03
C CYS G 206 5.29 12.75 -49.77
N ASN G 207 6.12 13.44 -48.99
CA ASN G 207 7.48 13.02 -48.70
C ASN G 207 7.54 12.59 -47.24
N VAL G 208 7.58 11.28 -47.01
CA VAL G 208 7.60 10.71 -45.68
C VAL G 208 9.01 10.24 -45.36
N ASN G 209 9.59 10.76 -44.28
CA ASN G 209 10.94 10.40 -43.86
C ASN G 209 10.90 9.99 -42.39
N HIS G 210 11.50 8.85 -42.08
CA HIS G 210 11.54 8.32 -40.72
C HIS G 210 13.00 8.04 -40.36
N LYS G 211 13.63 8.98 -39.66
CA LYS G 211 15.04 8.84 -39.34
C LYS G 211 15.37 7.61 -38.49
N PRO G 212 14.58 7.20 -37.50
CA PRO G 212 14.94 6.01 -36.71
C PRO G 212 15.08 4.74 -37.52
N SER G 213 14.44 4.63 -38.68
CA SER G 213 14.52 3.43 -39.51
C SER G 213 15.14 3.69 -40.88
N ASN G 214 15.62 4.91 -41.13
CA ASN G 214 16.24 5.29 -42.41
C ASN G 214 15.29 4.97 -43.57
N THR G 215 14.06 5.46 -43.46
CA THR G 215 13.02 5.23 -44.46
C THR G 215 12.72 6.54 -45.18
N LYS G 216 12.77 6.50 -46.51
CA LYS G 216 12.41 7.64 -47.36
C LYS G 216 11.40 7.15 -48.39
N VAL G 217 10.13 7.51 -48.18
CA VAL G 217 9.05 7.10 -49.07
C VAL G 217 8.47 8.34 -49.72
N ASP G 218 8.45 8.35 -51.05
CA ASP G 218 7.77 9.37 -51.84
C ASP G 218 6.60 8.71 -52.54
N LYS G 219 5.38 8.97 -52.05
CA LYS G 219 4.17 8.35 -52.56
C LYS G 219 3.33 9.38 -53.28
N LYS G 220 2.93 9.04 -54.51
CA LYS G 220 2.07 9.92 -55.30
C LYS G 220 0.61 9.59 -55.03
N VAL G 221 -0.19 10.61 -54.78
CA VAL G 221 -1.62 10.47 -54.53
C VAL G 221 -2.35 10.73 -55.83
N GLU G 222 -3.10 9.73 -56.31
CA GLU G 222 -3.77 9.85 -57.58
C GLU G 222 -5.28 9.83 -57.40
N PRO G 223 -6.02 10.65 -58.14
CA PRO G 223 -7.49 10.56 -58.12
C PRO G 223 -7.94 9.27 -58.78
N LYS G 224 -8.91 8.61 -58.16
CA LYS G 224 -9.34 7.31 -58.65
C LYS G 224 -10.53 7.42 -59.59
N ASP H 1 3.34 19.55 0.48
CA ASP H 1 3.46 20.14 -0.86
C ASP H 1 2.51 21.33 -1.01
N ILE H 2 2.99 22.38 -1.67
CA ILE H 2 2.19 23.55 -1.98
C ILE H 2 1.55 23.34 -3.34
N GLN H 3 0.22 23.40 -3.40
CA GLN H 3 -0.53 23.18 -4.63
C GLN H 3 -0.63 24.49 -5.41
N MET H 4 -0.12 24.50 -6.64
CA MET H 4 -0.30 25.62 -7.55
C MET H 4 -1.40 25.27 -8.55
N THR H 5 -2.37 26.17 -8.68
CA THR H 5 -3.45 26.04 -9.65
C THR H 5 -3.53 27.30 -10.48
N GLN H 6 -3.95 27.14 -11.74
CA GLN H 6 -4.04 28.25 -12.67
C GLN H 6 -5.43 28.32 -13.30
N SER H 7 -5.83 29.54 -13.66
CA SER H 7 -7.09 29.80 -14.32
C SER H 7 -6.87 30.96 -15.28
N PRO H 8 -7.52 30.95 -16.46
CA PRO H 8 -8.41 29.87 -16.90
C PRO H 8 -7.66 28.71 -17.54
N GLY H 9 -8.39 27.64 -17.86
CA GLY H 9 -7.78 26.56 -18.62
C GLY H 9 -7.39 26.99 -20.02
N THR H 10 -8.34 27.58 -20.74
CA THR H 10 -8.10 28.17 -22.05
C THR H 10 -8.60 29.61 -22.03
N LEU H 11 -7.79 30.52 -22.56
CA LEU H 11 -8.13 31.93 -22.64
C LEU H 11 -8.20 32.31 -24.11
N SER H 12 -9.42 32.48 -24.63
CA SER H 12 -9.64 32.80 -26.04
C SER H 12 -9.87 34.31 -26.15
N LEU H 13 -8.88 35.02 -26.68
CA LEU H 13 -8.94 36.46 -26.81
C LEU H 13 -8.53 36.87 -28.21
N SER H 14 -9.12 37.95 -28.71
CA SER H 14 -8.71 38.51 -29.97
C SER H 14 -7.32 39.15 -29.84
N PRO H 15 -6.50 39.08 -30.90
CA PRO H 15 -5.18 39.70 -30.83
C PRO H 15 -5.29 41.22 -30.75
N GLY H 16 -4.78 41.78 -29.64
CA GLY H 16 -4.90 43.19 -29.35
C GLY H 16 -5.53 43.49 -28.00
N GLU H 17 -6.37 42.57 -27.51
CA GLU H 17 -6.92 42.71 -26.17
C GLU H 17 -5.85 42.44 -25.12
N GLY H 18 -6.16 42.83 -23.88
CA GLY H 18 -5.32 42.48 -22.75
C GLY H 18 -5.65 41.09 -22.23
N ALA H 19 -4.62 40.34 -21.87
CA ALA H 19 -4.78 39.04 -21.25
C ALA H 19 -4.52 39.15 -19.75
N THR H 20 -5.20 38.29 -18.99
CA THR H 20 -5.02 38.23 -17.55
C THR H 20 -5.06 36.77 -17.12
N LEU H 21 -4.00 36.31 -16.47
CA LEU H 21 -3.88 34.94 -16.02
C LEU H 21 -3.73 34.93 -14.49
N SER H 22 -4.19 33.86 -13.87
CA SER H 22 -4.22 33.75 -12.41
C SER H 22 -3.41 32.54 -11.97
N CYS H 23 -2.65 32.72 -10.89
CA CYS H 23 -1.88 31.65 -10.27
C CYS H 23 -2.20 31.64 -8.78
N ARG H 24 -2.60 30.48 -8.26
CA ARG H 24 -3.00 30.35 -6.87
C ARG H 24 -2.11 29.33 -6.16
N ALA H 25 -1.71 29.68 -4.94
CA ALA H 25 -0.94 28.78 -4.09
C ALA H 25 -1.83 28.28 -2.96
N SER H 26 -1.69 27.00 -2.61
CA SER H 26 -2.53 26.42 -1.57
C SER H 26 -2.26 27.04 -0.21
N GLN H 27 -1.09 27.65 -0.02
CA GLN H 27 -0.78 28.41 1.17
C GLN H 27 0.08 29.59 0.76
N SER H 28 0.17 30.58 1.65
CA SER H 28 0.91 31.79 1.32
C SER H 28 2.36 31.47 0.96
N VAL H 29 2.79 31.91 -0.22
CA VAL H 29 4.14 31.68 -0.68
C VAL H 29 4.84 33.03 -0.88
N SER H 30 6.15 33.04 -0.70
CA SER H 30 6.92 34.26 -0.84
C SER H 30 6.84 34.78 -2.28
N SER H 31 6.69 36.11 -2.41
CA SER H 31 6.64 36.72 -3.73
C SER H 31 7.96 36.58 -4.48
N SER H 32 9.08 36.57 -3.75
CA SER H 32 10.40 36.47 -4.36
C SER H 32 10.64 35.14 -5.08
N TYR H 33 9.81 34.12 -4.83
CA TYR H 33 10.04 32.79 -5.36
C TYR H 33 8.83 32.26 -6.11
N LEU H 34 8.18 33.13 -6.89
CA LEU H 34 7.18 32.71 -7.86
C LEU H 34 7.60 33.21 -9.22
N ALA H 35 7.45 32.36 -10.23
CA ALA H 35 7.85 32.69 -11.59
C ALA H 35 6.72 32.37 -12.56
N TRP H 36 6.82 32.96 -13.75
CA TRP H 36 5.91 32.71 -14.86
C TRP H 36 6.73 32.26 -16.06
N TYR H 37 6.28 31.19 -16.72
CA TYR H 37 6.94 30.66 -17.89
C TYR H 37 6.00 30.65 -19.09
N GLN H 38 6.58 30.79 -20.28
CA GLN H 38 5.85 30.69 -21.53
C GLN H 38 6.38 29.50 -22.32
N GLN H 39 5.47 28.74 -22.92
CA GLN H 39 5.85 27.57 -23.71
C GLN H 39 5.02 27.51 -24.97
N LYS H 40 5.69 27.42 -26.13
CA LYS H 40 5.18 27.23 -27.48
C LYS H 40 5.34 25.77 -27.88
N PRO H 41 4.43 25.26 -28.72
CA PRO H 41 4.47 23.84 -29.09
C PRO H 41 5.84 23.40 -29.60
N GLY H 42 6.35 22.30 -29.05
CA GLY H 42 7.62 21.78 -29.45
C GLY H 42 8.83 22.52 -28.90
N GLN H 43 8.62 23.47 -27.99
CA GLN H 43 9.71 24.27 -27.45
C GLN H 43 9.82 24.06 -25.95
N ALA H 44 10.96 24.48 -25.40
CA ALA H 44 11.18 24.46 -23.97
C ALA H 44 10.51 25.66 -23.31
N PRO H 45 10.21 25.56 -22.01
CA PRO H 45 9.67 26.73 -21.31
C PRO H 45 10.64 27.90 -21.34
N ARG H 46 10.06 29.10 -21.36
CA ARG H 46 10.83 30.34 -21.36
C ARG H 46 10.41 31.19 -20.17
N LEU H 47 11.39 31.64 -19.39
CA LEU H 47 11.10 32.46 -18.22
C LEU H 47 10.68 33.86 -18.65
N LEU H 48 9.50 34.29 -18.19
CA LEU H 48 8.99 35.63 -18.44
C LEU H 48 9.12 36.53 -17.21
N ILE H 49 8.62 36.07 -16.07
CA ILE H 49 8.55 36.85 -14.84
C ILE H 49 9.10 36.00 -13.71
N TYR H 50 9.87 36.64 -12.83
CA TYR H 50 10.31 36.02 -11.58
C TYR H 50 10.13 37.01 -10.45
N GLY H 51 10.28 36.54 -9.22
CA GLY H 51 9.98 37.39 -8.08
C GLY H 51 8.60 38.03 -8.12
N ALA H 52 7.62 37.37 -8.75
CA ALA H 52 6.25 37.84 -8.89
C ALA H 52 6.13 39.09 -9.77
N SER H 53 7.01 40.07 -9.59
CA SER H 53 6.91 41.33 -10.34
C SER H 53 8.25 41.78 -10.89
N SER H 54 9.14 40.85 -11.22
CA SER H 54 10.43 41.17 -11.81
C SER H 54 10.53 40.47 -13.16
N GLY H 55 10.52 41.24 -14.24
CA GLY H 55 10.61 40.66 -15.56
C GLY H 55 11.99 40.14 -15.88
N ALA H 56 12.03 39.08 -16.68
CA ALA H 56 13.28 38.45 -17.07
C ALA H 56 13.93 39.21 -18.22
N THR H 57 15.21 38.92 -18.45
CA THR H 57 15.97 39.62 -19.49
C THR H 57 15.40 39.31 -20.87
N GLY H 58 15.22 40.36 -21.68
CA GLY H 58 14.71 40.22 -23.02
C GLY H 58 13.20 40.11 -23.13
N ILE H 59 12.49 40.03 -22.02
CA ILE H 59 11.03 39.93 -22.06
C ILE H 59 10.46 41.34 -22.28
N PRO H 60 9.54 41.52 -23.23
CA PRO H 60 8.96 42.85 -23.44
C PRO H 60 8.22 43.35 -22.21
N ASP H 61 8.21 44.66 -22.04
CA ASP H 61 7.57 45.26 -20.87
C ASP H 61 6.04 45.20 -20.93
N ARG H 62 5.46 44.70 -22.01
CA ARG H 62 4.03 44.43 -22.01
C ARG H 62 3.67 43.27 -21.10
N PHE H 63 4.66 42.45 -20.72
CA PHE H 63 4.47 41.41 -19.72
C PHE H 63 4.71 42.02 -18.33
N SER H 64 3.78 41.77 -17.42
CA SER H 64 3.87 42.29 -16.06
C SER H 64 3.37 41.23 -15.09
N GLY H 65 3.80 41.35 -13.84
CA GLY H 65 3.42 40.40 -12.82
C GLY H 65 3.04 41.10 -11.53
N SER H 66 2.08 40.51 -10.83
CA SER H 66 1.58 41.06 -9.58
C SER H 66 1.05 39.92 -8.71
N GLY H 67 0.82 40.24 -7.45
CA GLY H 67 0.29 39.29 -6.49
C GLY H 67 1.13 39.21 -5.23
N SER H 68 0.60 38.46 -4.28
CA SER H 68 1.26 38.25 -2.98
C SER H 68 0.50 37.17 -2.23
N GLY H 69 1.25 36.34 -1.50
CA GLY H 69 0.65 35.32 -0.67
C GLY H 69 0.17 34.10 -1.44
N THR H 70 -1.15 34.02 -1.65
CA THR H 70 -1.76 32.88 -2.32
C THR H 70 -2.26 33.20 -3.72
N ASP H 71 -2.31 34.47 -4.11
CA ASP H 71 -2.90 34.86 -5.39
C ASP H 71 -1.92 35.72 -6.17
N PHE H 72 -1.73 35.38 -7.44
CA PHE H 72 -0.77 36.06 -8.30
C PHE H 72 -1.36 36.21 -9.69
N THR H 73 -0.88 37.22 -10.42
CA THR H 73 -1.47 37.60 -11.70
C THR H 73 -0.38 37.87 -12.72
N LEU H 74 -0.57 37.36 -13.92
CA LEU H 74 0.27 37.69 -15.08
C LEU H 74 -0.58 38.49 -16.06
N THR H 75 -0.12 39.69 -16.38
CA THR H 75 -0.88 40.62 -17.21
C THR H 75 -0.11 40.92 -18.48
N ILE H 76 -0.75 40.71 -19.62
CA ILE H 76 -0.23 41.10 -20.92
C ILE H 76 -1.07 42.27 -21.39
N SER H 77 -0.46 43.45 -21.47
CA SER H 77 -1.22 44.67 -21.74
C SER H 77 -1.90 44.61 -23.10
N ARG H 78 -1.18 44.15 -24.12
CA ARG H 78 -1.70 44.09 -25.48
C ARG H 78 -1.18 42.81 -26.11
N LEU H 79 -2.09 41.88 -26.40
CA LEU H 79 -1.72 40.54 -26.82
C LEU H 79 -1.19 40.56 -28.25
N GLU H 80 0.09 40.20 -28.43
CA GLU H 80 0.72 40.09 -29.73
C GLU H 80 0.55 38.68 -30.30
N PRO H 81 0.63 38.53 -31.61
CA PRO H 81 0.44 37.19 -32.21
C PRO H 81 1.45 36.17 -31.72
N GLU H 82 2.66 36.58 -31.36
CA GLU H 82 3.66 35.64 -30.84
C GLU H 82 3.42 35.28 -29.38
N ASP H 83 2.38 35.82 -28.74
CA ASP H 83 2.13 35.56 -27.33
C ASP H 83 1.12 34.45 -27.09
N PHE H 84 0.47 33.96 -28.15
CA PHE H 84 -0.50 32.89 -28.02
C PHE H 84 0.23 31.57 -27.83
N ALA H 85 0.25 31.09 -26.60
CA ALA H 85 0.96 29.87 -26.23
C ALA H 85 0.43 29.42 -24.87
N VAL H 86 1.15 28.51 -24.22
CA VAL H 86 0.80 28.03 -22.89
C VAL H 86 1.69 28.72 -21.87
N TYR H 87 1.11 29.06 -20.72
CA TYR H 87 1.83 29.79 -19.68
C TYR H 87 1.74 29.00 -18.36
N TYR H 88 2.89 28.80 -17.72
CA TYR H 88 2.97 28.12 -16.44
C TYR H 88 3.52 29.05 -15.37
N CYS H 89 3.04 28.89 -14.15
CA CYS H 89 3.66 29.52 -12.99
C CYS H 89 4.27 28.44 -12.10
N GLN H 90 5.42 28.76 -11.50
CA GLN H 90 6.10 27.84 -10.60
C GLN H 90 6.55 28.58 -9.35
N GLN H 91 6.21 28.03 -8.19
CA GLN H 91 6.82 28.49 -6.95
C GLN H 91 8.06 27.65 -6.70
N TYR H 92 9.13 28.32 -6.27
CA TYR H 92 10.39 27.63 -6.05
C TYR H 92 11.05 28.09 -4.77
N GLY H 93 10.25 28.43 -3.76
CA GLY H 93 10.77 28.83 -2.46
C GLY H 93 10.70 27.70 -1.45
N SER H 94 9.64 26.91 -1.51
CA SER H 94 9.47 25.76 -0.64
C SER H 94 9.58 24.48 -1.46
N SER H 95 10.45 23.57 -1.02
CA SER H 95 10.60 22.31 -1.74
C SER H 95 9.45 21.37 -1.38
N PRO H 96 8.85 20.68 -2.35
CA PRO H 96 9.16 20.66 -3.79
C PRO H 96 8.66 21.89 -4.56
N TYR H 97 9.32 22.20 -5.68
CA TYR H 97 9.04 23.41 -6.45
C TYR H 97 7.92 23.11 -7.45
N THR H 98 6.69 23.10 -6.95
CA THR H 98 5.55 22.63 -7.71
C THR H 98 5.13 23.64 -8.79
N PHE H 99 4.54 23.11 -9.87
CA PHE H 99 4.04 23.89 -10.99
C PHE H 99 2.52 23.96 -10.99
N GLY H 100 2.00 24.98 -11.67
CA GLY H 100 0.60 25.02 -12.02
C GLY H 100 0.32 24.19 -13.26
N GLN H 101 -0.96 23.98 -13.54
CA GLN H 101 -1.35 23.12 -14.65
C GLN H 101 -1.45 23.85 -15.99
N GLY H 102 -1.13 25.14 -16.02
CA GLY H 102 -1.00 25.81 -17.31
C GLY H 102 -2.28 26.49 -17.76
N THR H 103 -2.10 27.56 -18.54
CA THR H 103 -3.19 28.29 -19.18
C THR H 103 -2.84 28.51 -20.64
N LYS H 104 -3.67 28.00 -21.54
CA LYS H 104 -3.46 28.19 -22.97
C LYS H 104 -4.20 29.44 -23.42
N VAL H 105 -3.46 30.38 -24.00
CA VAL H 105 -4.04 31.61 -24.54
C VAL H 105 -4.26 31.39 -26.03
N GLU H 106 -5.52 31.39 -26.44
CA GLU H 106 -5.93 31.08 -27.80
C GLU H 106 -6.52 32.33 -28.47
N ILE H 107 -6.51 32.34 -29.79
CA ILE H 107 -7.12 33.42 -30.56
C ILE H 107 -8.60 33.16 -30.68
N LYS H 108 -9.42 34.10 -30.22
CA LYS H 108 -10.85 33.99 -30.40
C LYS H 108 -11.21 34.36 -31.85
N ARG H 109 -12.26 33.74 -32.36
CA ARG H 109 -12.60 33.90 -33.76
C ARG H 109 -14.09 33.58 -33.94
N THR H 110 -14.62 33.93 -35.11
CA THR H 110 -16.00 33.62 -35.44
C THR H 110 -16.15 32.12 -35.67
N VAL H 111 -17.33 31.60 -35.33
CA VAL H 111 -17.62 30.19 -35.52
C VAL H 111 -17.50 29.84 -37.00
N ALA H 112 -16.72 28.81 -37.29
CA ALA H 112 -16.49 28.35 -38.66
C ALA H 112 -16.78 26.86 -38.74
N ALA H 113 -17.63 26.47 -39.68
CA ALA H 113 -18.00 25.06 -39.83
C ALA H 113 -16.90 24.29 -40.55
N PRO H 114 -16.68 23.03 -40.19
CA PRO H 114 -15.62 22.25 -40.83
C PRO H 114 -16.01 21.76 -42.21
N SER H 115 -15.01 21.67 -43.09
CA SER H 115 -15.13 20.97 -44.36
C SER H 115 -14.79 19.50 -44.13
N VAL H 116 -15.74 18.62 -44.42
CA VAL H 116 -15.64 17.20 -44.07
C VAL H 116 -15.33 16.40 -45.32
N PHE H 117 -14.33 15.53 -45.21
CA PHE H 117 -13.95 14.61 -46.29
C PHE H 117 -13.73 13.23 -45.70
N ILE H 118 -14.16 12.20 -46.43
CA ILE H 118 -13.96 10.81 -46.02
C ILE H 118 -13.10 10.11 -47.06
N PHE H 119 -12.23 9.23 -46.60
CA PHE H 119 -11.29 8.52 -47.46
C PHE H 119 -11.43 7.02 -47.23
N PRO H 120 -11.83 6.25 -48.23
CA PRO H 120 -11.85 4.79 -48.08
C PRO H 120 -10.43 4.25 -47.98
N PRO H 121 -10.26 3.06 -47.40
CA PRO H 121 -8.92 2.46 -47.36
C PRO H 121 -8.41 2.15 -48.76
N SER H 122 -7.15 2.46 -49.00
CA SER H 122 -6.55 2.27 -50.31
C SER H 122 -6.45 0.79 -50.66
N ASP H 123 -6.37 0.52 -51.96
CA ASP H 123 -6.18 -0.85 -52.42
C ASP H 123 -4.85 -1.41 -51.96
N GLU H 124 -3.82 -0.57 -51.86
CA GLU H 124 -2.53 -1.04 -51.38
C GLU H 124 -2.60 -1.52 -49.94
N GLN H 125 -3.40 -0.85 -49.11
CA GLN H 125 -3.52 -1.25 -47.71
C GLN H 125 -4.38 -2.50 -47.54
N LEU H 126 -5.44 -2.62 -48.33
CA LEU H 126 -6.30 -3.81 -48.24
C LEU H 126 -5.53 -5.08 -48.52
N LYS H 127 -4.48 -5.00 -49.34
CA LYS H 127 -3.63 -6.17 -49.56
C LYS H 127 -2.92 -6.61 -48.28
N SER H 128 -2.77 -5.71 -47.32
CA SER H 128 -2.14 -6.05 -46.04
C SER H 128 -3.11 -6.66 -45.04
N GLY H 129 -4.40 -6.74 -45.36
CA GLY H 129 -5.38 -7.35 -44.48
C GLY H 129 -5.99 -6.42 -43.44
N THR H 130 -5.75 -5.11 -43.53
CA THR H 130 -6.32 -4.15 -42.61
C THR H 130 -6.86 -2.96 -43.41
N ALA H 131 -7.96 -2.39 -42.93
CA ALA H 131 -8.62 -1.27 -43.59
C ALA H 131 -8.68 -0.09 -42.64
N SER H 132 -8.36 1.09 -43.16
CA SER H 132 -8.41 2.33 -42.38
C SER H 132 -9.25 3.34 -43.13
N VAL H 133 -10.36 3.76 -42.52
CA VAL H 133 -11.22 4.80 -43.07
C VAL H 133 -10.92 6.09 -42.32
N VAL H 134 -10.67 7.16 -43.08
CA VAL H 134 -10.23 8.43 -42.50
C VAL H 134 -11.30 9.48 -42.78
N CYS H 135 -11.63 10.27 -41.76
CA CYS H 135 -12.57 11.38 -41.86
C CYS H 135 -11.82 12.66 -41.49
N LEU H 136 -11.80 13.62 -42.40
CA LEU H 136 -11.05 14.86 -42.23
C LEU H 136 -12.03 16.01 -41.97
N LEU H 137 -11.87 16.67 -40.82
CA LEU H 137 -12.62 17.87 -40.47
C LEU H 137 -11.68 19.05 -40.62
N ASN H 138 -11.93 19.90 -41.62
CA ASN H 138 -10.93 20.86 -42.09
C ASN H 138 -11.32 22.27 -41.68
N ASN H 139 -10.41 22.94 -40.95
CA ASN H 139 -10.48 24.37 -40.67
C ASN H 139 -11.79 24.79 -40.01
N PHE H 140 -11.92 24.54 -38.71
CA PHE H 140 -13.11 24.90 -37.97
C PHE H 140 -12.72 25.58 -36.67
N TYR H 141 -13.68 26.31 -36.09
CA TYR H 141 -13.52 27.00 -34.82
C TYR H 141 -14.90 27.13 -34.22
N PRO H 142 -15.06 26.87 -32.91
CA PRO H 142 -14.02 26.50 -31.93
C PRO H 142 -13.51 25.06 -32.09
N ARG H 143 -12.66 24.64 -31.15
CA ARG H 143 -12.03 23.33 -31.28
C ARG H 143 -13.01 22.19 -31.09
N GLU H 144 -14.05 22.38 -30.28
CA GLU H 144 -14.97 21.30 -29.95
C GLU H 144 -15.61 20.74 -31.22
N ALA H 145 -15.51 19.42 -31.38
CA ALA H 145 -16.10 18.75 -32.53
C ALA H 145 -16.36 17.30 -32.16
N LYS H 146 -17.34 16.71 -32.83
CA LYS H 146 -17.76 15.33 -32.57
C LYS H 146 -17.80 14.56 -33.88
N VAL H 147 -17.19 13.37 -33.88
CA VAL H 147 -17.20 12.48 -35.04
C VAL H 147 -17.81 11.15 -34.60
N GLN H 148 -18.77 10.65 -35.38
CA GLN H 148 -19.38 9.35 -35.15
C GLN H 148 -19.33 8.55 -36.43
N TRP H 149 -18.74 7.35 -36.37
CA TRP H 149 -18.65 6.47 -37.51
C TRP H 149 -19.88 5.57 -37.55
N LYS H 150 -20.46 5.42 -38.74
CA LYS H 150 -21.62 4.58 -38.95
C LYS H 150 -21.33 3.63 -40.11
N VAL H 151 -21.45 2.34 -39.86
CA VAL H 151 -21.16 1.30 -40.85
C VAL H 151 -22.45 0.55 -41.11
N ASP H 152 -23.07 0.80 -42.27
CA ASP H 152 -24.40 0.29 -42.58
C ASP H 152 -25.40 0.67 -41.49
N ASN H 153 -25.37 1.96 -41.13
CA ASN H 153 -26.25 2.58 -40.14
C ASN H 153 -25.97 2.11 -38.72
N ALA H 154 -24.90 1.35 -38.50
CA ALA H 154 -24.54 0.89 -37.17
C ALA H 154 -23.48 1.82 -36.59
N LEU H 155 -23.82 2.48 -35.49
CA LEU H 155 -22.89 3.42 -34.85
C LEU H 155 -21.73 2.65 -34.25
N GLN H 156 -20.50 3.07 -34.59
CA GLN H 156 -19.30 2.42 -34.12
C GLN H 156 -18.81 3.04 -32.82
N SER H 157 -18.07 2.25 -32.05
CA SER H 157 -17.50 2.73 -30.80
C SER H 157 -16.32 1.83 -30.42
N GLY H 158 -15.22 2.44 -30.00
CA GLY H 158 -14.07 1.70 -29.53
C GLY H 158 -13.13 1.23 -30.62
N ASN H 159 -13.35 1.61 -31.86
CA ASN H 159 -12.47 1.23 -32.97
C ASN H 159 -12.05 2.44 -33.79
N SER H 160 -11.92 3.59 -33.13
CA SER H 160 -11.53 4.83 -33.80
C SER H 160 -10.63 5.65 -32.88
N GLN H 161 -9.76 6.45 -33.50
CA GLN H 161 -8.85 7.32 -32.78
C GLN H 161 -8.82 8.68 -33.47
N GLU H 162 -8.63 9.73 -32.68
CA GLU H 162 -8.70 11.10 -33.17
C GLU H 162 -7.40 11.83 -32.91
N SER H 163 -7.25 12.97 -33.58
CA SER H 163 -6.08 13.82 -33.45
C SER H 163 -6.43 15.21 -33.94
N VAL H 164 -6.03 16.23 -33.19
CA VAL H 164 -6.31 17.62 -33.52
CA VAL H 164 -6.31 17.62 -33.52
C VAL H 164 -5.00 18.37 -33.66
N THR H 165 -4.93 19.25 -34.66
CA THR H 165 -3.75 20.08 -34.86
C THR H 165 -3.78 21.29 -33.95
N GLU H 166 -2.63 21.94 -33.81
CA GLU H 166 -2.58 23.21 -33.11
C GLU H 166 -3.33 24.28 -33.89
N GLN H 167 -3.68 25.37 -33.20
CA GLN H 167 -4.40 26.45 -33.86
C GLN H 167 -3.57 27.03 -34.99
N ASP H 168 -4.16 27.10 -36.18
CA ASP H 168 -3.43 27.53 -37.35
C ASP H 168 -3.01 28.99 -37.20
N SER H 169 -1.79 29.30 -37.65
CA SER H 169 -1.23 30.64 -37.49
C SER H 169 -1.78 31.63 -38.52
N LYS H 170 -2.61 31.19 -39.46
CA LYS H 170 -3.14 32.07 -40.50
C LYS H 170 -4.63 32.34 -40.36
N ASP H 171 -5.45 31.30 -40.10
CA ASP H 171 -6.88 31.49 -39.93
C ASP H 171 -7.38 31.10 -38.55
N SER H 172 -6.48 30.72 -37.63
CA SER H 172 -6.81 30.46 -36.22
C SER H 172 -7.85 29.35 -36.06
N THR H 173 -7.93 28.44 -37.02
CA THR H 173 -8.83 27.31 -36.94
C THR H 173 -8.07 26.03 -36.56
N TYR H 174 -8.84 24.98 -36.26
CA TYR H 174 -8.30 23.67 -35.97
C TYR H 174 -8.75 22.69 -37.05
N SER H 175 -8.04 21.58 -37.14
CA SER H 175 -8.40 20.49 -38.04
C SER H 175 -8.30 19.17 -37.27
N LEU H 176 -9.19 18.24 -37.63
CA LEU H 176 -9.30 16.97 -36.93
C LEU H 176 -9.24 15.83 -37.94
N SER H 177 -8.57 14.74 -37.55
CA SER H 177 -8.46 13.54 -38.37
C SER H 177 -8.87 12.35 -37.51
N SER H 178 -9.89 11.62 -37.95
CA SER H 178 -10.38 10.43 -37.26
C SER H 178 -10.18 9.22 -38.15
N THR H 179 -9.66 8.14 -37.57
CA THR H 179 -9.35 6.93 -38.32
C THR H 179 -10.12 5.76 -37.73
N LEU H 180 -11.00 5.18 -38.53
CA LEU H 180 -11.70 3.95 -38.18
C LEU H 180 -10.89 2.77 -38.70
N THR H 181 -10.69 1.76 -37.85
CA THR H 181 -9.83 0.63 -38.18
C THR H 181 -10.61 -0.67 -38.09
N LEU H 182 -10.74 -1.35 -39.21
CA LEU H 182 -11.35 -2.67 -39.28
C LEU H 182 -10.41 -3.61 -40.01
N SER H 183 -10.60 -4.91 -39.77
CA SER H 183 -9.89 -5.90 -40.55
C SER H 183 -10.45 -5.96 -41.97
N LYS H 184 -9.67 -6.53 -42.88
CA LYS H 184 -10.13 -6.67 -44.26
C LYS H 184 -11.41 -7.50 -44.32
N ALA H 185 -11.53 -8.50 -43.45
CA ALA H 185 -12.72 -9.33 -43.44
C ALA H 185 -13.96 -8.53 -43.04
N ASP H 186 -13.88 -7.82 -41.91
CA ASP H 186 -15.02 -7.05 -41.45
C ASP H 186 -15.35 -5.92 -42.40
N TYR H 187 -14.33 -5.29 -42.99
CA TYR H 187 -14.58 -4.18 -43.90
C TYR H 187 -15.36 -4.62 -45.13
N GLU H 188 -15.06 -5.82 -45.65
CA GLU H 188 -15.74 -6.34 -46.82
C GLU H 188 -17.14 -6.87 -46.51
N LYS H 189 -17.53 -6.91 -45.23
CA LYS H 189 -18.86 -7.38 -44.86
C LYS H 189 -19.93 -6.31 -44.96
N HIS H 190 -19.56 -5.05 -45.20
CA HIS H 190 -20.50 -3.94 -45.19
C HIS H 190 -20.29 -3.09 -46.42
N LYS H 191 -21.23 -2.17 -46.65
CA LYS H 191 -21.29 -1.40 -47.88
C LYS H 191 -21.09 0.09 -47.68
N VAL H 192 -21.87 0.71 -46.79
CA VAL H 192 -21.88 2.15 -46.61
C VAL H 192 -21.05 2.52 -45.38
N TYR H 193 -20.04 3.36 -45.57
CA TYR H 193 -19.20 3.85 -44.49
C TYR H 193 -19.30 5.37 -44.44
N ALA H 194 -19.69 5.90 -43.28
CA ALA H 194 -19.95 7.31 -43.14
C ALA H 194 -19.45 7.81 -41.79
N CYS H 195 -19.08 9.09 -41.75
CA CYS H 195 -18.77 9.77 -40.50
CA CYS H 195 -18.77 9.77 -40.50
C CYS H 195 -19.71 10.96 -40.34
N GLU H 196 -20.42 11.00 -39.22
CA GLU H 196 -21.32 12.09 -38.90
C GLU H 196 -20.56 13.12 -38.07
N VAL H 197 -20.54 14.36 -38.54
CA VAL H 197 -19.76 15.43 -37.93
C VAL H 197 -20.73 16.43 -37.30
N THR H 198 -20.59 16.62 -35.99
CA THR H 198 -21.38 17.60 -35.26
C THR H 198 -20.47 18.73 -34.82
N HIS H 199 -20.89 19.96 -35.09
CA HIS H 199 -20.08 21.13 -34.77
C HIS H 199 -21.00 22.33 -34.63
N GLN H 200 -20.52 23.33 -33.89
CA GLN H 200 -21.32 24.52 -33.63
C GLN H 200 -21.67 25.25 -34.92
N GLY H 201 -20.75 25.26 -35.88
CA GLY H 201 -20.96 25.92 -37.17
C GLY H 201 -21.91 25.23 -38.11
N LEU H 202 -22.41 24.05 -37.75
CA LEU H 202 -23.36 23.31 -38.56
C LEU H 202 -24.73 23.36 -37.91
N SER H 203 -25.73 23.82 -38.66
CA SER H 203 -27.09 23.85 -38.14
C SER H 203 -27.62 22.44 -37.85
N SER H 204 -27.08 21.42 -38.51
CA SER H 204 -27.44 20.03 -38.29
C SER H 204 -26.24 19.18 -38.63
N PRO H 205 -26.10 18.00 -38.04
CA PRO H 205 -24.91 17.18 -38.27
C PRO H 205 -24.73 16.84 -39.74
N VAL H 206 -23.51 17.05 -40.24
CA VAL H 206 -23.15 16.76 -41.63
C VAL H 206 -22.59 15.35 -41.70
N THR H 207 -23.03 14.60 -42.72
CA THR H 207 -22.58 13.23 -42.93
C THR H 207 -21.91 13.14 -44.30
N LYS H 208 -20.71 12.57 -44.33
CA LYS H 208 -20.00 12.24 -45.55
C LYS H 208 -19.80 10.73 -45.61
N SER H 209 -20.21 10.13 -46.73
CA SER H 209 -20.21 8.67 -46.85
C SER H 209 -19.61 8.27 -48.18
N PHE H 210 -19.46 6.96 -48.35
CA PHE H 210 -19.07 6.36 -49.62
C PHE H 210 -19.57 4.93 -49.65
N ASN H 211 -19.87 4.45 -50.85
CA ASN H 211 -20.25 3.06 -51.03
C ASN H 211 -19.00 2.26 -51.38
N ARG H 212 -18.76 1.19 -50.62
CA ARG H 212 -17.57 0.36 -50.78
C ARG H 212 -17.38 -0.09 -52.22
N GLY H 213 -16.26 0.28 -52.81
CA GLY H 213 -15.95 -0.09 -54.18
C GLY H 213 -16.36 0.96 -55.20
N GLU H 214 -17.66 1.24 -55.28
CA GLU H 214 -18.17 2.20 -56.24
C GLU H 214 -17.69 3.62 -55.94
N GLN I 1 3.99 2.48 10.23
CA GLN I 1 5.11 2.38 11.16
C GLN I 1 6.35 1.81 10.49
N VAL I 2 7.51 2.27 10.92
CA VAL I 2 8.77 1.75 10.39
C VAL I 2 8.94 0.32 10.89
N GLN I 3 8.97 -0.64 9.97
CA GLN I 3 8.83 -2.03 10.33
C GLN I 3 9.60 -2.93 9.37
N LEU I 4 10.28 -3.93 9.92
CA LEU I 4 10.96 -4.96 9.14
C LEU I 4 10.48 -6.31 9.65
N VAL I 5 10.15 -7.22 8.73
CA VAL I 5 9.60 -8.53 9.08
C VAL I 5 10.37 -9.59 8.30
N GLU I 6 11.07 -10.47 9.03
CA GLU I 6 11.82 -11.56 8.41
C GLU I 6 10.95 -12.79 8.23
N SER I 7 11.40 -13.69 7.36
CA SER I 7 10.75 -14.96 7.13
C SER I 7 11.71 -15.87 6.39
N GLY I 8 11.35 -17.16 6.33
CA GLY I 8 12.12 -18.13 5.58
C GLY I 8 13.04 -19.01 6.38
N GLY I 9 13.10 -18.84 7.69
CA GLY I 9 13.96 -19.69 8.50
C GLY I 9 13.41 -21.08 8.67
N GLY I 10 14.27 -21.99 9.12
CA GLY I 10 13.85 -23.36 9.36
C GLY I 10 15.04 -24.23 9.68
N VAL I 11 14.77 -25.54 9.77
CA VAL I 11 15.81 -26.53 10.00
C VAL I 11 16.32 -27.01 8.64
N VAL I 12 17.65 -27.10 8.51
CA VAL I 12 18.28 -27.44 7.25
C VAL I 12 19.49 -28.32 7.53
N GLN I 13 19.64 -29.39 6.75
CA GLN I 13 20.80 -30.26 6.89
C GLN I 13 22.07 -29.52 6.50
N PRO I 14 23.22 -29.93 7.04
CA PRO I 14 24.48 -29.30 6.64
C PRO I 14 24.74 -29.47 5.15
N GLY I 15 25.29 -28.42 4.54
CA GLY I 15 25.59 -28.41 3.12
C GLY I 15 24.47 -27.95 2.23
N ARG I 16 23.22 -27.98 2.71
CA ARG I 16 22.09 -27.55 1.91
C ARG I 16 21.89 -26.04 2.05
N SER I 17 20.83 -25.52 1.44
CA SER I 17 20.67 -24.08 1.29
C SER I 17 19.35 -23.61 1.91
N LEU I 18 19.29 -22.29 2.10
CA LEU I 18 18.11 -21.60 2.63
C LEU I 18 18.12 -20.18 2.09
N ARG I 19 16.92 -19.63 1.89
CA ARG I 19 16.77 -18.25 1.46
C ARG I 19 15.88 -17.49 2.45
N LEU I 20 16.37 -16.35 2.92
CA LEU I 20 15.64 -15.53 3.88
C LEU I 20 15.13 -14.27 3.18
N SER I 21 13.95 -13.82 3.58
CA SER I 21 13.35 -12.60 3.08
C SER I 21 13.12 -11.62 4.22
N CYS I 22 12.99 -10.35 3.87
CA CYS I 22 12.79 -9.27 4.85
C CYS I 22 11.85 -8.26 4.23
N ALA I 23 10.64 -8.15 4.80
CA ALA I 23 9.63 -7.24 4.29
C ALA I 23 9.71 -5.92 5.05
N ALA I 24 9.91 -4.83 4.31
CA ALA I 24 10.08 -3.52 4.90
C ALA I 24 8.87 -2.64 4.60
N SER I 25 8.50 -1.81 5.57
CA SER I 25 7.37 -0.90 5.41
C SER I 25 7.53 0.24 6.41
N GLY I 26 6.97 1.39 6.05
CA GLY I 26 7.01 2.57 6.90
C GLY I 26 8.13 3.54 6.59
N PHE I 27 8.96 3.26 5.60
CA PHE I 27 10.03 4.17 5.22
C PHE I 27 10.36 3.96 3.75
N THR I 28 10.90 5.02 3.12
CA THR I 28 11.32 4.93 1.73
C THR I 28 12.45 3.90 1.62
N PHE I 29 12.11 2.73 1.07
CA PHE I 29 13.00 1.58 1.11
C PHE I 29 14.32 1.86 0.40
N ASN I 30 14.26 2.50 -0.77
CA ASN I 30 15.45 2.65 -1.61
C ASN I 30 16.42 3.71 -1.10
N ASN I 31 16.08 4.45 -0.06
CA ASN I 31 16.98 5.46 0.49
C ASN I 31 17.93 4.91 1.53
N TYR I 32 17.85 3.62 1.85
CA TYR I 32 18.61 3.07 2.96
C TYR I 32 19.35 1.80 2.54
N PRO I 33 20.63 1.67 2.86
CA PRO I 33 21.26 0.35 2.88
C PRO I 33 20.60 -0.53 3.93
N LEU I 34 20.87 -1.83 3.83
CA LEU I 34 20.27 -2.79 4.75
C LEU I 34 21.28 -3.85 5.14
N HIS I 35 21.20 -4.28 6.39
CA HIS I 35 22.13 -5.24 6.96
C HIS I 35 21.42 -6.55 7.29
N TRP I 36 22.21 -7.61 7.37
CA TRP I 36 21.81 -8.87 7.97
C TRP I 36 22.70 -9.12 9.17
N VAL I 37 22.08 -9.35 10.33
CA VAL I 37 22.80 -9.63 11.57
C VAL I 37 22.23 -10.90 12.17
N ARG I 38 23.11 -11.77 12.67
CA ARG I 38 22.69 -13.03 13.27
C ARG I 38 23.20 -13.11 14.70
N GLN I 39 22.57 -13.97 15.49
CA GLN I 39 22.91 -14.11 16.90
C GLN I 39 22.73 -15.56 17.30
N ALA I 40 23.84 -16.27 17.49
CA ALA I 40 23.78 -17.64 17.95
C ALA I 40 23.23 -17.70 19.37
N PRO I 41 22.69 -18.84 19.79
CA PRO I 41 22.14 -18.94 21.15
C PRO I 41 23.20 -18.65 22.21
N GLY I 42 22.86 -17.73 23.12
CA GLY I 42 23.73 -17.39 24.22
C GLY I 42 24.91 -16.52 23.88
N LYS I 43 25.02 -16.06 22.64
CA LYS I 43 26.13 -15.23 22.20
C LYS I 43 25.63 -13.86 21.78
N GLY I 44 26.56 -12.96 21.47
CA GLY I 44 26.23 -11.63 21.05
C GLY I 44 25.90 -11.56 19.58
N PRO I 45 25.51 -10.38 19.13
CA PRO I 45 25.20 -10.19 17.70
C PRO I 45 26.44 -10.26 16.84
N GLU I 46 26.26 -10.73 15.60
CA GLU I 46 27.33 -10.81 14.62
C GLU I 46 26.84 -10.25 13.29
N TRP I 47 27.45 -9.16 12.84
CA TRP I 47 27.14 -8.58 11.54
C TRP I 47 27.50 -9.58 10.44
N VAL I 48 26.59 -9.79 9.50
CA VAL I 48 26.76 -10.77 8.43
C VAL I 48 27.08 -10.11 7.10
N ALA I 49 26.24 -9.17 6.67
CA ALA I 49 26.40 -8.58 5.34
C ALA I 49 25.64 -7.26 5.29
N VAL I 50 25.87 -6.52 4.20
CA VAL I 50 25.19 -5.26 3.95
C VAL I 50 25.10 -5.06 2.45
N ILE I 51 24.06 -4.35 2.02
CA ILE I 51 23.86 -4.03 0.62
C ILE I 51 23.50 -2.55 0.51
N SER I 52 24.05 -1.88 -0.50
CA SER I 52 23.85 -0.45 -0.65
C SER I 52 22.41 -0.16 -1.10
N GLN I 53 22.11 1.12 -1.32
CA GLN I 53 20.76 1.53 -1.67
C GLN I 53 20.32 0.89 -2.99
N ASP I 54 21.13 1.03 -4.03
CA ASP I 54 20.78 0.51 -5.35
C ASP I 54 21.18 -0.95 -5.54
N GLY I 55 21.84 -1.56 -4.56
CA GLY I 55 22.27 -2.94 -4.68
C GLY I 55 23.57 -3.15 -5.42
N GLY I 56 24.29 -2.09 -5.76
CA GLY I 56 25.54 -2.23 -6.48
C GLY I 56 26.71 -2.68 -5.61
N ASN I 57 26.66 -2.39 -4.31
CA ASN I 57 27.73 -2.72 -3.39
C ASN I 57 27.23 -3.73 -2.36
N LYS I 58 28.06 -4.75 -2.11
CA LYS I 58 27.73 -5.79 -1.15
C LYS I 58 29.00 -6.18 -0.40
N TYR I 59 28.91 -6.27 0.93
CA TYR I 59 30.03 -6.66 1.76
C TYR I 59 29.58 -7.77 2.69
N TYR I 60 30.51 -8.66 3.03
CA TYR I 60 30.18 -9.87 3.77
C TYR I 60 31.21 -10.13 4.85
N VAL I 61 30.78 -10.82 5.90
CA VAL I 61 31.72 -11.34 6.88
C VAL I 61 32.48 -12.51 6.26
N ASP I 62 33.74 -12.67 6.67
CA ASP I 62 34.58 -13.72 6.06
C ASP I 62 33.98 -15.10 6.28
N SER I 63 33.22 -15.29 7.35
CA SER I 63 32.69 -16.61 7.66
C SER I 63 31.73 -17.10 6.59
N VAL I 64 31.12 -16.17 5.85
CA VAL I 64 30.12 -16.51 4.84
C VAL I 64 30.56 -16.13 3.44
N LYS I 65 31.76 -15.59 3.27
CA LYS I 65 32.21 -15.15 1.96
C LYS I 65 32.25 -16.33 0.98
N GLY I 66 31.53 -16.19 -0.13
CA GLY I 66 31.41 -17.25 -1.10
C GLY I 66 30.25 -18.19 -0.89
N ARG I 67 29.64 -18.17 0.30
CA ARG I 67 28.48 -19.01 0.61
C ARG I 67 27.17 -18.25 0.66
N PHE I 68 27.19 -17.02 1.18
CA PHE I 68 25.99 -16.21 1.31
C PHE I 68 25.98 -15.12 0.26
N THR I 69 24.78 -14.77 -0.22
CA THR I 69 24.61 -13.70 -1.19
C THR I 69 23.43 -12.85 -0.77
N ILE I 70 23.67 -11.55 -0.57
CA ILE I 70 22.65 -10.60 -0.20
C ILE I 70 22.16 -9.89 -1.46
N SER I 71 20.86 -9.59 -1.50
CA SER I 71 20.28 -8.90 -2.64
C SER I 71 18.99 -8.21 -2.18
N ARG I 72 18.46 -7.34 -3.04
CA ARG I 72 17.27 -6.59 -2.70
C ARG I 72 16.43 -6.36 -3.95
N ASP I 73 15.13 -6.15 -3.72
CA ASP I 73 14.17 -5.84 -4.77
C ASP I 73 13.48 -4.55 -4.35
N ASN I 74 13.95 -3.41 -4.89
CA ASN I 74 13.42 -2.12 -4.47
C ASN I 74 11.99 -1.89 -4.93
N SER I 75 11.54 -2.59 -5.99
CA SER I 75 10.15 -2.50 -6.39
C SER I 75 9.23 -3.27 -5.44
N LYS I 76 9.77 -4.24 -4.71
CA LYS I 76 8.99 -5.04 -3.78
C LYS I 76 9.28 -4.73 -2.32
N ASN I 77 10.18 -3.78 -2.03
CA ASN I 77 10.55 -3.42 -0.65
C ASN I 77 10.99 -4.65 0.13
N THR I 78 11.83 -5.48 -0.50
CA THR I 78 12.22 -6.76 0.07
C THR I 78 13.73 -6.93 0.03
N LEU I 79 14.28 -7.43 1.13
CA LEU I 79 15.68 -7.79 1.23
C LEU I 79 15.81 -9.31 1.32
N TYR I 80 16.81 -9.87 0.65
CA TYR I 80 17.04 -11.30 0.63
C TYR I 80 18.43 -11.64 1.15
N LEU I 81 18.56 -12.84 1.70
CA LEU I 81 19.86 -13.42 2.03
C LEU I 81 19.86 -14.86 1.56
N GLN I 82 20.61 -15.15 0.50
CA GLN I 82 20.71 -16.50 -0.05
C GLN I 82 21.84 -17.22 0.67
N MET I 83 21.50 -18.25 1.45
CA MET I 83 22.45 -18.97 2.28
C MET I 83 22.68 -20.34 1.70
N ASN I 84 23.86 -20.56 1.12
CA ASN I 84 24.22 -21.83 0.52
C ASN I 84 25.32 -22.50 1.33
N ASN I 85 25.39 -23.83 1.20
CA ASN I 85 26.42 -24.65 1.85
C ASN I 85 26.50 -24.34 3.35
N LEU I 86 25.37 -24.54 4.02
CA LEU I 86 25.25 -24.13 5.41
C LEU I 86 26.05 -25.04 6.34
N ARG I 87 26.69 -24.43 7.33
CA ARG I 87 27.46 -25.15 8.34
C ARG I 87 26.74 -25.07 9.68
N ALA I 88 27.19 -25.91 10.62
CA ALA I 88 26.58 -25.93 11.95
C ALA I 88 26.67 -24.57 12.63
N GLU I 89 27.82 -23.90 12.50
CA GLU I 89 28.01 -22.59 13.11
C GLU I 89 27.22 -21.48 12.42
N ASP I 90 26.43 -21.80 11.40
CA ASP I 90 25.48 -20.85 10.85
C ASP I 90 24.17 -20.81 11.63
N THR I 91 23.94 -21.80 12.50
CA THR I 91 22.75 -21.83 13.35
C THR I 91 22.67 -20.58 14.22
N ALA I 92 21.69 -19.73 13.96
CA ALA I 92 21.52 -18.49 14.71
C ALA I 92 20.17 -17.88 14.35
N LEU I 93 19.79 -16.85 15.11
CA LEU I 93 18.63 -16.03 14.80
C LEU I 93 19.09 -14.89 13.89
N TYR I 94 18.48 -14.77 12.72
CA TYR I 94 18.90 -13.82 11.71
C TYR I 94 17.94 -12.63 11.68
N TYR I 95 18.48 -11.43 11.93
CA TYR I 95 17.74 -10.20 11.80
C TYR I 95 18.11 -9.50 10.49
N CYS I 96 17.17 -8.72 9.96
CA CYS I 96 17.48 -7.70 8.98
C CYS I 96 17.37 -6.34 9.65
N ALA I 97 18.28 -5.43 9.32
CA ALA I 97 18.34 -4.14 9.99
C ALA I 97 18.59 -3.04 8.97
N ARG I 98 18.02 -1.87 9.26
CA ARG I 98 18.18 -0.70 8.40
C ARG I 98 19.42 0.08 8.82
N ASP I 99 20.11 0.62 7.83
CA ASP I 99 21.37 1.33 8.07
C ASP I 99 21.10 2.71 8.67
N VAL I 100 22.04 3.15 9.52
CA VAL I 100 21.97 4.46 10.16
C VAL I 100 22.63 5.48 9.25
N VAL I 101 21.87 6.47 8.81
CA VAL I 101 22.31 7.47 7.86
C VAL I 101 22.53 8.77 8.63
N VAL I 102 23.79 9.22 8.68
CA VAL I 102 24.15 10.43 9.40
C VAL I 102 24.14 11.60 8.42
N VAL I 103 23.42 12.66 8.76
CA VAL I 103 23.26 13.83 7.90
C VAL I 103 24.06 14.98 8.50
N VAL I 104 25.01 15.49 7.73
CA VAL I 104 25.74 16.71 8.08
C VAL I 104 25.72 17.62 6.85
N ALA I 105 25.18 18.83 7.02
CA ALA I 105 25.07 19.81 5.94
C ALA I 105 24.27 19.26 4.77
N ALA I 106 23.18 18.56 5.07
CA ALA I 106 22.25 17.96 4.12
C ALA I 106 22.89 16.89 3.24
N ARG I 107 24.06 16.38 3.60
CA ARG I 107 24.71 15.30 2.87
C ARG I 107 24.60 14.02 3.67
N ASN I 108 24.24 12.93 3.00
CA ASN I 108 24.04 11.65 3.65
C ASN I 108 25.36 10.90 3.82
N HIS I 109 25.52 10.28 4.98
CA HIS I 109 26.68 9.45 5.29
C HIS I 109 26.18 8.11 5.81
N TYR I 110 26.58 7.03 5.15
CA TYR I 110 26.00 5.72 5.37
C TYR I 110 26.92 4.83 6.20
N TYR I 111 26.38 3.69 6.64
CA TYR I 111 27.11 2.68 7.40
C TYR I 111 27.58 3.23 8.74
N ASN I 112 26.61 3.69 9.53
CA ASN I 112 26.88 4.23 10.85
C ASN I 112 26.18 3.45 11.96
N GLY I 113 25.63 2.27 11.66
CA GLY I 113 24.96 1.45 12.64
C GLY I 113 23.68 0.88 12.08
N MET I 114 22.88 0.29 12.97
CA MET I 114 21.61 -0.33 12.62
C MET I 114 20.54 0.14 13.61
N ASP I 115 19.56 0.89 13.12
CA ASP I 115 18.57 1.51 14.00
C ASP I 115 17.24 0.78 14.06
N VAL I 116 16.79 0.19 12.96
CA VAL I 116 15.51 -0.52 12.91
C VAL I 116 15.80 -1.99 12.69
N TRP I 117 15.30 -2.84 13.59
CA TRP I 117 15.57 -4.27 13.57
C TRP I 117 14.27 -5.06 13.47
N GLY I 118 14.30 -6.17 12.75
CA GLY I 118 13.19 -7.08 12.74
C GLY I 118 13.22 -8.00 13.94
N GLN I 119 12.15 -8.78 14.08
CA GLN I 119 12.07 -9.70 15.23
C GLN I 119 13.00 -10.89 15.08
N GLY I 120 13.48 -11.16 13.88
CA GLY I 120 14.41 -12.23 13.66
C GLY I 120 13.73 -13.51 13.20
N THR I 121 14.41 -14.26 12.35
CA THR I 121 13.98 -15.59 11.94
C THR I 121 15.08 -16.59 12.23
N THR I 122 14.70 -17.74 12.76
CA THR I 122 15.66 -18.74 13.23
C THR I 122 15.98 -19.74 12.13
N VAL I 123 17.27 -20.01 11.93
CA VAL I 123 17.72 -21.11 11.09
C VAL I 123 18.58 -22.03 11.95
N THR I 124 18.36 -23.33 11.77
CA THR I 124 19.02 -24.36 12.57
C THR I 124 19.65 -25.37 11.62
N VAL I 125 20.98 -25.38 11.56
CA VAL I 125 21.72 -26.24 10.65
C VAL I 125 22.16 -27.47 11.43
N SER I 126 21.56 -28.62 11.12
CA SER I 126 21.84 -29.85 11.82
C SER I 126 21.34 -31.02 10.98
N SER I 127 21.98 -32.17 11.16
CA SER I 127 21.55 -33.40 10.49
C SER I 127 20.62 -34.23 11.37
N ALA I 128 20.22 -33.71 12.53
CA ALA I 128 19.35 -34.45 13.42
C ALA I 128 17.98 -34.64 12.81
N SER I 129 17.37 -35.79 13.07
CA SER I 129 16.01 -36.05 12.63
C SER I 129 15.04 -35.59 13.70
N THR I 130 13.91 -35.04 13.27
CA THR I 130 12.89 -34.54 14.19
C THR I 130 12.46 -35.63 15.16
N LYS I 131 12.52 -35.33 16.45
CA LYS I 131 12.19 -36.30 17.49
C LYS I 131 11.49 -35.59 18.64
N GLY I 132 10.36 -36.14 19.06
CA GLY I 132 9.67 -35.67 20.25
C GLY I 132 10.40 -36.13 21.50
N PRO I 133 10.20 -35.41 22.59
CA PRO I 133 10.98 -35.69 23.80
C PRO I 133 10.38 -36.82 24.64
N SER I 134 11.24 -37.42 25.44
CA SER I 134 10.82 -38.24 26.56
C SER I 134 10.68 -37.36 27.80
N VAL I 135 9.71 -37.68 28.63
CA VAL I 135 9.38 -36.87 29.81
C VAL I 135 9.59 -37.76 31.03
N PHE I 136 10.64 -37.49 31.81
CA PHE I 136 10.89 -38.31 32.97
C PHE I 136 10.64 -37.53 34.26
N PRO I 137 10.06 -38.16 35.27
CA PRO I 137 9.75 -37.44 36.50
C PRO I 137 10.99 -37.21 37.35
N LEU I 138 11.07 -36.01 37.93
CA LEU I 138 12.05 -35.70 38.96
C LEU I 138 11.28 -35.72 40.27
N ALA I 139 11.19 -36.89 40.89
CA ALA I 139 10.29 -37.09 42.00
C ALA I 139 10.78 -36.32 43.23
N PRO I 140 9.87 -35.72 43.99
CA PRO I 140 10.27 -35.07 45.25
C PRO I 140 10.74 -36.11 46.27
N SER I 141 11.78 -35.75 47.01
CA SER I 141 12.32 -36.65 48.01
C SER I 141 11.36 -36.77 49.20
N SER I 142 11.63 -37.77 50.04
CA SER I 142 10.73 -38.05 51.16
C SER I 142 10.74 -36.93 52.18
N LYS I 143 11.93 -36.49 52.59
CA LYS I 143 12.04 -35.48 53.64
C LYS I 143 12.93 -34.32 53.21
N THR I 149 10.37 -26.90 52.49
CA THR I 149 9.99 -26.75 51.10
C THR I 149 10.71 -27.77 50.22
N ALA I 150 9.94 -28.51 49.42
CA ALA I 150 10.48 -29.57 48.57
C ALA I 150 10.58 -29.10 47.13
N ALA I 151 11.19 -29.94 46.30
CA ALA I 151 11.39 -29.64 44.90
C ALA I 151 11.05 -30.87 44.06
N LEU I 152 10.38 -30.63 42.93
CA LEU I 152 10.06 -31.68 41.98
C LEU I 152 10.10 -31.07 40.58
N GLY I 153 10.15 -31.94 39.58
CA GLY I 153 10.24 -31.44 38.22
C GLY I 153 10.06 -32.52 37.19
N CYS I 154 10.33 -32.14 35.94
CA CYS I 154 10.23 -33.02 34.79
C CYS I 154 11.46 -32.85 33.91
N LEU I 155 12.07 -33.97 33.52
CA LEU I 155 13.23 -33.97 32.64
C LEU I 155 12.77 -34.24 31.21
N VAL I 156 12.91 -33.23 30.36
CA VAL I 156 12.47 -33.28 28.97
C VAL I 156 13.72 -33.54 28.12
N LYS I 157 13.96 -34.80 27.78
CA LYS I 157 15.25 -35.22 27.23
C LYS I 157 15.13 -35.72 25.80
N ASP I 158 16.15 -35.42 24.99
CA ASP I 158 16.36 -35.99 23.66
C ASP I 158 15.22 -35.60 22.71
N TYR I 159 15.20 -34.31 22.37
CA TYR I 159 14.24 -33.81 21.41
C TYR I 159 14.95 -32.87 20.43
N PHE I 160 14.40 -32.82 19.21
CA PHE I 160 14.91 -31.93 18.18
C PHE I 160 13.79 -31.64 17.19
N PRO I 161 13.63 -30.39 16.75
CA PRO I 161 14.41 -29.23 17.19
C PRO I 161 13.74 -28.46 18.32
N GLU I 162 14.28 -27.28 18.64
CA GLU I 162 13.58 -26.35 19.50
C GLU I 162 12.32 -25.85 18.78
N PRO I 163 11.32 -25.39 19.54
CA PRO I 163 11.21 -25.36 21.00
C PRO I 163 10.23 -26.39 21.56
N VAL I 164 10.21 -26.51 22.88
CA VAL I 164 9.14 -27.20 23.59
C VAL I 164 8.46 -26.20 24.50
N THR I 165 7.17 -26.43 24.75
CA THR I 165 6.43 -25.67 25.74
C THR I 165 6.11 -26.60 26.90
N VAL I 166 6.40 -26.14 28.11
CA VAL I 166 6.18 -26.92 29.33
C VAL I 166 5.24 -26.14 30.23
N SER I 167 4.12 -26.75 30.56
CA SER I 167 3.17 -26.21 31.52
C SER I 167 3.00 -27.20 32.66
N TRP I 168 2.47 -26.72 33.77
CA TRP I 168 2.21 -27.54 34.93
C TRP I 168 0.72 -27.48 35.28
N ASN I 169 0.09 -28.65 35.40
CA ASN I 169 -1.34 -28.77 35.66
C ASN I 169 -2.15 -27.94 34.65
N SER I 170 -1.81 -28.11 33.37
CA SER I 170 -2.47 -27.44 32.25
C SER I 170 -2.38 -25.91 32.34
N GLY I 171 -1.38 -25.41 33.08
CA GLY I 171 -1.20 -23.98 33.24
C GLY I 171 -1.76 -23.41 34.53
N ALA I 172 -2.47 -24.22 35.32
CA ALA I 172 -3.01 -23.72 36.58
C ALA I 172 -1.91 -23.45 37.60
N LEU I 173 -0.82 -24.22 37.58
CA LEU I 173 0.28 -24.06 38.51
C LEU I 173 1.39 -23.26 37.84
N THR I 174 1.65 -22.06 38.36
CA THR I 174 2.65 -21.18 37.74
C THR I 174 3.67 -20.73 38.75
N SER I 175 3.26 -20.56 40.00
CA SER I 175 4.15 -20.03 41.02
C SER I 175 5.23 -21.04 41.37
N GLY I 176 6.48 -20.57 41.42
CA GLY I 176 7.59 -21.42 41.77
C GLY I 176 8.09 -22.29 40.65
N VAL I 177 7.64 -22.09 39.41
CA VAL I 177 8.03 -22.93 38.29
C VAL I 177 9.26 -22.34 37.62
N HIS I 178 10.27 -23.18 37.41
CA HIS I 178 11.48 -22.80 36.67
C HIS I 178 11.67 -23.80 35.54
N THR I 179 11.49 -23.32 34.30
CA THR I 179 11.75 -24.10 33.10
C THR I 179 13.04 -23.60 32.48
N PHE I 180 14.10 -24.39 32.61
CA PHE I 180 15.44 -23.94 32.24
C PHE I 180 15.65 -24.00 30.74
N PRO I 181 16.48 -23.11 30.19
CA PRO I 181 16.87 -23.23 28.79
C PRO I 181 17.53 -24.58 28.52
N ALA I 182 17.29 -25.10 27.33
CA ALA I 182 17.77 -26.42 26.97
C ALA I 182 19.26 -26.39 26.64
N VAL I 183 19.92 -27.50 26.89
CA VAL I 183 21.29 -27.72 26.45
C VAL I 183 21.27 -28.57 25.18
N LEU I 184 22.20 -28.29 24.28
CA LEU I 184 22.39 -29.12 23.09
C LEU I 184 23.42 -30.19 23.41
N GLN I 185 23.01 -31.45 23.35
CA GLN I 185 23.88 -32.55 23.70
C GLN I 185 24.78 -32.91 22.52
N SER I 186 25.80 -33.72 22.80
CA SER I 186 26.73 -34.15 21.76
C SER I 186 26.03 -34.98 20.69
N SER I 187 24.89 -35.59 21.02
CA SER I 187 24.13 -36.38 20.05
C SER I 187 23.38 -35.52 19.04
N GLY I 188 23.30 -34.21 19.27
CA GLY I 188 22.50 -33.34 18.43
C GLY I 188 21.08 -33.13 18.90
N LEU I 189 20.72 -33.69 20.05
CA LEU I 189 19.38 -33.57 20.61
C LEU I 189 19.41 -32.68 21.85
N TYR I 190 18.32 -31.95 22.07
CA TYR I 190 18.22 -31.03 23.19
C TYR I 190 17.66 -31.71 24.43
N SER I 191 18.06 -31.21 25.59
CA SER I 191 17.57 -31.69 26.88
C SER I 191 17.21 -30.50 27.76
N LEU I 192 16.11 -30.62 28.48
CA LEU I 192 15.54 -29.52 29.24
C LEU I 192 14.95 -30.06 30.53
N SER I 193 15.01 -29.26 31.59
CA SER I 193 14.40 -29.62 32.87
C SER I 193 13.51 -28.47 33.33
N SER I 194 12.31 -28.83 33.79
CA SER I 194 11.35 -27.87 34.33
C SER I 194 11.00 -28.30 35.73
N VAL I 195 11.25 -27.43 36.71
CA VAL I 195 11.08 -27.76 38.11
C VAL I 195 10.09 -26.81 38.76
N VAL I 196 9.62 -27.21 39.93
CA VAL I 196 8.76 -26.37 40.76
C VAL I 196 9.06 -26.68 42.22
N THR I 197 9.10 -25.64 43.04
CA THR I 197 9.34 -25.78 44.47
C THR I 197 8.04 -25.56 45.23
N VAL I 198 7.74 -26.44 46.17
CA VAL I 198 6.47 -26.42 46.88
C VAL I 198 6.73 -26.69 48.36
N PRO I 199 5.80 -26.28 49.22
CA PRO I 199 5.90 -26.66 50.63
C PRO I 199 5.85 -28.17 50.80
N SER I 200 6.59 -28.65 51.80
CA SER I 200 6.73 -30.10 51.99
C SER I 200 5.40 -30.76 52.30
N SER I 201 4.46 -30.02 52.89
CA SER I 201 3.19 -30.62 53.31
C SER I 201 2.36 -31.06 52.11
N SER I 202 2.43 -30.31 51.01
CA SER I 202 1.59 -30.57 49.84
C SER I 202 2.16 -31.65 48.92
N LEU I 203 3.00 -32.56 49.41
CA LEU I 203 3.54 -33.61 48.56
C LEU I 203 2.57 -34.77 48.41
N GLY I 204 1.98 -35.24 49.50
CA GLY I 204 0.99 -36.29 49.46
C GLY I 204 -0.45 -35.82 49.37
N THR I 205 -0.68 -34.51 49.19
CA THR I 205 -2.02 -33.96 49.13
C THR I 205 -2.20 -33.01 47.95
N GLN I 206 -1.26 -32.99 47.01
CA GLN I 206 -1.40 -32.16 45.82
C GLN I 206 -0.70 -32.87 44.66
N THR I 207 -1.41 -33.00 43.55
CA THR I 207 -0.86 -33.64 42.36
C THR I 207 -0.13 -32.62 41.50
N TYR I 208 0.92 -33.07 40.84
CA TYR I 208 1.74 -32.22 39.98
C TYR I 208 1.93 -32.93 38.65
N ILE I 209 1.40 -32.32 37.58
CA ILE I 209 1.44 -32.89 36.24
C ILE I 209 2.12 -31.88 35.32
N CYS I 210 3.16 -32.32 34.62
CA CYS I 210 3.82 -31.49 33.63
C CYS I 210 3.35 -31.88 32.24
N ASN I 211 3.06 -30.88 31.41
CA ASN I 211 2.54 -31.09 30.07
C ASN I 211 3.54 -30.54 29.07
N VAL I 212 4.16 -31.44 28.31
CA VAL I 212 5.21 -31.08 27.37
C VAL I 212 4.62 -31.15 25.96
N ASN I 213 4.73 -30.04 25.22
CA ASN I 213 4.20 -29.94 23.87
C ASN I 213 5.34 -29.65 22.91
N HIS I 214 5.43 -30.43 21.84
CA HIS I 214 6.52 -30.32 20.86
C HIS I 214 5.91 -30.35 19.46
N LYS I 215 5.65 -29.15 18.91
CA LYS I 215 5.01 -29.04 17.61
C LYS I 215 5.74 -29.77 16.48
N PRO I 216 7.06 -29.63 16.31
CA PRO I 216 7.71 -30.28 15.15
C PRO I 216 7.43 -31.76 15.02
N SER I 217 7.31 -32.48 16.13
CA SER I 217 7.03 -33.90 16.10
C SER I 217 5.57 -34.24 16.32
N ASN I 218 4.71 -33.22 16.52
CA ASN I 218 3.28 -33.43 16.72
C ASN I 218 3.01 -34.35 17.91
N THR I 219 3.70 -34.09 19.03
CA THR I 219 3.54 -34.90 20.23
C THR I 219 3.19 -34.01 21.40
N LYS I 220 2.47 -34.59 22.36
CA LYS I 220 2.12 -33.92 23.61
C LYS I 220 2.07 -34.96 24.71
N VAL I 221 2.92 -34.81 25.71
CA VAL I 221 3.08 -35.80 26.77
C VAL I 221 2.71 -35.18 28.11
N ASP I 222 1.95 -35.92 28.90
CA ASP I 222 1.62 -35.56 30.26
C ASP I 222 2.27 -36.54 31.22
N LYS I 223 2.75 -36.04 32.36
CA LYS I 223 3.45 -36.89 33.33
C LYS I 223 3.07 -36.45 34.74
N LYS I 224 2.49 -37.38 35.50
CA LYS I 224 2.21 -37.15 36.91
C LYS I 224 3.48 -37.35 37.71
N VAL I 225 3.97 -36.30 38.36
CA VAL I 225 5.15 -36.37 39.22
C VAL I 225 4.69 -36.61 40.65
N GLU I 226 5.16 -37.68 41.26
CA GLU I 226 4.71 -38.09 42.58
C GLU I 226 5.89 -38.60 43.39
N PRO I 227 5.84 -38.50 44.71
CA PRO I 227 6.96 -38.94 45.55
C PRO I 227 7.20 -40.43 45.42
N LYS I 228 8.41 -40.84 45.82
CA LYS I 228 8.81 -42.25 45.75
C LYS I 228 8.32 -43.02 46.97
N ASP J 1 40.46 -6.65 10.79
CA ASP J 1 39.34 -6.76 11.72
C ASP J 1 39.59 -5.95 12.98
N ILE J 2 38.62 -5.12 13.35
CA ILE J 2 38.73 -4.25 14.52
C ILE J 2 38.08 -4.96 15.70
N GLN J 3 38.88 -5.26 16.72
CA GLN J 3 38.36 -5.90 17.92
C GLN J 3 37.72 -4.87 18.84
N LEU J 4 36.89 -5.36 19.75
CA LEU J 4 36.22 -4.49 20.71
C LEU J 4 36.09 -5.24 22.03
N THR J 5 36.43 -4.57 23.12
CA THR J 5 36.26 -5.11 24.46
C THR J 5 35.36 -4.19 25.28
N GLN J 6 34.71 -4.75 26.29
CA GLN J 6 33.85 -3.99 27.18
C GLN J 6 34.17 -4.32 28.63
N SER J 7 34.12 -3.30 29.48
CA SER J 7 34.40 -3.45 30.90
C SER J 7 33.41 -2.63 31.69
N PRO J 8 32.88 -3.17 32.80
CA PRO J 8 33.17 -4.54 33.22
C PRO J 8 32.26 -5.54 32.53
N SER J 9 32.50 -6.84 32.73
CA SER J 9 31.66 -7.85 32.12
C SER J 9 30.22 -7.73 32.59
N SER J 10 30.03 -7.58 33.91
CA SER J 10 28.71 -7.45 34.50
C SER J 10 28.70 -6.26 35.46
N VAL J 11 27.52 -5.69 35.65
CA VAL J 11 27.30 -4.61 36.61
C VAL J 11 26.10 -4.98 37.46
N SER J 12 26.28 -4.95 38.78
CA SER J 12 25.19 -5.18 39.72
C SER J 12 24.81 -3.83 40.31
N ALA J 13 23.73 -3.25 39.78
CA ALA J 13 23.35 -1.88 40.11
C ALA J 13 21.97 -1.86 40.75
N SER J 14 21.52 -0.65 41.09
CA SER J 14 20.22 -0.43 41.71
C SER J 14 19.57 0.78 41.06
N VAL J 15 18.25 0.88 41.25
CA VAL J 15 17.52 2.03 40.73
C VAL J 15 18.04 3.29 41.40
N GLY J 16 18.51 4.25 40.59
CA GLY J 16 19.07 5.48 41.08
C GLY J 16 20.58 5.58 40.93
N ASP J 17 21.24 4.50 40.53
CA ASP J 17 22.69 4.50 40.46
C ASP J 17 23.20 5.18 39.18
N ARG J 18 24.44 5.64 39.24
CA ARG J 18 25.19 5.97 38.04
C ARG J 18 25.88 4.70 37.54
N VAL J 19 25.58 4.32 36.30
CA VAL J 19 26.23 3.17 35.67
C VAL J 19 27.05 3.69 34.50
N THR J 20 28.31 3.27 34.44
CA THR J 20 29.21 3.63 33.34
C THR J 20 29.79 2.37 32.74
N ILE J 21 29.68 2.25 31.43
CA ILE J 21 30.24 1.12 30.67
C ILE J 21 31.30 1.67 29.74
N THR J 22 32.38 0.91 29.55
CA THR J 22 33.47 1.33 28.68
C THR J 22 33.63 0.34 27.54
N CYS J 23 34.09 0.87 26.40
CA CYS J 23 34.35 0.08 25.20
C CYS J 23 35.72 0.47 24.67
N ARG J 24 36.56 -0.54 24.37
CA ARG J 24 37.90 -0.31 23.85
C ARG J 24 38.04 -0.96 22.48
N ALA J 25 38.66 -0.24 21.55
CA ALA J 25 38.88 -0.71 20.20
C ALA J 25 40.36 -1.01 19.98
N SER J 26 40.64 -2.08 19.23
CA SER J 26 42.02 -2.47 18.97
C SER J 26 42.76 -1.45 18.11
N GLN J 27 42.04 -0.55 17.45
CA GLN J 27 42.65 0.55 16.71
C GLN J 27 41.68 1.73 16.76
N GLY J 28 42.19 2.90 16.37
CA GLY J 28 41.38 4.10 16.39
C GLY J 28 40.22 4.02 15.41
N ILE J 29 39.06 4.51 15.85
CA ILE J 29 37.86 4.50 15.02
C ILE J 29 37.14 5.84 15.12
N SER J 30 37.89 6.89 15.48
CA SER J 30 37.38 8.26 15.53
C SER J 30 36.08 8.37 16.32
N SER J 31 35.01 8.78 15.64
CA SER J 31 33.70 8.96 16.23
C SER J 31 32.73 7.85 15.86
N TRP J 32 33.20 6.79 15.23
CA TRP J 32 32.34 5.83 14.56
C TRP J 32 32.07 4.63 15.47
N LEU J 33 31.30 4.90 16.52
CA LEU J 33 30.89 3.88 17.47
C LEU J 33 29.44 4.10 17.87
N ALA J 34 28.72 3.00 18.08
CA ALA J 34 27.32 3.04 18.48
C ALA J 34 27.11 2.12 19.67
N TRP J 35 26.01 2.35 20.39
CA TRP J 35 25.66 1.58 21.57
C TRP J 35 24.28 0.95 21.40
N TYR J 36 24.16 -0.32 21.80
CA TYR J 36 22.92 -1.08 21.65
C TYR J 36 22.50 -1.67 22.98
N GLN J 37 21.20 -1.68 23.21
CA GLN J 37 20.60 -2.28 24.40
C GLN J 37 19.82 -3.53 23.99
N GLN J 38 19.95 -4.59 24.78
CA GLN J 38 19.25 -5.83 24.46
C GLN J 38 18.71 -6.48 25.72
N LYS J 39 17.44 -6.84 25.70
CA LYS J 39 16.75 -7.60 26.72
C LYS J 39 16.43 -9.00 26.20
N PRO J 40 16.36 -10.00 27.07
CA PRO J 40 16.23 -11.39 26.60
C PRO J 40 14.99 -11.60 25.73
N GLY J 41 15.19 -12.24 24.58
CA GLY J 41 14.10 -12.49 23.66
C GLY J 41 13.74 -11.32 22.78
N LYS J 42 14.60 -10.32 22.66
CA LYS J 42 14.34 -9.14 21.87
C LYS J 42 15.55 -8.82 20.99
N ALA J 43 15.31 -8.02 19.96
CA ALA J 43 16.38 -7.57 19.09
C ALA J 43 17.17 -6.45 19.75
N PRO J 44 18.44 -6.28 19.39
CA PRO J 44 19.19 -5.12 19.88
C PRO J 44 18.52 -3.82 19.50
N LYS J 45 18.54 -2.87 20.43
CA LYS J 45 17.94 -1.56 20.24
C LYS J 45 19.03 -0.50 20.22
N LEU J 46 19.03 0.34 19.18
CA LEU J 46 20.04 1.38 19.05
C LEU J 46 19.72 2.52 20.01
N LEU J 47 20.64 2.78 20.94
CA LEU J 47 20.52 3.91 21.85
C LEU J 47 21.31 5.13 21.35
N ILE J 48 22.59 4.94 21.06
CA ILE J 48 23.49 6.03 20.68
C ILE J 48 24.27 5.61 19.45
N TYR J 49 24.44 6.55 18.52
CA TYR J 49 25.33 6.39 17.38
C TYR J 49 26.26 7.60 17.35
N ALA J 50 27.35 7.46 16.59
CA ALA J 50 28.37 8.52 16.48
C ALA J 50 28.83 8.97 17.86
N VAL J 51 29.05 8.00 18.75
CA VAL J 51 29.61 8.18 20.09
C VAL J 51 28.61 8.83 21.04
N SER J 52 27.97 9.94 20.62
CA SER J 52 27.20 10.71 21.59
C SER J 52 25.87 11.23 21.05
N SER J 53 25.35 10.66 19.95
CA SER J 53 24.08 11.10 19.38
C SER J 53 22.98 10.18 19.87
N LEU J 54 22.06 10.72 20.66
CA LEU J 54 20.96 9.94 21.19
C LEU J 54 19.98 9.59 20.08
N GLN J 55 19.59 8.31 20.01
CA GLN J 55 18.58 7.90 19.05
C GLN J 55 17.22 8.46 19.44
N SER J 56 16.42 8.78 18.42
CA SER J 56 15.09 9.35 18.64
C SER J 56 14.26 8.45 19.55
N GLY J 57 13.87 8.99 20.70
CA GLY J 57 13.08 8.27 21.68
C GLY J 57 13.85 7.82 22.91
N VAL J 58 15.17 7.73 22.81
CA VAL J 58 15.96 7.30 23.98
C VAL J 58 15.97 8.41 25.02
N PRO J 59 15.75 8.11 26.30
CA PRO J 59 15.75 9.16 27.32
C PRO J 59 17.12 9.82 27.45
N SER J 60 17.10 11.08 27.90
CA SER J 60 18.32 11.87 28.01
C SER J 60 19.24 11.38 29.13
N ARG J 61 18.78 10.47 30.00
CA ARG J 61 19.65 9.94 31.04
C ARG J 61 20.78 9.10 30.46
N PHE J 62 20.67 8.69 29.19
CA PHE J 62 21.74 8.00 28.49
C PHE J 62 22.67 9.01 27.84
N SER J 63 23.98 8.78 27.98
CA SER J 63 24.97 9.62 27.35
C SER J 63 26.15 8.76 26.91
N GLY J 64 26.91 9.28 25.96
CA GLY J 64 28.07 8.58 25.45
C GLY J 64 29.20 9.55 25.18
N SER J 65 30.42 9.05 25.36
CA SER J 65 31.61 9.88 25.18
C SER J 65 32.75 9.01 24.70
N GLY J 66 33.83 9.66 24.27
CA GLY J 66 35.03 8.98 23.84
C GLY J 66 35.45 9.40 22.46
N SER J 67 36.61 8.90 22.05
CA SER J 67 37.18 9.12 20.73
C SER J 67 38.39 8.21 20.58
N GLY J 68 38.63 7.77 19.34
CA GLY J 68 39.77 6.93 19.07
C GLY J 68 39.57 5.49 19.48
N THR J 69 40.12 5.10 20.63
CA THR J 69 40.06 3.72 21.08
C THR J 69 39.24 3.50 22.34
N ASP J 70 38.93 4.55 23.11
CA ASP J 70 38.24 4.42 24.38
C ASP J 70 36.92 5.17 24.31
N PHE J 71 35.84 4.53 24.79
CA PHE J 71 34.50 5.07 24.72
C PHE J 71 33.74 4.68 25.97
N THR J 72 32.73 5.49 26.31
CA THR J 72 32.01 5.33 27.57
C THR J 72 30.52 5.55 27.37
N LEU J 73 29.72 4.64 27.92
CA LEU J 73 28.27 4.79 28.00
C LEU J 73 27.89 5.02 29.45
N THR J 74 27.15 6.09 29.73
CA THR J 74 26.82 6.49 31.09
C THR J 74 25.32 6.60 31.25
N ILE J 75 24.79 5.97 32.30
CA ILE J 75 23.40 6.12 32.71
C ILE J 75 23.41 6.89 34.02
N SER J 76 22.90 8.13 33.99
CA SER J 76 22.98 8.99 35.17
C SER J 76 22.20 8.41 36.34
N SER J 77 20.91 8.14 36.15
CA SER J 77 20.07 7.52 37.18
C SER J 77 19.40 6.30 36.58
N LEU J 78 19.73 5.12 37.10
CA LEU J 78 19.21 3.89 36.53
C LEU J 78 17.71 3.78 36.76
N GLN J 79 17.01 3.23 35.77
CA GLN J 79 15.57 3.00 35.83
C GLN J 79 15.29 1.51 35.64
N PRO J 80 14.15 1.03 36.16
CA PRO J 80 13.86 -0.41 36.09
C PRO J 80 13.85 -0.98 34.69
N GLU J 81 13.59 -0.16 33.67
CA GLU J 81 13.60 -0.61 32.29
C GLU J 81 15.00 -0.56 31.66
N ASP J 82 16.05 -0.35 32.46
CA ASP J 82 17.41 -0.25 31.95
C ASP J 82 18.26 -1.48 32.22
N PHE J 83 17.81 -2.40 33.06
CA PHE J 83 18.54 -3.64 33.33
C PHE J 83 18.55 -4.49 32.08
N ALA J 84 19.68 -4.52 31.39
CA ALA J 84 19.80 -5.24 30.12
C ALA J 84 21.28 -5.49 29.84
N THR J 85 21.56 -6.01 28.65
CA THR J 85 22.92 -6.16 28.15
C THR J 85 23.20 -5.06 27.13
N TYR J 86 24.32 -4.39 27.27
CA TYR J 86 24.69 -3.27 26.40
C TYR J 86 25.89 -3.65 25.55
N TYR J 87 25.77 -3.43 24.25
CA TYR J 87 26.83 -3.73 23.29
C TYR J 87 27.32 -2.45 22.63
N CYS J 88 28.61 -2.41 22.31
CA CYS J 88 29.18 -1.37 21.48
C CYS J 88 29.54 -1.95 20.12
N GLN J 89 29.42 -1.11 19.08
CA GLN J 89 29.69 -1.54 17.72
C GLN J 89 30.45 -0.46 16.98
N GLN J 90 31.57 -0.84 16.36
CA GLN J 90 32.34 0.10 15.55
C GLN J 90 31.81 0.11 14.13
N ALA J 91 31.99 1.25 13.46
CA ALA J 91 31.51 1.41 12.09
C ALA J 91 32.58 2.03 11.20
N LYS J 92 33.86 1.83 11.53
CA LYS J 92 34.92 2.38 10.70
C LYS J 92 35.05 1.61 9.39
N SER J 93 35.07 0.28 9.47
CA SER J 93 35.28 -0.56 8.30
C SER J 93 34.50 -1.86 8.47
N PHE J 94 34.36 -2.57 7.35
CA PHE J 94 33.69 -3.86 7.40
C PHE J 94 34.70 -4.96 7.74
N PRO J 95 34.29 -6.00 8.48
CA PRO J 95 32.94 -6.22 9.01
C PRO J 95 32.63 -5.39 10.24
N PHE J 96 31.37 -4.98 10.42
CA PHE J 96 30.95 -4.37 11.66
C PHE J 96 31.10 -5.36 12.80
N THR J 97 31.83 -4.98 13.84
CA THR J 97 32.11 -5.87 14.95
C THR J 97 31.46 -5.33 16.22
N PHE J 98 30.89 -6.22 17.01
CA PHE J 98 30.28 -5.90 18.28
C PHE J 98 31.21 -6.25 19.42
N GLY J 99 30.97 -5.62 20.57
CA GLY J 99 31.69 -5.95 21.77
C GLY J 99 31.10 -7.16 22.46
N PRO J 100 31.83 -7.68 23.44
CA PRO J 100 31.33 -8.84 24.19
C PRO J 100 30.09 -8.55 25.01
N GLY J 101 29.79 -7.29 25.28
CA GLY J 101 28.58 -6.95 26.00
C GLY J 101 28.83 -6.77 27.49
N THR J 102 28.00 -5.95 28.11
CA THR J 102 28.01 -5.75 29.56
C THR J 102 26.58 -5.89 30.07
N LYS J 103 26.37 -6.83 30.98
CA LYS J 103 25.05 -7.06 31.54
C LYS J 103 24.87 -6.21 32.80
N VAL J 104 23.85 -5.36 32.79
CA VAL J 104 23.49 -4.58 33.97
C VAL J 104 22.42 -5.34 34.73
N GLU J 105 22.71 -5.69 35.97
CA GLU J 105 21.93 -6.64 36.75
C GLU J 105 21.38 -5.97 38.01
N ILE J 106 20.24 -6.47 38.47
CA ILE J 106 19.64 -5.97 39.71
C ILE J 106 20.45 -6.45 40.90
N LYS J 107 20.88 -5.51 41.73
CA LYS J 107 21.58 -5.85 42.97
C LYS J 107 20.57 -6.16 44.07
N ARG J 108 20.88 -7.17 44.88
CA ARG J 108 20.04 -7.54 46.01
C ARG J 108 20.90 -8.22 47.06
N THR J 109 20.25 -8.65 48.14
CA THR J 109 20.97 -9.31 49.22
C THR J 109 21.37 -10.72 48.81
N VAL J 110 22.52 -11.16 49.31
CA VAL J 110 23.05 -12.47 48.96
C VAL J 110 22.12 -13.56 49.49
N ALA J 111 21.76 -14.50 48.61
CA ALA J 111 20.87 -15.60 48.96
C ALA J 111 21.53 -16.91 48.58
N ALA J 112 21.59 -17.84 49.53
CA ALA J 112 22.20 -19.13 49.27
C ALA J 112 21.24 -20.04 48.50
N PRO J 113 21.74 -20.88 47.61
CA PRO J 113 20.86 -21.73 46.81
C PRO J 113 20.31 -22.88 47.63
N SER J 114 19.05 -23.24 47.33
CA SER J 114 18.48 -24.48 47.82
C SER J 114 18.90 -25.60 46.86
N VAL J 115 19.60 -26.60 47.39
CA VAL J 115 20.20 -27.65 46.57
C VAL J 115 19.38 -28.91 46.69
N PHE J 116 18.99 -29.47 45.54
CA PHE J 116 18.27 -30.73 45.47
C PHE J 116 18.94 -31.63 44.44
N ILE J 117 19.00 -32.93 44.74
CA ILE J 117 19.52 -33.91 43.79
C ILE J 117 18.41 -34.87 43.44
N PHE J 118 18.41 -35.33 42.19
CA PHE J 118 17.37 -36.21 41.67
C PHE J 118 18.01 -37.43 41.03
N PRO J 119 17.72 -38.64 41.50
CA PRO J 119 18.22 -39.85 40.83
C PRO J 119 17.52 -40.05 39.50
N PRO J 120 18.09 -40.85 38.60
CA PRO J 120 17.40 -41.14 37.34
C PRO J 120 16.14 -41.95 37.58
N SER J 121 15.09 -41.60 36.85
CA SER J 121 13.79 -42.24 37.02
C SER J 121 13.86 -43.71 36.59
N ASP J 122 12.91 -44.49 37.11
CA ASP J 122 12.81 -45.88 36.70
C ASP J 122 12.40 -46.00 35.24
N GLU J 123 11.54 -45.09 34.77
CA GLU J 123 11.14 -45.08 33.37
C GLU J 123 12.34 -44.87 32.46
N GLN J 124 13.26 -43.99 32.86
CA GLN J 124 14.43 -43.70 32.03
C GLN J 124 15.42 -44.85 32.05
N LEU J 125 15.60 -45.49 33.21
CA LEU J 125 16.53 -46.61 33.30
C LEU J 125 16.13 -47.75 32.36
N LYS J 126 14.82 -47.93 32.14
CA LYS J 126 14.36 -48.91 31.17
C LYS J 126 14.81 -48.56 29.75
N SER J 127 15.12 -47.29 29.49
CA SER J 127 15.57 -46.84 28.18
C SER J 127 17.08 -47.02 27.97
N GLY J 128 17.82 -47.42 29.01
CA GLY J 128 19.23 -47.62 28.90
C GLY J 128 20.09 -46.40 29.14
N THR J 129 19.52 -45.32 29.66
CA THR J 129 20.25 -44.09 29.94
C THR J 129 19.90 -43.61 31.33
N ALA J 130 20.89 -43.00 32.00
CA ALA J 130 20.71 -42.46 33.33
C ALA J 130 21.06 -40.98 33.33
N SER J 131 20.21 -40.16 33.95
CA SER J 131 20.43 -38.72 34.07
C SER J 131 20.18 -38.30 35.51
N VAL J 132 21.24 -37.84 36.17
CA VAL J 132 21.14 -37.28 37.52
C VAL J 132 21.08 -35.77 37.39
N VAL J 133 20.16 -35.15 38.14
CA VAL J 133 19.91 -33.71 38.03
C VAL J 133 20.16 -33.06 39.37
N CYS J 134 20.87 -31.94 39.36
CA CYS J 134 21.14 -31.13 40.53
C CYS J 134 20.52 -29.75 40.31
N LEU J 135 19.67 -29.33 41.24
CA LEU J 135 18.93 -28.07 41.13
C LEU J 135 19.46 -27.07 42.14
N LEU J 136 19.92 -25.91 41.66
CA LEU J 136 20.26 -24.77 42.50
C LEU J 136 19.13 -23.76 42.33
N ASN J 137 18.39 -23.52 43.40
CA ASN J 137 17.11 -22.82 43.31
C ASN J 137 17.18 -21.47 44.02
N ASN J 138 16.92 -20.40 43.29
CA ASN J 138 16.76 -19.07 43.84
C ASN J 138 17.94 -18.61 44.69
N PHE J 139 19.06 -18.23 44.05
CA PHE J 139 20.25 -17.77 44.74
C PHE J 139 20.75 -16.48 44.10
N TYR J 140 21.64 -15.79 44.83
CA TYR J 140 22.25 -14.56 44.37
C TYR J 140 23.54 -14.40 45.15
N PRO J 141 24.66 -14.00 44.50
CA PRO J 141 24.77 -13.66 43.08
C PRO J 141 24.72 -14.87 42.15
N ARG J 142 24.88 -14.61 40.85
CA ARG J 142 24.71 -15.66 39.86
C ARG J 142 25.82 -16.70 39.93
N GLU J 143 27.04 -16.29 40.30
CA GLU J 143 28.19 -17.19 40.26
C GLU J 143 27.95 -18.40 41.16
N ALA J 144 28.17 -19.59 40.60
CA ALA J 144 27.96 -20.84 41.33
C ALA J 144 28.81 -21.92 40.68
N LYS J 145 29.22 -22.88 41.49
CA LYS J 145 30.05 -24.00 41.03
C LYS J 145 29.39 -25.31 41.45
N VAL J 146 29.21 -26.21 40.49
CA VAL J 146 28.67 -27.54 40.74
C VAL J 146 29.75 -28.56 40.46
N GLN J 147 29.91 -29.53 41.37
CA GLN J 147 30.86 -30.62 41.22
C GLN J 147 30.14 -31.94 41.44
N TRP J 148 30.13 -32.79 40.42
CA TRP J 148 29.55 -34.12 40.53
C TRP J 148 30.58 -35.10 41.04
N LYS J 149 30.17 -35.97 41.95
CA LYS J 149 31.02 -37.01 42.52
C LYS J 149 30.28 -38.33 42.49
N VAL J 150 30.90 -39.33 41.87
CA VAL J 150 30.33 -40.67 41.75
C VAL J 150 31.16 -41.60 42.61
N ASP J 151 30.60 -42.01 43.75
CA ASP J 151 31.34 -42.77 44.77
C ASP J 151 32.64 -42.06 45.13
N ASN J 152 32.51 -40.78 45.49
CA ASN J 152 33.58 -39.89 45.91
C ASN J 152 34.57 -39.57 44.78
N ALA J 153 34.26 -39.95 43.54
CA ALA J 153 35.14 -39.69 42.41
C ALA J 153 34.62 -38.46 41.66
N LEU J 154 35.43 -37.41 41.62
CA LEU J 154 35.03 -36.16 40.97
C LEU J 154 34.93 -36.35 39.47
N GLN J 155 33.82 -35.92 38.89
CA GLN J 155 33.54 -36.10 37.48
C GLN J 155 33.95 -34.87 36.67
N SER J 156 34.14 -35.08 35.36
CA SER J 156 34.52 -34.01 34.46
C SER J 156 34.17 -34.42 33.03
N GLY J 157 33.51 -33.54 32.31
CA GLY J 157 33.23 -33.74 30.90
C GLY J 157 31.97 -34.51 30.57
N ASN J 158 31.13 -34.82 31.56
CA ASN J 158 29.89 -35.54 31.34
C ASN J 158 28.72 -34.85 32.04
N SER J 159 28.75 -33.52 32.07
CA SER J 159 27.68 -32.74 32.68
C SER J 159 27.47 -31.47 31.89
N GLN J 160 26.24 -30.94 31.96
CA GLN J 160 25.87 -29.70 31.30
C GLN J 160 25.03 -28.87 32.25
N GLU J 161 25.18 -27.56 32.15
CA GLU J 161 24.52 -26.62 33.04
C GLU J 161 23.61 -25.67 32.27
N SER J 162 22.74 -25.00 33.01
CA SER J 162 21.79 -24.06 32.44
C SER J 162 21.31 -23.15 33.56
N VAL J 163 21.24 -21.84 33.27
CA VAL J 163 20.86 -20.84 34.26
CA VAL J 163 20.86 -20.84 34.26
C VAL J 163 19.67 -20.06 33.73
N THR J 164 18.69 -19.82 34.59
CA THR J 164 17.56 -18.99 34.21
C THR J 164 17.95 -17.51 34.25
N GLU J 165 17.16 -16.69 33.57
CA GLU J 165 17.34 -15.25 33.66
C GLU J 165 17.03 -14.77 35.08
N GLN J 166 17.48 -13.57 35.39
CA GLN J 166 17.24 -13.00 36.71
C GLN J 166 15.73 -12.90 36.95
N ASP J 167 15.28 -13.46 38.06
CA ASP J 167 13.85 -13.58 38.32
C ASP J 167 13.23 -12.20 38.51
N SER J 168 12.05 -12.01 37.92
CA SER J 168 11.37 -10.73 37.95
C SER J 168 10.72 -10.42 39.29
N LYS J 169 10.68 -11.37 40.22
CA LYS J 169 10.07 -11.16 41.52
C LYS J 169 11.09 -10.94 42.62
N ASP J 170 12.07 -11.83 42.75
CA ASP J 170 13.05 -11.76 43.83
C ASP J 170 14.48 -11.55 43.33
N SER J 171 14.66 -11.33 42.03
CA SER J 171 15.97 -11.02 41.44
C SER J 171 17.01 -12.12 41.72
N THR J 172 16.56 -13.35 41.90
CA THR J 172 17.45 -14.47 42.12
C THR J 172 17.66 -15.23 40.81
N TYR J 173 18.61 -16.17 40.84
CA TYR J 173 18.90 -17.04 39.72
C TYR J 173 18.65 -18.48 40.11
N SER J 174 18.51 -19.33 39.10
CA SER J 174 18.36 -20.76 39.33
C SER J 174 19.21 -21.50 38.31
N LEU J 175 19.78 -22.63 38.72
CA LEU J 175 20.68 -23.40 37.89
C LEU J 175 20.27 -24.86 37.89
N SER J 176 20.39 -25.51 36.74
CA SER J 176 20.10 -26.93 36.59
C SER J 176 21.29 -27.60 35.92
N SER J 177 21.94 -28.51 36.63
CA SER J 177 23.08 -29.26 36.11
C SER J 177 22.70 -30.73 36.01
N THR J 178 23.04 -31.35 34.88
CA THR J 178 22.66 -32.72 34.58
C THR J 178 23.91 -33.56 34.33
N LEU J 179 24.09 -34.60 35.14
CA LEU J 179 25.12 -35.61 34.91
C LEU J 179 24.52 -36.75 34.11
N THR J 180 25.23 -37.20 33.09
CA THR J 180 24.71 -38.20 32.16
C THR J 180 25.65 -39.39 32.08
N LEU J 181 25.14 -40.57 32.42
CA LEU J 181 25.87 -41.82 32.32
C LEU J 181 25.00 -42.86 31.63
N SER J 182 25.64 -43.92 31.15
CA SER J 182 24.90 -45.05 30.63
C SER J 182 24.30 -45.86 31.78
N LYS J 183 23.30 -46.67 31.46
CA LYS J 183 22.68 -47.52 32.49
C LYS J 183 23.70 -48.47 33.10
N ALA J 184 24.68 -48.92 32.32
CA ALA J 184 25.70 -49.81 32.86
C ALA J 184 26.55 -49.10 33.89
N ASP J 185 27.05 -47.90 33.56
CA ASP J 185 27.91 -47.17 34.48
C ASP J 185 27.17 -46.75 35.74
N TYR J 186 25.90 -46.33 35.60
CA TYR J 186 25.16 -45.87 36.77
C TYR J 186 24.94 -47.00 37.76
N GLU J 187 24.70 -48.21 37.28
CA GLU J 187 24.48 -49.35 38.15
C GLU J 187 25.78 -49.94 38.70
N LYS J 188 26.94 -49.41 38.28
CA LYS J 188 28.22 -49.85 38.81
C LYS J 188 28.65 -49.09 40.06
N HIS J 189 27.90 -48.07 40.47
CA HIS J 189 28.26 -47.23 41.60
C HIS J 189 27.05 -47.03 42.50
N LYS J 190 27.32 -46.53 43.70
CA LYS J 190 26.31 -46.43 44.75
C LYS J 190 25.98 -45.00 45.13
N VAL J 191 26.97 -44.18 45.48
CA VAL J 191 26.75 -42.85 46.02
C VAL J 191 26.92 -41.83 44.91
N TYR J 192 25.92 -40.98 44.74
CA TYR J 192 25.94 -39.92 43.75
C TYR J 192 25.61 -38.60 44.43
N ALA J 193 26.47 -37.61 44.26
CA ALA J 193 26.32 -36.33 44.94
C ALA J 193 26.76 -35.19 44.04
N CYS J 194 26.12 -34.04 44.21
CA CYS J 194 26.59 -32.79 43.63
C CYS J 194 26.97 -31.84 44.75
N GLU J 195 28.20 -31.35 44.70
CA GLU J 195 28.72 -30.40 45.67
C GLU J 195 28.58 -28.99 45.12
N VAL J 196 27.94 -28.12 45.89
CA VAL J 196 27.63 -26.75 45.45
C VAL J 196 28.44 -25.79 46.31
N THR J 197 29.25 -24.96 45.65
CA THR J 197 29.98 -23.88 46.31
C THR J 197 29.38 -22.55 45.84
N HIS J 198 29.06 -21.69 46.79
CA HIS J 198 28.40 -20.43 46.49
C HIS J 198 28.75 -19.42 47.58
N GLN J 199 28.64 -18.14 47.23
CA GLN J 199 28.98 -17.08 48.17
C GLN J 199 28.11 -17.13 49.41
N GLY J 200 26.82 -17.46 49.24
CA GLY J 200 25.93 -17.58 50.38
C GLY J 200 26.18 -18.76 51.28
N LEU J 201 27.11 -19.64 50.90
CA LEU J 201 27.44 -20.84 51.67
C LEU J 201 28.83 -20.69 52.28
N SER J 202 28.92 -20.86 53.60
CA SER J 202 30.22 -20.74 54.26
C SER J 202 31.14 -21.87 53.84
N SER J 203 30.58 -23.00 53.42
CA SER J 203 31.35 -24.15 52.99
C SER J 203 30.52 -24.90 51.96
N PRO J 204 31.16 -25.68 51.09
CA PRO J 204 30.42 -26.36 50.01
C PRO J 204 29.33 -27.26 50.56
N VAL J 205 28.11 -27.06 50.04
CA VAL J 205 26.96 -27.86 50.44
C VAL J 205 26.84 -29.04 49.46
N THR J 206 26.66 -30.23 50.02
CA THR J 206 26.58 -31.47 49.24
C THR J 206 25.23 -32.13 49.48
N LYS J 207 24.55 -32.47 48.39
CA LYS J 207 23.32 -33.25 48.43
C LYS J 207 23.56 -34.56 47.68
N SER J 208 23.24 -35.68 48.32
CA SER J 208 23.56 -36.99 47.78
C SER J 208 22.37 -37.92 47.92
N PHE J 209 22.51 -39.12 47.34
CA PHE J 209 21.53 -40.19 47.47
C PHE J 209 22.24 -41.50 47.22
N ASN J 210 21.73 -42.56 47.83
CA ASN J 210 22.24 -43.91 47.61
C ASN J 210 21.36 -44.61 46.59
N ARG J 211 22.00 -45.20 45.57
CA ARG J 211 21.28 -45.75 44.43
C ARG J 211 20.29 -46.83 44.87
N GLY J 212 19.03 -46.66 44.48
CA GLY J 212 17.94 -47.55 44.84
C GLY J 212 17.26 -47.20 46.14
N GLU J 213 18.04 -46.77 47.13
CA GLU J 213 17.52 -46.54 48.48
C GLU J 213 16.47 -45.45 48.56
N CYS J 214 15.21 -45.85 48.78
CA CYS J 214 14.24 -44.94 49.36
C CYS J 214 14.03 -45.44 50.78
#